data_9D8Y
#
_entry.id   9D8Y
#
_cell.length_a   1.00
_cell.length_b   1.00
_cell.length_c   1.00
_cell.angle_alpha   90.00
_cell.angle_beta   90.00
_cell.angle_gamma   90.00
#
_symmetry.space_group_name_H-M   'P 1'
#
loop_
_entity.id
_entity.type
_entity.pdbx_description
1 polymer 'Envelope glycoprotein gp160'
2 polymer 'Envelope glycoprotein gp160'
3 polymer 'VRC34.01 Fab Heavy Chain'
4 polymer 'VRC34.01 Fab Light Chain'
5 polymer 'T-cell surface glycoprotein CD4'
6 branched alpha-D-mannopyranose-(1-3)-[alpha-D-mannopyranose-(1-6)]beta-D-mannopyranose-(1-4)-2-acetamido-2-deoxy-beta-D-glucopyranose-(1-4)-2-acetamido-2-deoxy-beta-D-glucopyranose
7 branched 2-acetamido-2-deoxy-beta-D-glucopyranose-(1-4)-2-acetamido-2-deoxy-beta-D-glucopyranose
8 non-polymer 2-acetamido-2-deoxy-beta-D-glucopyranose
#
loop_
_entity_poly.entity_id
_entity_poly.type
_entity_poly.pdbx_seq_one_letter_code
_entity_poly.pdbx_strand_id
1 'polypeptide(L)'
;NLWVTVYYGVPVWKDAETTLFCASDAKAYETEKHNVWATHACVPTDPNPQEIHLENVTEEFNMWKNNMVEQMHTDIISLW
DQSLKPCVKLTPLCVTLQCTNVTNNITDDMRGELKNCSFNMTTELRDKKQKVYSLFYRLDVVQINENQGNRSNNSNKEYR
LINCNTSAITQACPKVSFEPIPIHYCAPAGFAILKCKDKKFNGTGPCPSVSTVQCTHGIKPVVSTQLLLNGSLAEEEVMI
RSENITNNAKNILVQFNTPVQINCTRPNNNTRKSIRIGPGQAFYATGDIIGDIRQAHCNVSKATWNETLGKVVKQLRKHF
GNNTIIRFANSSGGDLEVTTHSFNCGGEFFYCNTSGLFNSTWISNTSVQGSNSTGSNDSITLPCRIKQIINMWQRIGQAM
YAPPIQGVIRCVSNITGLILTRDGGSTNSTTETFRPGGGDMRDNWRSELYKYKVVKIEPLGVAPTRCKR
;
A,B,C
2 'polypeptide(L)'
;AVGIGAVFLGFLGAAGSTMGAASMTLTVQARNLLSGIVQQQSNLLRAPEAQQHLLKLTVWGIKQLQARVLAVERYLRDQQ
LLGIWGCSGKLICCTNVPWNSSWSNRNLSEIWDNMTWLQWDKEISNYTQIIYGLLEESQNQQEKNEQDLLALD
;
D,E,F
3 'polypeptide(L)'
;QEVLVQSGAEVKKPGASVKVSCRAFGYTFTGNALHWVRQAPGQGLEWLGWINPHSGDTTTSQKFQGRVYMTRDKSINTAF
LDVTRLTSDDTGIYYCARDKYYGNEAVGMDVWGQGTSVTVSSASTKGPSVFPLAPSSKSTSGGTAALGCLVKDYFPEPVT
VSWNSGALTSGVHTFPAVLQSSGLYSLSSVVTVPSSSLGTQTYICNVNHKPSNTKVDKKVEPK
;
G,I,K
4 'polypeptide(L)'
;DIQLTQSPSFLSASVGDKVTITCRASQGVRNELAWYQQKPGKAPNLLIYYASTLQSGVPSRFSATGSGTHFTLTVSSLQP
EDFATYFCQHMSSYPLTFGGGTKVEIKRTVAAPSVFIFPPSDEQLKSGTASVVCLLNNFYPREAKVQWKVDNALQSGNSQ
ESVTEQDSKDSTYSLSSTLTLSKADYEKHKVYACEVTHQGLSSPVTKSFNRG
;
H,J,L
5 'polypeptide(L)'
;KKVVLGKKGDTVELTCTASQKKSIQFHWKNSNQIKILGNQGSFLTKGPSKLNDRADSRRSLWDQGNFPLIIKNLKIEDSD
TYICEVEDQKEEVQLL
;
M,N,O
#
loop_
_chem_comp.id
_chem_comp.type
_chem_comp.name
_chem_comp.formula
BMA D-saccharide, beta linking beta-D-mannopyranose 'C6 H12 O6'
MAN D-saccharide, alpha linking alpha-D-mannopyranose 'C6 H12 O6'
NAG D-saccharide, beta linking 2-acetamido-2-deoxy-beta-D-glucopyranose 'C8 H15 N O6'
#
# COMPACT_ATOMS: atom_id res chain seq x y z
N ASN A 1 -26.14 37.12 5.41
CA ASN A 1 -26.68 37.21 4.07
C ASN A 1 -25.95 36.26 3.12
N LEU A 2 -24.69 35.99 3.43
CA LEU A 2 -23.84 35.16 2.59
C LEU A 2 -23.27 34.01 3.42
N TRP A 3 -23.21 32.83 2.81
CA TRP A 3 -22.81 31.59 3.45
C TRP A 3 -21.56 31.06 2.79
N VAL A 4 -21.05 29.93 3.28
CA VAL A 4 -19.76 29.40 2.81
C VAL A 4 -20.00 28.12 2.02
N THR A 5 -19.08 27.87 1.09
CA THR A 5 -19.03 26.63 0.33
C THR A 5 -17.61 26.09 0.32
N VAL A 6 -17.50 24.79 0.32
CA VAL A 6 -16.21 24.11 0.21
C VAL A 6 -15.92 23.84 -1.25
N TYR A 7 -14.64 23.93 -1.62
CA TYR A 7 -14.17 23.65 -2.96
C TYR A 7 -13.06 22.62 -2.86
N TYR A 8 -13.14 21.58 -3.68
CA TYR A 8 -12.15 20.52 -3.73
C TYR A 8 -11.42 20.58 -5.06
N GLY A 9 -10.09 20.57 -5.00
CA GLY A 9 -9.27 20.56 -6.21
C GLY A 9 -8.92 21.95 -6.71
N VAL A 10 -8.59 22.85 -5.80
CA VAL A 10 -8.31 24.24 -6.15
C VAL A 10 -6.84 24.41 -6.51
N PRO A 11 -6.48 25.39 -7.37
CA PRO A 11 -5.04 25.56 -7.71
C PRO A 11 -4.27 26.36 -6.68
N VAL A 12 -4.05 25.76 -5.52
CA VAL A 12 -3.33 26.40 -4.42
C VAL A 12 -2.13 25.53 -4.06
N TRP A 13 -0.94 26.10 -4.11
CA TRP A 13 0.27 25.41 -3.67
C TRP A 13 0.94 26.19 -2.56
N LYS A 14 1.48 25.46 -1.58
CA LYS A 14 2.39 25.98 -0.58
C LYS A 14 3.78 25.39 -0.81
N ASP A 15 4.73 25.76 0.04
CA ASP A 15 6.09 25.28 -0.07
C ASP A 15 6.27 24.12 0.91
N ALA A 16 6.89 23.04 0.45
CA ALA A 16 7.17 21.88 1.26
C ALA A 16 8.58 21.38 0.96
N GLU A 17 9.02 20.40 1.75
CA GLU A 17 10.39 19.91 1.66
C GLU A 17 10.43 18.39 1.76
N THR A 18 9.53 17.71 1.05
CA THR A 18 9.46 16.26 1.14
C THR A 18 10.44 15.60 0.17
N THR A 19 10.64 14.30 0.35
CA THR A 19 11.59 13.54 -0.43
C THR A 19 11.02 13.19 -1.81
N LEU A 20 11.93 12.93 -2.75
CA LEU A 20 11.57 12.55 -4.10
C LEU A 20 12.53 11.46 -4.56
N PHE A 21 12.39 11.02 -5.81
CA PHE A 21 13.17 9.91 -6.32
C PHE A 21 13.72 10.25 -7.70
N CYS A 22 14.76 9.50 -8.09
CA CYS A 22 15.48 9.78 -9.33
C CYS A 22 14.67 9.48 -10.58
N ALA A 23 14.07 8.29 -10.66
CA ALA A 23 13.23 7.83 -11.79
C ALA A 23 13.96 7.95 -13.15
N SER A 24 15.20 7.47 -13.19
CA SER A 24 16.04 7.61 -14.37
C SER A 24 16.18 6.28 -15.11
N ASP A 25 16.54 6.37 -16.39
CA ASP A 25 16.62 5.19 -17.24
C ASP A 25 17.82 4.33 -16.89
N ALA A 26 17.60 3.01 -16.90
CA ALA A 26 18.63 2.03 -16.56
C ALA A 26 18.69 0.97 -17.64
N LYS A 27 19.91 0.59 -18.04
CA LYS A 27 20.07 -0.36 -19.14
C LYS A 27 19.91 -1.80 -18.67
N ALA A 28 20.33 -2.09 -17.43
CA ALA A 28 20.17 -3.39 -16.75
C ALA A 28 20.88 -4.55 -17.46
N TYR A 29 21.97 -4.27 -18.17
CA TYR A 29 22.83 -5.36 -18.64
C TYR A 29 24.31 -5.11 -18.45
N GLU A 30 24.76 -3.88 -18.26
CA GLU A 30 26.17 -3.55 -18.35
C GLU A 30 26.67 -3.06 -16.98
N THR A 31 27.98 -3.16 -16.78
CA THR A 31 28.58 -3.07 -15.44
C THR A 31 29.43 -1.82 -15.25
N GLU A 32 28.93 -0.69 -15.75
CA GLU A 32 29.65 0.57 -15.69
C GLU A 32 29.62 1.20 -14.30
N LYS A 33 28.82 0.64 -13.39
CA LYS A 33 28.59 0.97 -11.96
C LYS A 33 27.69 2.19 -11.76
N HIS A 34 27.28 2.89 -12.82
CA HIS A 34 26.13 3.78 -12.72
C HIS A 34 24.84 3.06 -13.06
N ASN A 35 24.87 2.17 -14.06
CA ASN A 35 23.66 1.54 -14.53
C ASN A 35 23.15 0.48 -13.56
N VAL A 36 24.05 -0.34 -13.01
CA VAL A 36 23.63 -1.31 -12.00
C VAL A 36 23.27 -0.62 -10.69
N TRP A 37 23.80 0.59 -10.45
CA TRP A 37 23.28 1.43 -9.40
C TRP A 37 21.90 1.96 -9.75
N ALA A 38 21.66 2.25 -11.04
CA ALA A 38 20.39 2.84 -11.45
C ALA A 38 19.26 1.82 -11.42
N THR A 39 19.56 0.54 -11.64
CA THR A 39 18.53 -0.50 -11.55
C THR A 39 17.99 -0.67 -10.15
N HIS A 40 18.87 -0.68 -9.14
CA HIS A 40 18.44 -0.75 -7.76
C HIS A 40 18.15 0.62 -7.18
N ALA A 41 18.30 1.68 -7.97
CA ALA A 41 17.95 3.03 -7.53
C ALA A 41 16.48 3.34 -7.78
N CYS A 42 16.05 3.31 -9.05
CA CYS A 42 14.72 3.79 -9.38
C CYS A 42 14.23 3.23 -10.71
N VAL A 43 12.98 3.55 -11.01
CA VAL A 43 12.20 3.15 -12.18
C VAL A 43 12.80 3.85 -13.40
N PRO A 44 12.70 3.31 -14.62
CA PRO A 44 13.09 4.09 -15.80
C PRO A 44 12.04 5.14 -16.16
N THR A 45 12.43 6.03 -17.06
CA THR A 45 11.73 7.28 -17.30
C THR A 45 10.42 7.09 -18.06
N ASP A 46 9.57 8.12 -17.97
CA ASP A 46 8.38 8.20 -18.80
C ASP A 46 8.75 8.85 -20.13
N PRO A 47 8.45 8.23 -21.27
CA PRO A 47 8.99 8.72 -22.54
C PRO A 47 8.34 10.01 -23.05
N ASN A 48 7.13 10.34 -22.60
CA ASN A 48 6.43 11.53 -23.07
C ASN A 48 6.39 12.54 -21.92
N PRO A 49 7.29 13.52 -21.91
CA PRO A 49 7.40 14.40 -20.74
C PRO A 49 6.27 15.41 -20.67
N GLN A 50 5.80 15.66 -19.45
CA GLN A 50 4.71 16.59 -19.21
C GLN A 50 5.28 17.99 -19.00
N GLU A 51 4.77 18.96 -19.75
CA GLU A 51 5.15 20.35 -19.62
C GLU A 51 3.89 21.19 -19.72
N ILE A 52 3.48 21.83 -18.63
CA ILE A 52 2.28 22.66 -18.64
C ILE A 52 2.68 24.08 -18.32
N HIS A 53 2.53 24.96 -19.30
CA HIS A 53 2.75 26.38 -19.07
C HIS A 53 1.58 26.95 -18.30
N LEU A 54 1.88 27.86 -17.37
CA LEU A 54 0.84 28.52 -16.60
C LEU A 54 0.51 29.88 -17.20
N GLU A 55 -0.50 30.50 -16.64
CA GLU A 55 -0.88 31.86 -17.00
C GLU A 55 -0.05 32.83 -16.16
N ASN A 56 -0.46 34.10 -16.11
CA ASN A 56 0.22 35.13 -15.35
C ASN A 56 0.21 34.89 -13.84
N VAL A 57 1.37 34.49 -13.31
CA VAL A 57 1.55 34.20 -11.89
C VAL A 57 3.02 34.39 -11.56
N THR A 58 3.29 34.96 -10.39
CA THR A 58 4.64 35.20 -9.92
C THR A 58 4.94 34.36 -8.68
N GLU A 59 6.16 33.83 -8.60
CA GLU A 59 6.61 33.06 -7.46
C GLU A 59 8.04 33.46 -7.10
N GLU A 60 8.38 33.27 -5.84
CA GLU A 60 9.68 33.69 -5.30
C GLU A 60 10.65 32.52 -5.31
N PHE A 61 11.58 32.54 -6.27
CA PHE A 61 12.62 31.51 -6.36
C PHE A 61 13.81 31.90 -5.51
N ASN A 62 14.46 30.90 -4.91
CA ASN A 62 15.65 31.11 -4.09
C ASN A 62 16.53 29.88 -4.25
N MET A 63 17.63 30.01 -4.99
CA MET A 63 18.52 28.90 -5.28
C MET A 63 19.71 28.83 -4.32
N TRP A 64 19.73 29.66 -3.28
CA TRP A 64 20.71 29.54 -2.20
C TRP A 64 20.13 28.88 -0.96
N LYS A 65 18.85 28.50 -0.98
CA LYS A 65 18.22 27.83 0.15
C LYS A 65 17.31 26.70 -0.32
N ASN A 66 17.65 26.08 -1.45
CA ASN A 66 16.84 25.02 -2.03
C ASN A 66 16.95 23.74 -1.22
N ASN A 67 15.96 22.88 -1.38
CA ASN A 67 15.96 21.57 -0.74
C ASN A 67 16.55 20.46 -1.61
N MET A 68 16.42 20.57 -2.93
CA MET A 68 16.90 19.51 -3.81
C MET A 68 18.41 19.46 -3.91
N VAL A 69 19.11 20.52 -3.47
CA VAL A 69 20.56 20.47 -3.37
C VAL A 69 20.99 19.42 -2.36
N GLU A 70 20.29 19.36 -1.21
CA GLU A 70 20.58 18.35 -0.20
C GLU A 70 20.22 16.95 -0.69
N GLN A 71 19.16 16.82 -1.49
CA GLN A 71 18.81 15.52 -2.06
C GLN A 71 19.86 15.04 -3.06
N MET A 72 20.34 15.96 -3.91
CA MET A 72 21.47 15.69 -4.78
C MET A 72 22.69 15.24 -3.99
N HIS A 73 23.00 15.95 -2.90
CA HIS A 73 24.18 15.65 -2.11
C HIS A 73 24.11 14.28 -1.48
N THR A 74 22.97 13.95 -0.85
CA THR A 74 22.80 12.66 -0.20
C THR A 74 22.82 11.51 -1.21
N ASP A 75 22.12 11.69 -2.33
CA ASP A 75 22.04 10.63 -3.34
C ASP A 75 23.40 10.38 -4.01
N ILE A 76 24.16 11.43 -4.29
CA ILE A 76 25.41 11.21 -5.01
C ILE A 76 26.56 10.81 -4.06
N ILE A 77 26.52 11.19 -2.78
CA ILE A 77 27.40 10.54 -1.81
C ILE A 77 27.06 9.05 -1.68
N SER A 78 25.77 8.70 -1.67
CA SER A 78 25.39 7.29 -1.65
C SER A 78 25.77 6.55 -2.94
N LEU A 79 25.95 7.27 -4.05
CA LEU A 79 26.43 6.61 -5.27
C LEU A 79 27.95 6.43 -5.25
N TRP A 80 28.68 7.52 -4.95
CA TRP A 80 30.15 7.46 -4.94
C TRP A 80 30.70 6.52 -3.88
N ASP A 81 30.14 6.52 -2.67
CA ASP A 81 30.68 5.67 -1.63
C ASP A 81 30.28 4.21 -1.79
N GLN A 82 29.39 3.89 -2.74
CA GLN A 82 29.07 2.52 -3.06
C GLN A 82 29.63 2.05 -4.38
N SER A 83 30.17 2.96 -5.20
CA SER A 83 30.80 2.57 -6.46
C SER A 83 32.33 2.59 -6.36
N LEU A 84 32.91 3.71 -5.94
CA LEU A 84 34.35 3.84 -5.81
C LEU A 84 34.79 3.23 -4.49
N LYS A 85 35.25 1.98 -4.53
CA LYS A 85 35.81 1.34 -3.35
C LYS A 85 37.30 1.66 -3.28
N PRO A 86 37.76 2.40 -2.28
CA PRO A 86 39.17 2.79 -2.24
C PRO A 86 40.05 1.69 -1.65
N CYS A 87 41.36 1.83 -1.90
CA CYS A 87 42.32 0.90 -1.33
C CYS A 87 42.47 1.11 0.17
N VAL A 88 42.66 2.35 0.62
CA VAL A 88 42.65 2.63 2.05
C VAL A 88 42.16 4.06 2.28
N LYS A 89 41.35 4.21 3.32
CA LYS A 89 40.81 5.49 3.76
C LYS A 89 41.34 5.81 5.15
N LEU A 90 41.76 7.06 5.35
CA LEU A 90 42.14 7.55 6.67
C LEU A 90 41.21 8.69 7.05
N THR A 91 40.43 8.49 8.12
CA THR A 91 39.43 9.46 8.52
C THR A 91 39.60 9.85 9.98
N PRO A 92 39.43 11.13 10.31
CA PRO A 92 39.43 11.55 11.72
C PRO A 92 38.21 11.02 12.46
N LEU A 93 38.46 10.39 13.61
CA LEU A 93 37.39 9.89 14.47
C LEU A 93 37.00 10.91 15.53
N CYS A 94 38.00 11.46 16.23
CA CYS A 94 37.88 12.62 17.13
C CYS A 94 36.92 12.36 18.30
N VAL A 95 37.31 11.40 19.15
CA VAL A 95 36.61 11.18 20.40
C VAL A 95 36.94 12.32 21.36
N THR A 96 35.89 12.87 21.98
CA THR A 96 36.07 13.98 22.92
C THR A 96 36.71 13.49 24.23
N ARG A 160 40.15 22.24 26.39
CA ARG A 160 40.43 22.54 24.99
C ARG A 160 41.37 21.50 24.39
N LEU A 161 41.37 20.30 24.97
CA LEU A 161 42.21 19.20 24.53
C LEU A 161 41.32 18.12 23.91
N ILE A 162 41.50 17.88 22.61
CA ILE A 162 40.74 16.86 21.89
C ILE A 162 41.74 15.92 21.24
N ASN A 163 41.60 14.63 21.54
CA ASN A 163 42.45 13.59 20.95
C ASN A 163 41.71 12.93 19.80
N CYS A 164 42.31 12.95 18.61
CA CYS A 164 41.72 12.38 17.42
C CYS A 164 42.67 11.33 16.84
N ASN A 165 42.14 10.14 16.58
CA ASN A 165 42.91 9.05 16.01
C ASN A 165 42.47 8.82 14.56
N THR A 166 43.43 8.81 13.65
CA THR A 166 43.14 8.63 12.23
C THR A 166 42.80 7.17 11.97
N SER A 167 41.50 6.86 11.94
CA SER A 167 41.05 5.50 11.71
C SER A 167 41.28 5.11 10.26
N ALA A 168 41.69 3.86 10.05
CA ALA A 168 42.05 3.35 8.73
C ALA A 168 41.06 2.26 8.32
N ILE A 169 40.55 2.37 7.10
CA ILE A 169 39.63 1.40 6.52
C ILE A 169 40.28 0.83 5.27
N THR A 170 40.39 -0.49 5.20
CA THR A 170 41.03 -1.19 4.09
C THR A 170 40.03 -2.14 3.45
N GLN A 171 39.97 -2.13 2.12
CA GLN A 171 39.08 -3.00 1.36
C GLN A 171 39.65 -3.22 -0.03
N ALA A 172 38.97 -4.06 -0.81
CA ALA A 172 39.41 -4.34 -2.17
C ALA A 172 39.13 -3.14 -3.07
N CYS A 173 40.07 -2.85 -3.98
CA CYS A 173 39.96 -1.70 -4.88
C CYS A 173 40.25 -2.10 -6.32
N PRO A 174 39.23 -2.54 -7.05
CA PRO A 174 39.39 -2.78 -8.48
C PRO A 174 39.26 -1.47 -9.26
N LYS A 175 39.49 -1.56 -10.56
CA LYS A 175 39.42 -0.41 -11.45
C LYS A 175 38.31 -0.63 -12.47
N VAL A 176 37.43 0.36 -12.61
CA VAL A 176 36.29 0.30 -13.52
C VAL A 176 36.06 1.67 -14.13
N SER A 177 35.25 1.70 -15.18
CA SER A 177 34.91 2.94 -15.87
C SER A 177 33.87 3.73 -15.08
N PHE A 178 33.94 5.05 -15.21
CA PHE A 178 33.04 5.94 -14.47
C PHE A 178 32.50 7.06 -15.36
N GLU A 179 31.98 6.69 -16.53
CA GLU A 179 31.32 7.67 -17.39
C GLU A 179 29.95 8.03 -16.81
N PRO A 180 29.70 9.29 -16.47
CA PRO A 180 28.43 9.64 -15.83
C PRO A 180 27.26 9.61 -16.82
N ILE A 181 26.05 9.46 -16.26
CA ILE A 181 24.83 9.28 -17.03
C ILE A 181 23.82 10.37 -16.65
N PRO A 182 22.89 10.74 -17.53
CA PRO A 182 21.86 11.71 -17.14
C PRO A 182 20.79 11.07 -16.27
N ILE A 183 20.41 11.79 -15.21
CA ILE A 183 19.34 11.37 -14.30
C ILE A 183 18.34 12.51 -14.15
N HIS A 184 17.11 12.14 -13.79
CA HIS A 184 16.04 13.09 -13.53
C HIS A 184 15.75 13.14 -12.04
N TYR A 185 14.71 13.88 -11.66
CA TYR A 185 14.31 14.02 -10.25
C TYR A 185 12.80 14.21 -10.20
N CYS A 186 12.06 13.14 -9.98
CA CYS A 186 10.61 13.15 -10.18
C CYS A 186 9.90 12.93 -8.86
N ALA A 187 9.03 13.90 -8.49
CA ALA A 187 8.32 13.99 -7.21
C ALA A 187 7.13 13.03 -7.18
N PRO A 188 6.72 12.57 -5.98
CA PRO A 188 5.57 11.67 -5.90
C PRO A 188 4.23 12.36 -6.13
N ALA A 189 3.15 11.61 -5.94
CA ALA A 189 1.81 12.14 -6.15
C ALA A 189 1.48 13.21 -5.11
N GLY A 190 0.81 14.27 -5.56
CA GLY A 190 0.44 15.35 -4.67
C GLY A 190 1.43 16.49 -4.57
N PHE A 191 2.47 16.49 -5.40
CA PHE A 191 3.46 17.55 -5.42
C PHE A 191 3.73 17.96 -6.85
N ALA A 192 4.39 19.10 -7.01
CA ALA A 192 4.68 19.59 -8.35
C ALA A 192 6.02 20.31 -8.34
N ILE A 193 6.63 20.41 -9.52
CA ILE A 193 7.89 21.12 -9.70
C ILE A 193 7.65 22.32 -10.59
N LEU A 194 7.91 23.50 -10.05
CA LEU A 194 7.82 24.74 -10.80
C LEU A 194 9.19 25.09 -11.35
N LYS A 195 9.21 25.62 -12.57
CA LYS A 195 10.43 25.97 -13.28
C LYS A 195 10.33 27.42 -13.72
N CYS A 196 11.33 28.22 -13.37
CA CYS A 196 11.37 29.61 -13.79
C CYS A 196 11.95 29.71 -15.20
N LYS A 197 11.31 30.53 -16.03
CA LYS A 197 11.54 30.50 -17.46
C LYS A 197 12.06 31.85 -17.97
N ASP A 198 12.50 32.72 -17.05
CA ASP A 198 13.11 33.98 -17.45
C ASP A 198 14.48 33.72 -18.05
N LYS A 199 14.71 34.27 -19.25
CA LYS A 199 15.95 33.99 -19.99
C LYS A 199 17.17 34.66 -19.36
N LYS A 200 16.97 35.68 -18.54
CA LYS A 200 18.06 36.34 -17.82
C LYS A 200 17.67 36.34 -16.34
N PHE A 201 17.97 35.24 -15.65
CA PHE A 201 17.53 35.06 -14.28
C PHE A 201 18.61 35.51 -13.31
N ASN A 202 18.22 36.35 -12.36
CA ASN A 202 19.17 36.82 -11.35
C ASN A 202 19.54 35.71 -10.38
N GLY A 203 18.57 34.90 -9.97
CA GLY A 203 18.84 33.80 -9.07
C GLY A 203 17.96 33.81 -7.83
N THR A 204 17.60 35.00 -7.36
CA THR A 204 16.78 35.13 -6.16
C THR A 204 15.76 36.23 -6.37
N GLY A 205 14.48 35.90 -6.18
CA GLY A 205 13.44 36.89 -6.30
C GLY A 205 12.24 36.39 -7.08
N PRO A 206 11.40 37.30 -7.56
CA PRO A 206 10.20 36.89 -8.30
C PRO A 206 10.53 36.42 -9.71
N CYS A 207 9.69 35.51 -10.20
CA CYS A 207 9.77 34.98 -11.55
C CYS A 207 8.53 35.41 -12.33
N PRO A 208 8.68 35.90 -13.56
CA PRO A 208 7.50 36.45 -14.27
C PRO A 208 6.53 35.40 -14.77
N SER A 209 7.02 34.30 -15.35
CA SER A 209 6.15 33.30 -15.97
C SER A 209 6.70 31.92 -15.66
N VAL A 210 6.20 31.30 -14.60
CA VAL A 210 6.64 29.97 -14.22
C VAL A 210 5.94 28.94 -15.08
N SER A 211 6.49 27.74 -15.12
CA SER A 211 5.88 26.63 -15.84
C SER A 211 6.05 25.35 -15.03
N THR A 212 4.99 24.56 -14.92
CA THR A 212 5.13 23.33 -14.15
C THR A 212 5.58 22.19 -15.05
N VAL A 213 6.44 21.35 -14.50
CA VAL A 213 7.06 20.27 -15.25
C VAL A 213 6.79 18.99 -14.49
N GLN A 214 6.78 17.86 -15.20
CA GLN A 214 6.71 16.58 -14.50
C GLN A 214 7.98 16.35 -13.70
N CYS A 215 9.15 16.44 -14.37
CA CYS A 215 10.45 16.39 -13.71
C CYS A 215 11.56 16.88 -14.62
N THR A 216 12.77 16.88 -14.06
CA THR A 216 13.92 17.66 -14.48
C THR A 216 14.51 17.11 -15.78
N HIS A 217 15.18 18.00 -16.52
CA HIS A 217 16.06 17.59 -17.61
C HIS A 217 17.22 16.76 -17.07
N GLY A 218 17.88 16.04 -17.98
CA GLY A 218 18.95 15.13 -17.63
C GLY A 218 20.18 15.78 -17.03
N ILE A 219 20.49 15.43 -15.78
CA ILE A 219 21.63 15.97 -15.06
C ILE A 219 22.68 14.89 -14.96
N LYS A 220 23.92 15.23 -15.33
CA LYS A 220 25.03 14.30 -15.17
C LYS A 220 25.73 14.62 -13.86
N PRO A 221 25.71 13.73 -12.86
CA PRO A 221 26.35 14.06 -11.58
C PRO A 221 27.87 14.01 -11.65
N VAL A 222 28.46 15.07 -12.18
CA VAL A 222 29.90 15.18 -12.30
C VAL A 222 30.45 15.90 -11.08
N VAL A 223 31.68 15.56 -10.72
CA VAL A 223 32.39 16.20 -9.62
C VAL A 223 33.54 16.98 -10.21
N SER A 224 33.57 18.27 -9.92
CA SER A 224 34.62 19.13 -10.44
C SER A 224 34.91 20.25 -9.46
N THR A 225 36.13 20.76 -9.53
CA THR A 225 36.55 21.96 -8.84
C THR A 225 37.22 22.84 -9.90
N GLN A 226 37.06 24.16 -9.73
CA GLN A 226 37.68 25.26 -10.48
C GLN A 226 37.05 25.44 -11.86
N LEU A 227 36.24 24.48 -12.28
CA LEU A 227 35.62 24.45 -13.61
C LEU A 227 34.27 23.74 -13.50
N LEU A 228 33.46 23.86 -14.55
CA LEU A 228 32.19 23.16 -14.67
C LEU A 228 32.21 22.32 -15.94
N LEU A 229 31.81 21.06 -15.84
CA LEU A 229 31.86 20.13 -16.96
C LEU A 229 30.49 19.54 -17.26
N ASN A 230 30.22 19.38 -18.56
CA ASN A 230 29.03 18.68 -19.09
C ASN A 230 27.72 19.30 -18.63
N GLY A 231 27.71 20.61 -18.43
CA GLY A 231 26.55 21.30 -17.88
C GLY A 231 25.58 21.75 -18.95
N SER A 232 24.63 22.57 -18.51
CA SER A 232 23.61 23.13 -19.38
C SER A 232 23.91 24.61 -19.61
N LEU A 233 23.92 25.01 -20.88
CA LEU A 233 24.23 26.39 -21.24
C LEU A 233 23.06 27.30 -20.87
N ALA A 234 23.37 28.59 -20.78
CA ALA A 234 22.34 29.58 -20.52
C ALA A 234 21.53 29.85 -21.78
N GLU A 235 20.45 30.63 -21.62
CA GLU A 235 19.52 30.87 -22.72
C GLU A 235 20.08 31.87 -23.72
N GLU A 236 20.38 33.09 -23.25
CA GLU A 236 20.79 34.17 -24.13
C GLU A 236 22.25 34.57 -23.95
N GLU A 237 22.67 34.88 -22.73
CA GLU A 237 24.01 35.40 -22.48
C GLU A 237 24.59 34.74 -21.24
N VAL A 238 25.88 35.00 -21.02
CA VAL A 238 26.59 34.53 -19.84
C VAL A 238 26.04 35.25 -18.61
N MET A 239 25.71 34.48 -17.57
CA MET A 239 25.06 35.03 -16.40
C MET A 239 25.91 34.76 -15.15
N ILE A 240 26.01 35.77 -14.28
CA ILE A 240 26.70 35.63 -13.00
C ILE A 240 25.66 35.62 -11.89
N ARG A 241 25.85 34.74 -10.91
CA ARG A 241 24.91 34.54 -9.83
C ARG A 241 25.66 34.57 -8.50
N SER A 242 25.05 35.22 -7.51
CA SER A 242 25.67 35.37 -6.20
C SER A 242 24.60 35.50 -5.13
N GLU A 243 24.95 35.08 -3.92
CA GLU A 243 24.05 35.30 -2.79
C GLU A 243 24.07 36.76 -2.34
N ASN A 244 25.26 37.37 -2.29
CA ASN A 244 25.38 38.77 -1.90
C ASN A 244 26.65 39.34 -2.49
N ILE A 245 26.50 40.28 -3.42
CA ILE A 245 27.63 41.09 -3.87
C ILE A 245 28.10 41.96 -2.72
N THR A 246 29.42 42.21 -2.66
CA THR A 246 30.11 42.95 -1.59
C THR A 246 29.90 42.28 -0.23
N ASN A 247 30.19 40.98 -0.20
CA ASN A 247 30.29 40.23 1.05
C ASN A 247 31.64 39.55 1.23
N ASN A 248 32.39 39.33 0.15
CA ASN A 248 33.76 38.81 0.11
C ASN A 248 33.90 37.42 0.72
N ALA A 249 32.80 36.65 0.80
CA ALA A 249 32.86 35.31 1.36
C ALA A 249 32.01 34.30 0.62
N LYS A 250 31.28 34.71 -0.43
CA LYS A 250 30.38 33.82 -1.15
C LYS A 250 30.89 33.62 -2.57
N ASN A 251 30.84 32.36 -3.02
CA ASN A 251 31.28 32.03 -4.37
C ASN A 251 30.28 32.57 -5.39
N ILE A 252 30.80 33.14 -6.48
CA ILE A 252 29.98 33.57 -7.59
C ILE A 252 30.03 32.48 -8.66
N LEU A 253 28.87 32.17 -9.23
CA LEU A 253 28.75 31.14 -10.26
C LEU A 253 28.54 31.81 -11.60
N VAL A 254 29.34 31.40 -12.60
CA VAL A 254 29.29 31.96 -13.93
C VAL A 254 28.81 30.87 -14.87
N GLN A 255 27.73 31.12 -15.59
CA GLN A 255 27.17 30.18 -16.54
C GLN A 255 27.34 30.72 -17.95
N PHE A 256 27.97 29.93 -18.81
CA PHE A 256 28.30 30.31 -20.17
C PHE A 256 27.07 30.21 -21.07
N ASN A 257 27.22 30.69 -22.31
CA ASN A 257 26.21 30.52 -23.34
C ASN A 257 26.69 29.65 -24.50
N THR A 258 27.99 29.43 -24.62
CA THR A 258 28.57 28.53 -25.61
C THR A 258 29.51 27.56 -24.93
N PRO A 259 29.56 26.30 -25.37
CA PRO A 259 30.46 25.34 -24.75
C PRO A 259 31.90 25.58 -25.18
N VAL A 260 32.83 25.33 -24.26
CA VAL A 260 34.26 25.40 -24.55
C VAL A 260 34.77 23.97 -24.60
N GLN A 261 35.08 23.48 -25.81
CA GLN A 261 35.51 22.10 -25.97
C GLN A 261 36.97 21.97 -25.56
N ILE A 262 37.25 21.09 -24.60
CA ILE A 262 38.61 20.83 -24.13
C ILE A 262 38.87 19.33 -24.21
N ASN A 263 39.99 18.96 -24.83
CA ASN A 263 40.43 17.57 -24.88
C ASN A 263 41.47 17.40 -23.79
N CYS A 264 41.45 16.27 -23.08
CA CYS A 264 42.33 16.19 -21.91
C CYS A 264 42.66 14.72 -21.70
N THR A 265 43.84 14.31 -22.16
CA THR A 265 44.12 12.89 -22.32
C THR A 265 45.54 12.53 -21.88
N ARG A 266 45.70 11.24 -21.58
CA ARG A 266 46.95 10.64 -21.13
C ARG A 266 47.63 9.99 -22.33
N PRO A 267 48.78 10.47 -22.78
CA PRO A 267 49.45 9.85 -23.93
C PRO A 267 50.14 8.56 -23.54
N ASN A 268 50.37 7.73 -24.56
CA ASN A 268 51.03 6.44 -24.38
C ASN A 268 52.51 6.61 -24.04
N ASP A 292 57.20 7.41 -17.85
CA ASP A 292 56.28 7.68 -16.75
C ASP A 292 54.83 7.49 -17.20
N ILE A 293 54.00 6.97 -16.30
CA ILE A 293 52.59 6.78 -16.59
C ILE A 293 51.71 7.88 -16.01
N ARG A 294 52.22 8.69 -15.09
CA ARG A 294 51.46 9.80 -14.52
C ARG A 294 51.86 11.11 -15.21
N GLN A 295 51.41 11.25 -16.44
CA GLN A 295 51.57 12.49 -17.20
C GLN A 295 50.46 12.56 -18.22
N ALA A 296 49.83 13.73 -18.34
CA ALA A 296 48.73 13.89 -19.27
C ALA A 296 48.72 15.32 -19.81
N HIS A 297 48.41 15.44 -21.09
CA HIS A 297 48.34 16.74 -21.74
C HIS A 297 46.88 17.09 -21.98
N CYS A 298 46.57 18.38 -21.82
CA CYS A 298 45.18 18.82 -21.69
C CYS A 298 45.05 20.09 -22.51
N ASN A 299 44.56 19.96 -23.74
CA ASN A 299 44.57 21.03 -24.72
C ASN A 299 43.19 21.68 -24.81
N VAL A 300 43.18 23.01 -24.75
CA VAL A 300 41.98 23.81 -24.93
C VAL A 300 42.26 24.85 -26.00
N SER A 301 41.22 25.27 -26.70
CA SER A 301 41.37 26.30 -27.73
C SER A 301 41.59 27.67 -27.10
N LYS A 302 42.23 28.56 -27.85
CA LYS A 302 42.63 29.87 -27.35
C LYS A 302 41.65 30.97 -27.73
N ALA A 303 41.26 31.04 -28.99
CA ALA A 303 40.44 32.16 -29.47
C ALA A 303 39.00 32.07 -28.94
N THR A 304 38.44 30.87 -28.91
CA THR A 304 37.10 30.67 -28.37
C THR A 304 37.05 30.97 -26.88
N TRP A 305 38.09 30.56 -26.15
CA TRP A 305 38.17 30.91 -24.73
C TRP A 305 38.43 32.40 -24.54
N ASN A 306 39.12 33.05 -25.48
CA ASN A 306 39.35 34.48 -25.39
C ASN A 306 38.06 35.27 -25.58
N GLU A 307 37.25 34.92 -26.58
CA GLU A 307 35.98 35.61 -26.73
C GLU A 307 34.99 35.20 -25.63
N THR A 308 35.14 34.00 -25.08
CA THR A 308 34.34 33.60 -23.91
C THR A 308 34.65 34.47 -22.70
N LEU A 309 35.94 34.67 -22.40
CA LEU A 309 36.28 35.52 -21.27
C LEU A 309 35.98 36.99 -21.55
N GLY A 310 36.01 37.40 -22.82
CA GLY A 310 35.56 38.74 -23.18
C GLY A 310 34.09 38.96 -22.92
N LYS A 311 33.24 38.00 -23.27
CA LYS A 311 31.82 38.19 -22.97
C LYS A 311 31.52 37.98 -21.48
N VAL A 312 32.32 37.18 -20.76
CA VAL A 312 32.19 37.11 -19.30
C VAL A 312 32.51 38.46 -18.66
N VAL A 313 33.60 39.09 -19.08
CA VAL A 313 33.99 40.36 -18.46
C VAL A 313 33.02 41.48 -18.86
N LYS A 314 32.49 41.41 -20.10
CA LYS A 314 31.46 42.35 -20.51
C LYS A 314 30.16 42.16 -19.73
N GLN A 315 29.85 40.92 -19.35
CA GLN A 315 28.66 40.68 -18.54
C GLN A 315 28.85 40.98 -17.06
N LEU A 316 30.09 40.94 -16.55
CA LEU A 316 30.29 41.26 -15.14
C LEU A 316 30.67 42.71 -14.90
N ARG A 317 30.94 43.50 -15.96
CA ARG A 317 31.25 44.90 -15.76
C ARG A 317 30.05 45.75 -15.33
N LYS A 318 28.82 45.22 -15.40
CA LYS A 318 27.67 46.02 -15.00
C LYS A 318 27.53 46.16 -13.49
N HIS A 319 28.15 45.27 -12.72
CA HIS A 319 28.06 45.31 -11.27
C HIS A 319 29.18 46.10 -10.62
N PHE A 320 30.12 46.65 -11.39
CA PHE A 320 31.29 47.29 -10.78
C PHE A 320 31.63 48.62 -11.44
N GLY A 321 30.62 49.37 -11.89
CA GLY A 321 30.80 50.74 -12.31
C GLY A 321 31.32 50.94 -13.71
N ASN A 322 31.61 49.87 -14.45
CA ASN A 322 32.01 49.88 -15.87
C ASN A 322 33.30 50.65 -16.12
N ASN A 323 34.16 50.83 -15.10
CA ASN A 323 35.41 51.55 -15.28
C ASN A 323 36.57 50.94 -14.49
N THR A 324 36.39 49.77 -13.87
CA THR A 324 37.39 49.20 -12.98
C THR A 324 38.24 48.17 -13.71
N ILE A 325 39.51 48.09 -13.32
CA ILE A 325 40.42 47.10 -13.87
C ILE A 325 40.13 45.74 -13.26
N ILE A 326 40.14 44.70 -14.09
CA ILE A 326 39.77 43.35 -13.68
C ILE A 326 40.93 42.41 -14.00
N ARG A 327 41.34 41.64 -13.00
CA ARG A 327 42.53 40.79 -13.06
C ARG A 327 42.15 39.35 -12.76
N PHE A 328 42.85 38.41 -13.40
CA PHE A 328 42.68 36.99 -13.16
C PHE A 328 43.98 36.41 -12.61
N ALA A 329 43.87 35.71 -11.48
CA ALA A 329 45.00 35.06 -10.84
C ALA A 329 44.69 33.58 -10.64
N ASN A 330 45.75 32.79 -10.43
CA ASN A 330 45.61 31.34 -10.50
C ASN A 330 44.88 30.75 -9.28
N SER A 331 45.41 30.95 -8.08
CA SER A 331 44.82 30.42 -6.85
C SER A 331 45.45 31.14 -5.68
N SER A 332 45.12 30.68 -4.47
CA SER A 332 45.77 31.17 -3.25
C SER A 332 45.73 30.05 -2.22
N GLY A 333 46.81 29.28 -2.15
CA GLY A 333 46.96 28.25 -1.13
C GLY A 333 45.99 27.10 -1.27
N GLY A 334 45.64 26.51 -0.13
CA GLY A 334 44.67 25.44 -0.09
C GLY A 334 45.27 24.07 -0.37
N ASP A 335 44.38 23.09 -0.42
CA ASP A 335 44.76 21.70 -0.68
C ASP A 335 45.00 21.48 -2.16
N LEU A 336 45.27 20.21 -2.52
CA LEU A 336 45.53 19.88 -3.92
C LEU A 336 44.25 19.87 -4.74
N GLU A 337 43.11 19.59 -4.11
CA GLU A 337 41.84 19.54 -4.82
C GLU A 337 41.19 20.90 -5.04
N VAL A 338 41.75 21.96 -4.46
CA VAL A 338 41.18 23.30 -4.63
C VAL A 338 42.13 24.26 -5.34
N THR A 339 43.46 24.04 -5.28
CA THR A 339 44.39 24.91 -6.00
C THR A 339 44.57 24.49 -7.44
N THR A 340 44.02 23.35 -7.84
CA THR A 340 44.13 22.83 -9.20
C THR A 340 42.76 22.34 -9.65
N HIS A 341 42.62 22.26 -10.97
CA HIS A 341 41.44 21.68 -11.60
C HIS A 341 41.41 20.19 -11.27
N SER A 342 40.53 19.81 -10.35
CA SER A 342 40.45 18.44 -9.85
C SER A 342 39.17 17.80 -10.37
N PHE A 343 39.29 16.73 -11.13
CA PHE A 343 38.12 16.09 -11.71
C PHE A 343 38.40 14.62 -11.92
N ASN A 344 37.45 13.92 -12.54
CA ASN A 344 37.53 12.49 -12.77
C ASN A 344 37.48 12.24 -14.28
N CYS A 345 38.25 11.26 -14.73
CA CYS A 345 38.29 10.93 -16.15
C CYS A 345 38.67 9.46 -16.28
N GLY A 346 37.71 8.65 -16.74
CA GLY A 346 37.95 7.22 -16.95
C GLY A 346 38.23 6.44 -15.69
N GLY A 347 37.75 6.90 -14.54
CA GLY A 347 38.10 6.31 -13.28
C GLY A 347 39.41 6.78 -12.71
N GLU A 348 40.11 7.69 -13.37
CA GLU A 348 41.35 8.25 -12.88
C GLU A 348 41.12 9.65 -12.34
N PHE A 349 41.75 9.96 -11.21
CA PHE A 349 41.48 11.20 -10.49
C PHE A 349 42.45 12.26 -10.99
N PHE A 350 42.05 12.95 -12.05
CA PHE A 350 42.92 13.89 -12.74
C PHE A 350 43.06 15.18 -11.94
N TYR A 351 44.31 15.63 -11.80
CA TYR A 351 44.64 16.89 -11.16
C TYR A 351 45.47 17.70 -12.14
N CYS A 352 44.95 18.85 -12.57
CA CYS A 352 45.57 19.63 -13.63
C CYS A 352 45.82 21.06 -13.15
N ASN A 353 47.04 21.54 -13.34
CA ASN A 353 47.38 22.89 -12.94
C ASN A 353 46.73 23.91 -13.88
N THR A 354 46.27 25.02 -13.31
CA THR A 354 45.56 26.07 -14.05
C THR A 354 46.27 27.41 -13.90
N SER A 355 47.59 27.37 -13.73
CA SER A 355 48.36 28.60 -13.51
C SER A 355 48.45 29.46 -14.77
N GLY A 356 48.54 28.84 -15.94
CA GLY A 356 48.59 29.55 -17.19
C GLY A 356 47.25 29.82 -17.83
N LEU A 357 46.15 29.67 -17.08
CA LEU A 357 44.82 29.86 -17.63
C LEU A 357 44.09 31.08 -17.06
N PHE A 358 44.45 31.52 -15.86
CA PHE A 358 43.97 32.76 -15.28
C PHE A 358 45.18 33.67 -15.14
N ASN A 359 45.51 34.38 -16.23
CA ASN A 359 46.76 35.12 -16.28
C ASN A 359 46.57 36.59 -16.67
N SER A 360 45.60 36.87 -17.52
CA SER A 360 45.50 38.19 -18.13
C SER A 360 44.84 39.20 -17.18
N THR A 361 45.07 40.47 -17.47
CA THR A 361 44.50 41.59 -16.73
C THR A 361 43.78 42.50 -17.72
N TRP A 362 42.54 42.87 -17.39
CA TRP A 362 41.70 43.63 -18.30
C TRP A 362 41.29 44.96 -17.67
N ILE A 363 41.33 46.02 -18.49
CA ILE A 363 40.91 47.35 -18.08
C ILE A 363 39.99 47.90 -19.15
N SER A 364 39.41 49.07 -18.86
CA SER A 364 38.48 49.70 -19.79
C SER A 364 39.21 50.31 -20.98
N ASP A 378 47.95 29.02 -30.17
CA ASP A 378 46.83 28.38 -30.84
C ASP A 378 46.05 27.51 -29.86
N SER A 379 46.76 26.68 -29.11
CA SER A 379 46.16 25.79 -28.12
C SER A 379 46.91 25.92 -26.80
N ILE A 380 46.17 25.96 -25.70
CA ILE A 380 46.73 26.07 -24.37
C ILE A 380 46.76 24.67 -23.74
N THR A 381 47.94 24.27 -23.28
CA THR A 381 48.15 22.95 -22.70
C THR A 381 48.28 23.05 -21.19
N LEU A 382 47.67 22.10 -20.49
CA LEU A 382 47.73 22.03 -19.04
C LEU A 382 48.41 20.74 -18.60
N PRO A 383 49.36 20.82 -17.66
CA PRO A 383 50.10 19.62 -17.26
C PRO A 383 49.38 18.77 -16.22
N CYS A 384 48.51 17.86 -16.65
CA CYS A 384 47.78 17.04 -15.69
C CYS A 384 48.68 15.95 -15.14
N ARG A 385 48.72 15.83 -13.82
CA ARG A 385 49.49 14.81 -13.13
C ARG A 385 48.51 13.92 -12.38
N ILE A 386 48.51 12.63 -12.73
CA ILE A 386 47.62 11.68 -12.08
C ILE A 386 48.18 11.37 -10.70
N LYS A 387 47.41 11.73 -9.67
CA LYS A 387 47.81 11.51 -8.29
C LYS A 387 47.14 10.27 -7.72
N GLN A 388 47.80 9.67 -6.74
CA GLN A 388 47.28 8.49 -6.06
C GLN A 388 46.69 8.82 -4.71
N ILE A 389 47.05 9.96 -4.12
CA ILE A 389 46.43 10.47 -2.90
C ILE A 389 45.36 11.47 -3.31
N ILE A 390 44.22 11.45 -2.59
CA ILE A 390 43.21 12.49 -2.73
C ILE A 390 42.72 12.87 -1.33
N ASN A 391 42.15 14.06 -1.24
CA ASN A 391 41.36 14.46 -0.08
C ASN A 391 39.89 14.21 -0.42
N MET A 392 39.22 13.43 0.42
CA MET A 392 37.85 13.01 0.12
C MET A 392 36.89 14.18 0.28
N TRP A 393 35.91 14.26 -0.61
CA TRP A 393 34.97 15.38 -0.56
C TRP A 393 33.68 15.05 0.17
N GLN A 394 33.38 13.77 0.39
CA GLN A 394 32.15 13.40 1.08
C GLN A 394 32.21 13.72 2.57
N ARG A 395 33.40 13.73 3.14
CA ARG A 395 33.62 14.05 4.55
C ARG A 395 34.99 14.69 4.66
N ILE A 396 35.52 14.74 5.88
CA ILE A 396 36.90 15.16 6.11
C ILE A 396 37.74 13.90 6.22
N GLY A 397 38.79 13.82 5.42
CA GLY A 397 39.67 12.67 5.44
C GLY A 397 40.43 12.53 4.14
N GLN A 398 41.36 11.59 4.13
CA GLN A 398 42.23 11.33 2.98
C GLN A 398 42.03 9.91 2.46
N ALA A 399 42.40 9.71 1.20
CA ALA A 399 42.21 8.41 0.57
C ALA A 399 43.39 8.09 -0.36
N MET A 400 43.87 6.85 -0.25
CA MET A 400 44.93 6.31 -1.08
C MET A 400 44.35 5.19 -1.95
N TYR A 401 44.63 5.25 -3.24
CA TYR A 401 44.09 4.35 -4.25
C TYR A 401 45.23 3.58 -4.93
N ALA A 402 44.87 2.80 -5.94
CA ALA A 402 45.76 1.98 -6.73
C ALA A 402 46.34 2.78 -7.90
N PRO A 403 47.50 2.38 -8.42
CA PRO A 403 47.97 2.94 -9.69
C PRO A 403 47.02 2.58 -10.82
N PRO A 404 46.85 3.47 -11.80
CA PRO A 404 45.79 3.28 -12.80
C PRO A 404 46.18 2.24 -13.85
N ILE A 405 45.24 1.98 -14.75
CA ILE A 405 45.41 0.97 -15.79
C ILE A 405 46.38 1.49 -16.85
N GLN A 406 47.28 0.62 -17.30
CA GLN A 406 48.19 0.96 -18.37
C GLN A 406 47.45 1.01 -19.70
N GLY A 407 47.85 1.94 -20.56
CA GLY A 407 47.22 2.14 -21.85
C GLY A 407 46.97 3.62 -22.08
N VAL A 408 46.05 3.91 -23.00
CA VAL A 408 45.67 5.28 -23.33
C VAL A 408 44.31 5.58 -22.70
N ILE A 409 44.21 6.75 -22.08
CA ILE A 409 42.97 7.23 -21.47
C ILE A 409 42.62 8.56 -22.12
N ARG A 410 41.49 8.61 -22.81
CA ARG A 410 41.05 9.82 -23.49
C ARG A 410 39.70 10.27 -22.97
N CYS A 411 39.56 11.58 -22.78
CA CYS A 411 38.27 12.18 -22.43
C CYS A 411 38.23 13.62 -22.89
N VAL A 412 37.17 13.95 -23.61
CA VAL A 412 36.87 15.31 -24.04
C VAL A 412 35.70 15.80 -23.20
N SER A 413 35.61 17.12 -23.03
CA SER A 413 34.56 17.67 -22.19
C SER A 413 34.23 19.09 -22.66
N ASN A 414 33.09 19.58 -22.21
CA ASN A 414 32.60 20.92 -22.55
C ASN A 414 32.57 21.75 -21.28
N ILE A 415 33.48 22.72 -21.18
CA ILE A 415 33.43 23.71 -20.10
C ILE A 415 32.21 24.59 -20.32
N THR A 416 31.33 24.65 -19.32
CA THR A 416 30.09 25.40 -19.39
C THR A 416 29.97 26.46 -18.31
N GLY A 417 30.92 26.57 -17.39
CA GLY A 417 30.79 27.55 -16.33
C GLY A 417 32.02 27.59 -15.46
N LEU A 418 32.00 28.53 -14.52
CA LEU A 418 33.11 28.78 -13.62
C LEU A 418 32.59 29.05 -12.21
N ILE A 419 33.43 28.74 -11.22
CA ILE A 419 33.19 29.10 -9.83
C ILE A 419 34.30 30.06 -9.43
N LEU A 420 33.93 31.31 -9.15
CA LEU A 420 34.92 32.34 -8.84
C LEU A 420 34.62 32.95 -7.48
N THR A 421 35.51 33.85 -7.05
CA THR A 421 35.26 34.70 -5.90
C THR A 421 36.07 35.98 -6.07
N ARG A 422 35.67 37.00 -5.32
CA ARG A 422 36.28 38.32 -5.39
C ARG A 422 37.42 38.44 -4.40
N ASP A 423 38.46 39.17 -4.78
CA ASP A 423 39.54 39.57 -3.89
C ASP A 423 39.39 41.08 -3.68
N GLY A 424 38.55 41.46 -2.71
CA GLY A 424 38.28 42.85 -2.48
C GLY A 424 39.44 43.55 -1.82
N GLY A 425 39.77 44.74 -2.32
CA GLY A 425 40.88 45.50 -1.79
C GLY A 425 40.49 46.90 -1.35
N SER A 426 41.43 47.83 -1.43
CA SER A 426 41.17 49.21 -1.02
C SER A 426 41.48 50.18 -2.16
N THR A 430 39.38 51.55 -7.91
CA THR A 430 40.47 50.59 -7.75
C THR A 430 40.24 49.36 -8.60
N THR A 431 41.28 48.53 -8.73
CA THR A 431 41.19 47.32 -9.52
C THR A 431 40.41 46.24 -8.76
N GLU A 432 39.91 45.26 -9.52
CA GLU A 432 39.18 44.13 -8.96
C GLU A 432 39.82 42.84 -9.45
N THR A 433 40.12 41.94 -8.52
CA THR A 433 40.73 40.65 -8.84
C THR A 433 39.69 39.55 -8.63
N PHE A 434 39.58 38.66 -9.60
CA PHE A 434 38.71 37.50 -9.50
C PHE A 434 39.57 36.25 -9.47
N ARG A 435 39.43 35.45 -8.41
CA ARG A 435 40.18 34.22 -8.33
C ARG A 435 39.23 33.04 -8.30
N PRO A 436 39.50 31.99 -9.08
CA PRO A 436 38.57 30.86 -9.13
C PRO A 436 38.61 30.04 -7.85
N GLY A 437 37.42 29.64 -7.40
CA GLY A 437 37.29 28.82 -6.21
C GLY A 437 36.49 27.54 -6.46
N GLY A 438 35.90 27.01 -5.41
CA GLY A 438 35.16 25.77 -5.48
C GLY A 438 35.60 24.79 -4.41
N GLY A 439 35.04 23.59 -4.48
CA GLY A 439 35.29 22.55 -3.51
C GLY A 439 34.06 22.09 -2.77
N ASP A 440 33.01 22.90 -2.72
CA ASP A 440 31.72 22.46 -2.20
C ASP A 440 30.85 22.04 -3.38
N MET A 441 30.45 20.77 -3.40
CA MET A 441 29.60 20.26 -4.47
C MET A 441 28.18 20.79 -4.44
N ARG A 442 27.75 21.38 -3.32
CA ARG A 442 26.50 22.12 -3.32
C ARG A 442 26.59 23.33 -4.24
N ASP A 443 27.74 24.00 -4.28
CA ASP A 443 27.94 25.07 -5.25
C ASP A 443 28.14 24.54 -6.66
N ASN A 444 28.56 23.28 -6.81
CA ASN A 444 28.71 22.69 -8.14
C ASN A 444 27.36 22.31 -8.73
N TRP A 445 26.44 21.81 -7.92
CA TRP A 445 25.15 21.36 -8.41
C TRP A 445 24.07 22.43 -8.33
N ARG A 446 24.38 23.61 -7.82
CA ARG A 446 23.41 24.70 -7.87
C ARG A 446 23.34 25.37 -9.23
N SER A 447 24.32 25.14 -10.10
CA SER A 447 24.28 25.68 -11.44
C SER A 447 23.42 24.86 -12.39
N GLU A 448 22.99 23.66 -12.00
CA GLU A 448 22.03 22.89 -12.77
C GLU A 448 20.65 22.85 -12.14
N LEU A 449 20.51 23.30 -10.90
CA LEU A 449 19.22 23.42 -10.22
C LEU A 449 18.98 24.85 -9.76
N TYR A 450 19.38 25.82 -10.59
CA TYR A 450 19.24 27.22 -10.22
C TYR A 450 17.81 27.74 -10.38
N LYS A 451 16.93 26.99 -11.05
CA LYS A 451 15.64 27.52 -11.45
C LYS A 451 14.48 26.60 -11.10
N TYR A 452 14.65 25.72 -10.11
CA TYR A 452 13.66 24.68 -9.82
C TYR A 452 13.14 24.83 -8.41
N LYS A 453 11.82 24.64 -8.24
CA LYS A 453 11.18 24.74 -6.94
C LYS A 453 10.21 23.58 -6.77
N VAL A 454 10.05 23.11 -5.54
CA VAL A 454 9.14 22.04 -5.20
C VAL A 454 7.97 22.62 -4.41
N VAL A 455 6.74 22.33 -4.85
CA VAL A 455 5.56 22.87 -4.19
C VAL A 455 4.59 21.73 -3.90
N LYS A 456 3.76 21.94 -2.87
CA LYS A 456 2.77 20.98 -2.42
C LYS A 456 1.37 21.54 -2.64
N ILE A 457 0.52 20.75 -3.30
CA ILE A 457 -0.86 21.16 -3.53
C ILE A 457 -1.65 21.04 -2.23
N GLU A 458 -2.44 22.08 -1.92
CA GLU A 458 -3.43 22.04 -0.85
C GLU A 458 -4.79 22.26 -1.51
N PRO A 459 -5.39 21.22 -2.05
CA PRO A 459 -6.57 21.38 -2.91
C PRO A 459 -7.90 21.32 -2.17
N LEU A 460 -8.05 22.16 -1.14
CA LEU A 460 -9.33 22.25 -0.43
C LEU A 460 -9.43 23.65 0.13
N GLY A 461 -10.40 24.43 -0.37
CA GLY A 461 -10.58 25.80 0.05
C GLY A 461 -12.02 26.07 0.44
N VAL A 462 -12.23 27.25 1.01
CA VAL A 462 -13.57 27.71 1.35
C VAL A 462 -13.81 29.06 0.69
N ALA A 463 -15.07 29.35 0.38
CA ALA A 463 -15.39 30.60 -0.32
C ALA A 463 -16.82 31.03 -0.04
N PRO A 464 -17.07 32.33 0.13
CA PRO A 464 -18.44 32.79 0.43
C PRO A 464 -19.27 33.09 -0.82
N THR A 465 -20.47 32.53 -0.86
CA THR A 465 -21.46 32.82 -1.90
C THR A 465 -22.85 32.65 -1.27
N ARG A 466 -23.86 32.50 -2.12
CA ARG A 466 -25.25 32.63 -1.66
C ARG A 466 -26.06 31.36 -1.80
N CYS A 467 -25.54 30.23 -1.32
CA CYS A 467 -26.27 28.96 -1.35
C CYS A 467 -27.21 28.79 -0.16
N LYS A 468 -27.70 27.55 -0.02
CA LYS A 468 -28.42 27.02 1.13
C LYS A 468 -28.42 25.51 0.97
N ARG A 469 -28.87 24.78 2.00
CA ARG A 469 -28.98 23.33 1.85
C ARG A 469 -30.16 22.95 0.97
N ASN B 1 -44.51 2.25 13.12
CA ASN B 1 -43.60 1.14 13.41
C ASN B 1 -42.16 1.61 13.47
N LEU B 2 -41.29 0.75 14.01
CA LEU B 2 -39.87 1.06 14.19
C LEU B 2 -39.05 0.25 13.19
N TRP B 3 -37.96 0.85 12.72
CA TRP B 3 -37.22 0.34 11.58
C TRP B 3 -35.74 0.17 11.96
N VAL B 4 -34.93 -0.19 10.98
CA VAL B 4 -33.51 -0.46 11.19
C VAL B 4 -32.71 0.77 10.79
N THR B 5 -31.75 1.15 11.64
CA THR B 5 -30.83 2.24 11.34
C THR B 5 -29.40 1.73 11.50
N VAL B 6 -28.50 2.31 10.70
CA VAL B 6 -27.12 1.86 10.59
C VAL B 6 -26.22 2.94 11.17
N TYR B 7 -25.39 2.55 12.14
CA TYR B 7 -24.48 3.47 12.80
C TYR B 7 -23.04 3.08 12.48
N TYR B 8 -22.23 4.08 12.15
CA TYR B 8 -20.81 3.88 11.86
C TYR B 8 -19.98 4.58 12.91
N GLY B 9 -19.24 3.80 13.70
CA GLY B 9 -18.46 4.35 14.79
C GLY B 9 -18.96 3.88 16.13
N VAL B 10 -19.50 2.67 16.17
CA VAL B 10 -20.08 2.13 17.40
C VAL B 10 -18.95 1.68 18.32
N PRO B 11 -18.92 2.13 19.58
CA PRO B 11 -17.83 1.73 20.48
C PRO B 11 -17.91 0.31 21.00
N VAL B 12 -17.72 -0.70 20.14
CA VAL B 12 -17.60 -2.08 20.59
C VAL B 12 -16.29 -2.66 20.09
N TRP B 13 -15.82 -3.69 20.77
CA TRP B 13 -14.57 -4.34 20.43
C TRP B 13 -14.74 -5.86 20.50
N LYS B 14 -13.91 -6.56 19.74
CA LYS B 14 -13.85 -8.02 19.76
C LYS B 14 -12.42 -8.46 20.06
N ASP B 15 -12.30 -9.69 20.54
CA ASP B 15 -10.99 -10.23 20.87
C ASP B 15 -10.33 -10.76 19.60
N ALA B 16 -9.20 -10.17 19.23
CA ALA B 16 -8.52 -10.55 18.00
C ALA B 16 -7.03 -10.30 18.20
N GLU B 17 -6.23 -10.84 17.29
CA GLU B 17 -4.78 -10.75 17.40
C GLU B 17 -4.19 -10.20 16.11
N THR B 18 -3.31 -9.22 16.25
CA THR B 18 -2.57 -8.66 15.12
C THR B 18 -1.09 -8.58 15.44
N THR B 19 -0.30 -7.95 14.57
CA THR B 19 1.10 -7.72 14.84
C THR B 19 1.28 -6.38 15.56
N LEU B 20 2.33 -6.30 16.36
CA LEU B 20 2.66 -5.13 17.15
C LEU B 20 3.91 -4.46 16.57
N PHE B 21 4.40 -3.42 17.23
CA PHE B 21 5.76 -2.99 16.95
C PHE B 21 6.41 -2.45 18.22
N CYS B 22 7.71 -2.67 18.33
CA CYS B 22 8.47 -2.19 19.48
C CYS B 22 8.64 -0.67 19.42
N ALA B 23 8.96 -0.10 20.58
CA ALA B 23 9.09 1.34 20.71
C ALA B 23 9.95 1.64 21.94
N SER B 24 11.15 2.18 21.72
CA SER B 24 12.02 2.57 22.83
C SER B 24 12.80 3.82 22.49
N TRP B 37 21.57 -3.55 24.38
CA TRP B 37 21.09 -4.25 23.20
C TRP B 37 21.41 -3.43 21.95
N ALA B 38 21.10 -2.13 22.04
CA ALA B 38 21.41 -1.13 21.00
C ALA B 38 20.80 -1.49 19.65
N THR B 39 19.59 -2.03 19.67
CA THR B 39 18.90 -2.44 18.45
C THR B 39 18.12 -1.25 17.92
N HIS B 40 18.40 -0.88 16.67
CA HIS B 40 17.83 0.30 16.04
C HIS B 40 16.56 0.00 15.26
N ALA B 41 16.05 -1.22 15.32
CA ALA B 41 14.86 -1.61 14.57
C ALA B 41 13.58 -1.38 15.37
N CYS B 42 13.41 -0.18 15.90
CA CYS B 42 12.22 0.20 16.65
C CYS B 42 11.90 1.66 16.37
N VAL B 43 10.61 1.99 16.45
CA VAL B 43 10.12 3.35 16.27
C VAL B 43 10.38 4.10 17.57
N PRO B 44 10.79 5.38 17.53
CA PRO B 44 10.87 6.15 18.77
C PRO B 44 9.49 6.41 19.37
N THR B 45 9.47 6.60 20.69
CA THR B 45 8.21 6.76 21.42
C THR B 45 7.72 8.20 21.32
N ASP B 46 6.69 8.52 22.11
CA ASP B 46 6.09 9.84 22.15
C ASP B 46 6.47 10.55 23.45
N PRO B 47 6.64 11.88 23.43
CA PRO B 47 6.91 12.60 24.68
C PRO B 47 5.74 12.60 25.66
N ASN B 48 4.51 12.49 25.16
CA ASN B 48 3.32 12.38 26.01
C ASN B 48 2.66 11.01 25.89
N PRO B 49 2.93 10.09 26.81
CA PRO B 49 2.24 8.80 26.76
C PRO B 49 0.80 8.95 27.20
N GLN B 50 -0.12 8.92 26.24
CA GLN B 50 -1.53 9.16 26.53
C GLN B 50 -2.21 7.85 26.90
N GLU B 51 -3.14 7.93 27.83
CA GLU B 51 -3.95 6.80 28.25
C GLU B 51 -5.25 7.34 28.81
N ILE B 52 -6.36 6.78 28.36
CA ILE B 52 -7.67 7.38 28.62
C ILE B 52 -8.58 6.31 29.21
N HIS B 53 -9.40 6.71 30.18
CA HIS B 53 -10.00 5.79 31.13
C HIS B 53 -11.46 5.56 30.74
N LEU B 54 -11.83 4.29 30.63
CA LEU B 54 -13.17 3.89 30.25
C LEU B 54 -13.90 3.52 31.53
N GLU B 55 -14.71 4.45 32.03
CA GLU B 55 -15.48 4.15 33.22
C GLU B 55 -16.63 3.21 32.87
N ASN B 56 -17.16 2.56 33.92
CA ASN B 56 -18.45 1.88 33.91
C ASN B 56 -18.50 0.66 32.98
N VAL B 57 -17.35 0.04 32.69
CA VAL B 57 -17.29 -1.08 31.78
C VAL B 57 -16.56 -2.24 32.44
N THR B 58 -17.13 -3.44 32.34
CA THR B 58 -16.57 -4.66 32.91
C THR B 58 -16.39 -5.69 31.81
N GLU B 59 -15.24 -6.34 31.77
CA GLU B 59 -14.99 -7.41 30.81
C GLU B 59 -13.93 -8.35 31.37
N GLU B 60 -13.82 -9.52 30.76
CA GLU B 60 -13.01 -10.62 31.26
C GLU B 60 -11.58 -10.56 30.73
N PHE B 61 -10.65 -11.05 31.55
CA PHE B 61 -9.24 -11.10 31.28
C PHE B 61 -8.71 -12.51 31.49
N ASN B 62 -7.66 -12.84 30.74
CA ASN B 62 -6.87 -14.04 30.96
C ASN B 62 -5.44 -13.75 30.53
N MET B 63 -4.49 -14.37 31.23
CA MET B 63 -3.09 -14.29 30.83
C MET B 63 -2.57 -15.59 30.24
N TRP B 64 -3.23 -16.72 30.52
CA TRP B 64 -2.75 -18.00 30.05
C TRP B 64 -3.20 -18.33 28.64
N LYS B 65 -4.20 -17.61 28.11
CA LYS B 65 -4.52 -17.61 26.70
C LYS B 65 -4.27 -16.25 26.06
N ASN B 66 -3.50 -15.40 26.74
CA ASN B 66 -3.05 -14.14 26.15
C ASN B 66 -2.08 -14.41 25.02
N ASN B 67 -2.18 -13.62 23.96
CA ASN B 67 -1.33 -13.82 22.78
C ASN B 67 -0.52 -12.53 22.56
N MET B 68 0.04 -11.98 23.64
CA MET B 68 1.12 -11.03 23.54
C MET B 68 2.44 -11.60 24.06
N VAL B 69 2.38 -12.72 24.78
CA VAL B 69 3.59 -13.39 25.23
C VAL B 69 4.32 -14.02 24.05
N GLU B 70 3.58 -14.53 23.07
CA GLU B 70 4.19 -15.28 21.97
C GLU B 70 4.93 -14.36 21.00
N GLN B 71 4.31 -13.23 20.63
CA GLN B 71 4.96 -12.28 19.74
C GLN B 71 6.16 -11.63 20.42
N MET B 72 6.05 -11.39 21.73
CA MET B 72 7.20 -10.95 22.51
C MET B 72 8.29 -12.00 22.54
N HIS B 73 7.92 -13.27 22.64
CA HIS B 73 8.92 -14.34 22.69
C HIS B 73 9.69 -14.41 21.38
N THR B 74 8.98 -14.26 20.25
CA THR B 74 9.65 -14.23 18.95
C THR B 74 10.54 -13.00 18.79
N ASP B 75 10.07 -11.82 19.23
CA ASP B 75 10.87 -10.60 19.08
C ASP B 75 12.10 -10.62 19.97
N ILE B 76 11.99 -11.15 21.19
CA ILE B 76 13.14 -11.18 22.08
C ILE B 76 14.10 -12.30 21.67
N ILE B 77 13.60 -13.39 21.05
CA ILE B 77 14.49 -14.37 20.41
C ILE B 77 15.29 -13.71 19.29
N SER B 78 14.63 -12.88 18.47
CA SER B 78 15.31 -12.18 17.39
C SER B 78 16.36 -11.21 17.91
N LEU B 79 16.02 -10.43 18.95
CA LEU B 79 16.96 -9.45 19.48
C LEU B 79 18.05 -10.07 20.35
N TRP B 80 17.85 -11.29 20.86
CA TRP B 80 18.83 -11.96 21.68
C TRP B 80 19.72 -12.89 20.88
N ASP B 81 19.31 -13.24 19.65
CA ASP B 81 20.17 -13.96 18.72
C ASP B 81 20.91 -13.02 17.78
N GLN B 82 20.36 -11.82 17.52
CA GLN B 82 21.05 -10.87 16.65
C GLN B 82 22.25 -10.25 17.35
N SER B 83 22.13 -10.00 18.65
CA SER B 83 23.22 -9.37 19.40
C SER B 83 24.15 -10.43 20.00
N LYS B 175 30.07 -9.20 21.63
CA LYS B 175 28.72 -9.26 22.19
C LYS B 175 28.73 -9.03 23.69
N VAL B 176 29.00 -7.79 24.10
CA VAL B 176 29.06 -7.42 25.50
C VAL B 176 27.99 -6.38 25.86
N SER B 177 26.99 -6.21 24.99
CA SER B 177 25.94 -5.22 25.18
C SER B 177 24.62 -5.87 25.61
N PHE B 178 24.69 -6.88 26.48
CA PHE B 178 23.51 -7.61 26.93
C PHE B 178 22.86 -6.99 28.16
N GLU B 179 23.22 -5.75 28.49
CA GLU B 179 22.56 -5.05 29.60
C GLU B 179 21.14 -4.68 29.20
N PRO B 180 20.13 -5.03 30.00
CA PRO B 180 18.74 -4.85 29.58
C PRO B 180 18.32 -3.39 29.45
N ILE B 181 17.36 -3.16 28.54
CA ILE B 181 16.88 -1.83 28.18
C ILE B 181 15.35 -1.84 28.22
N PRO B 182 14.69 -0.76 28.64
CA PRO B 182 13.22 -0.73 28.60
C PRO B 182 12.69 -0.70 27.18
N ILE B 183 11.67 -1.53 26.92
CA ILE B 183 11.01 -1.62 25.62
C ILE B 183 9.51 -1.47 25.82
N HIS B 184 8.87 -0.65 24.97
CA HIS B 184 7.41 -0.52 24.92
C HIS B 184 6.89 -1.25 23.69
N TYR B 185 5.66 -1.75 23.77
CA TYR B 185 5.00 -2.46 22.68
C TYR B 185 3.74 -1.71 22.26
N CYS B 186 3.73 -1.20 21.05
CA CYS B 186 2.64 -0.33 20.61
C CYS B 186 1.99 -0.88 19.36
N ALA B 187 0.61 -0.83 19.37
CA ALA B 187 -0.54 -1.23 18.58
C ALA B 187 -0.75 -0.28 17.40
N PRO B 188 -1.04 -0.83 16.22
CA PRO B 188 -1.25 0.01 15.04
C PRO B 188 -2.64 0.63 15.06
N ALA B 189 -2.97 1.32 13.97
CA ALA B 189 -4.29 1.90 13.83
C ALA B 189 -5.34 0.81 13.66
N GLY B 190 -6.49 1.01 14.30
CA GLY B 190 -7.57 0.04 14.26
C GLY B 190 -7.59 -0.96 15.39
N PHE B 191 -6.65 -0.89 16.32
CA PHE B 191 -6.60 -1.78 17.47
C PHE B 191 -6.35 -0.97 18.73
N ALA B 192 -6.71 -1.55 19.87
CA ALA B 192 -6.54 -0.89 21.16
C ALA B 192 -5.96 -1.87 22.17
N ILE B 193 -5.29 -1.32 23.17
CA ILE B 193 -4.70 -2.11 24.25
C ILE B 193 -5.43 -1.77 25.54
N LEU B 194 -6.09 -2.78 26.11
CA LEU B 194 -6.84 -2.62 27.35
C LEU B 194 -5.98 -3.07 28.52
N LYS B 195 -5.97 -2.26 29.58
CA LYS B 195 -5.13 -2.48 30.75
C LYS B 195 -6.00 -2.43 31.99
N CYS B 196 -5.87 -3.44 32.85
CA CYS B 196 -6.66 -3.53 34.07
C CYS B 196 -5.92 -2.85 35.22
N LYS B 197 -6.60 -1.93 35.88
CA LYS B 197 -6.00 -1.12 36.93
C LYS B 197 -6.24 -1.65 38.34
N ASP B 198 -6.95 -2.77 38.47
CA ASP B 198 -7.33 -3.26 39.79
C ASP B 198 -6.12 -3.89 40.49
N LYS B 199 -5.89 -3.48 41.74
CA LYS B 199 -4.75 -3.99 42.49
C LYS B 199 -4.99 -5.44 42.92
N LYS B 200 -6.18 -5.72 43.45
CA LYS B 200 -6.54 -7.10 43.78
C LYS B 200 -6.97 -7.81 42.51
N PHE B 201 -6.19 -8.78 42.08
CA PHE B 201 -6.39 -9.40 40.77
C PHE B 201 -5.99 -10.87 40.86
N ASN B 202 -6.98 -11.76 40.78
CA ASN B 202 -6.71 -13.19 40.78
C ASN B 202 -5.92 -13.62 39.55
N GLY B 203 -6.10 -12.91 38.44
CA GLY B 203 -5.39 -13.19 37.19
C GLY B 203 -6.32 -13.50 36.04
N THR B 204 -7.46 -14.12 36.32
CA THR B 204 -8.44 -14.47 35.31
C THR B 204 -9.81 -14.04 35.81
N GLY B 205 -10.58 -13.39 34.94
CA GLY B 205 -11.91 -12.98 35.31
C GLY B 205 -12.18 -11.52 34.97
N PRO B 206 -13.30 -11.00 35.43
CA PRO B 206 -13.68 -9.62 35.06
C PRO B 206 -12.91 -8.57 35.85
N CYS B 207 -12.67 -7.45 35.17
CA CYS B 207 -12.17 -6.25 35.84
C CYS B 207 -13.28 -5.22 35.94
N PRO B 208 -13.64 -4.77 37.14
CA PRO B 208 -14.64 -3.69 37.26
C PRO B 208 -14.13 -2.33 36.78
N SER B 209 -12.83 -2.15 36.62
CA SER B 209 -12.27 -0.86 36.22
C SER B 209 -11.11 -1.11 35.26
N VAL B 210 -11.31 -0.77 33.99
CA VAL B 210 -10.32 -0.98 32.95
C VAL B 210 -10.09 0.34 32.25
N SER B 211 -8.88 0.54 31.72
CA SER B 211 -8.56 1.72 30.94
C SER B 211 -7.99 1.28 29.60
N THR B 212 -8.00 2.18 28.62
CA THR B 212 -7.31 1.90 27.38
C THR B 212 -6.09 2.79 27.26
N VAL B 213 -5.04 2.26 26.65
CA VAL B 213 -3.78 2.99 26.54
C VAL B 213 -3.47 3.13 25.06
N GLN B 214 -2.65 4.13 24.74
CA GLN B 214 -2.03 4.15 23.43
C GLN B 214 -1.09 2.96 23.30
N CYS B 215 -0.24 2.76 24.31
CA CYS B 215 0.52 1.53 24.50
C CYS B 215 1.05 1.44 25.92
N THR B 216 1.83 0.39 26.18
CA THR B 216 2.13 -0.10 27.51
C THR B 216 3.28 0.65 28.16
N HIS B 217 3.56 0.28 29.41
CA HIS B 217 4.74 0.76 30.10
C HIS B 217 5.96 -0.08 29.72
N GLY B 218 7.14 0.43 30.04
CA GLY B 218 8.37 -0.19 29.60
C GLY B 218 8.68 -1.48 30.34
N ILE B 219 9.35 -2.39 29.64
CA ILE B 219 9.80 -3.66 30.21
C ILE B 219 11.27 -3.88 29.84
N LYS B 220 12.06 -4.31 30.81
CA LYS B 220 13.41 -4.79 30.57
C LYS B 220 13.34 -6.30 30.37
N PRO B 221 13.60 -6.82 29.17
CA PRO B 221 13.49 -8.26 28.96
C PRO B 221 14.66 -9.03 29.58
N VAL B 222 14.58 -9.24 30.89
CA VAL B 222 15.63 -9.92 31.63
C VAL B 222 15.55 -11.42 31.35
N VAL B 223 16.70 -12.10 31.41
CA VAL B 223 16.77 -13.53 31.23
C VAL B 223 17.16 -14.19 32.55
N SER B 224 16.18 -14.59 33.34
CA SER B 224 16.49 -15.13 34.67
C SER B 224 15.42 -16.13 35.07
N THR B 225 15.86 -17.34 35.41
CA THR B 225 14.97 -18.33 36.02
C THR B 225 14.93 -18.12 37.52
N GLN B 226 14.03 -18.87 38.18
CA GLN B 226 13.87 -18.94 39.64
C GLN B 226 13.51 -17.60 40.27
N LEU B 227 14.44 -16.65 40.26
CA LEU B 227 14.27 -15.36 40.93
C LEU B 227 14.27 -14.27 39.86
N LEU B 228 13.12 -13.61 39.69
CA LEU B 228 12.97 -12.60 38.66
C LEU B 228 13.70 -11.32 39.04
N LEU B 229 14.44 -10.76 38.08
CA LEU B 229 15.19 -9.52 38.24
C LEU B 229 14.46 -8.37 37.57
N ASN B 230 14.53 -7.20 38.23
CA ASN B 230 14.18 -5.90 37.64
C ASN B 230 12.71 -5.81 37.20
N GLY B 231 11.83 -6.58 37.84
CA GLY B 231 10.45 -6.61 37.42
C GLY B 231 9.64 -5.46 37.98
N SER B 232 8.41 -5.36 37.47
CA SER B 232 7.48 -4.35 37.98
C SER B 232 6.95 -4.78 39.35
N LEU B 233 6.53 -3.79 40.13
CA LEU B 233 6.13 -3.99 41.51
C LEU B 233 4.62 -3.92 41.64
N ALA B 234 4.03 -4.93 42.28
CA ALA B 234 2.61 -4.92 42.56
C ALA B 234 2.32 -4.05 43.79
N GLU B 235 1.04 -3.87 44.06
CA GLU B 235 0.59 -3.07 45.20
C GLU B 235 -0.14 -3.97 46.20
N GLU B 236 -0.60 -3.34 47.29
CA GLU B 236 -1.29 -3.96 48.42
C GLU B 236 -0.48 -5.12 49.02
N GLU B 237 -0.85 -6.34 48.69
CA GLU B 237 -0.21 -7.53 49.23
C GLU B 237 0.58 -8.25 48.14
N VAL B 238 1.30 -9.28 48.55
CA VAL B 238 2.02 -10.15 47.62
C VAL B 238 1.03 -10.91 46.77
N MET B 239 1.24 -10.90 45.46
CA MET B 239 0.25 -11.38 44.52
C MET B 239 0.62 -12.80 44.09
N ILE B 240 -0.35 -13.72 44.21
CA ILE B 240 -0.18 -15.13 43.87
C ILE B 240 -1.04 -15.41 42.65
N ARG B 241 -0.41 -15.78 41.54
CA ARG B 241 -1.11 -15.98 40.29
C ARG B 241 -0.90 -17.40 39.79
N SER B 242 -1.96 -18.01 39.28
CA SER B 242 -1.90 -19.34 38.71
C SER B 242 -3.08 -19.52 37.76
N GLU B 243 -3.03 -20.59 36.97
CA GLU B 243 -4.15 -20.99 36.14
C GLU B 243 -5.00 -22.07 36.79
N ASN B 244 -4.37 -23.08 37.37
CA ASN B 244 -5.06 -24.10 38.17
C ASN B 244 -4.30 -24.28 39.46
N ILE B 245 -4.93 -23.92 40.58
CA ILE B 245 -4.23 -23.93 41.85
C ILE B 245 -4.26 -25.32 42.51
N THR B 246 -5.32 -26.11 42.28
CA THR B 246 -5.38 -27.45 42.86
C THR B 246 -4.45 -28.42 42.14
N ASN B 247 -4.28 -28.23 40.83
CA ASN B 247 -3.37 -29.07 40.06
C ASN B 247 -1.93 -28.68 40.38
N ASN B 248 -1.12 -29.66 40.73
CA ASN B 248 0.29 -29.44 41.02
C ASN B 248 1.17 -29.50 39.79
N ALA B 249 0.59 -29.78 38.62
CA ALA B 249 1.35 -29.77 37.38
C ALA B 249 1.74 -28.34 36.98
N LYS B 250 0.81 -27.40 37.12
CA LYS B 250 1.07 -26.02 36.76
C LYS B 250 1.90 -25.33 37.83
N ASN B 251 2.46 -24.18 37.47
CA ASN B 251 3.36 -23.43 38.33
C ASN B 251 2.72 -22.17 38.89
N ILE B 252 3.22 -21.75 40.06
CA ILE B 252 2.70 -20.60 40.79
C ILE B 252 3.64 -19.43 40.57
N LEU B 253 3.09 -18.30 40.14
CA LEU B 253 3.85 -17.10 39.83
C LEU B 253 3.62 -16.09 40.94
N VAL B 254 4.69 -15.68 41.61
CA VAL B 254 4.60 -14.85 42.82
C VAL B 254 5.22 -13.49 42.52
N GLN B 255 4.50 -12.42 42.86
CA GLN B 255 5.01 -11.06 42.69
C GLN B 255 5.00 -10.35 44.02
N PHE B 256 6.15 -9.74 44.37
CA PHE B 256 6.37 -9.16 45.68
C PHE B 256 5.67 -7.80 45.82
N ASN B 257 5.82 -7.21 47.00
CA ASN B 257 5.45 -5.82 47.26
C ASN B 257 6.64 -4.89 47.12
N THR B 258 7.69 -5.16 47.89
CA THR B 258 8.93 -4.40 47.92
C THR B 258 10.05 -5.18 47.22
N PRO B 259 10.98 -4.50 46.56
CA PRO B 259 12.11 -5.19 45.95
C PRO B 259 13.07 -5.72 47.00
N VAL B 260 13.85 -6.72 46.59
CA VAL B 260 14.95 -7.22 47.41
C VAL B 260 16.27 -6.92 46.70
N GLN B 261 17.06 -6.02 47.27
CA GLN B 261 18.33 -5.61 46.67
C GLN B 261 19.32 -6.77 46.70
N ILE B 262 19.88 -7.14 45.56
CA ILE B 262 20.85 -8.23 45.49
C ILE B 262 22.21 -7.68 45.07
N ASN B 263 23.23 -7.99 45.88
CA ASN B 263 24.61 -7.66 45.57
C ASN B 263 25.22 -8.76 44.71
N CYS B 264 26.15 -8.37 43.85
CA CYS B 264 26.70 -9.33 42.89
C CYS B 264 28.08 -8.86 42.46
N THR B 265 29.11 -9.68 42.72
CA THR B 265 30.49 -9.27 42.51
C THR B 265 31.28 -10.35 41.78
N ARG B 266 32.36 -9.91 41.14
CA ARG B 266 33.29 -10.82 40.45
C ARG B 266 34.64 -10.12 40.45
N PRO B 267 35.49 -10.42 41.45
CA PRO B 267 36.81 -9.79 41.54
C PRO B 267 37.81 -10.39 40.55
N GLN B 295 36.98 -16.25 43.47
CA GLN B 295 35.69 -16.82 43.08
C GLN B 295 34.60 -15.76 43.10
N ALA B 296 33.70 -15.82 42.12
CA ALA B 296 32.58 -14.89 42.03
C ALA B 296 31.40 -15.40 42.86
N HIS B 297 30.64 -14.45 43.39
CA HIS B 297 29.40 -14.76 44.11
C HIS B 297 28.46 -13.58 44.00
N CYS B 298 27.16 -13.87 43.87
CA CYS B 298 26.11 -12.85 43.80
C CYS B 298 25.07 -13.22 44.85
N ASN B 299 25.17 -12.56 46.02
CA ASN B 299 24.46 -12.95 47.23
C ASN B 299 23.42 -11.90 47.61
N VAL B 300 22.59 -12.26 48.60
CA VAL B 300 21.51 -11.39 49.06
C VAL B 300 21.66 -11.11 50.55
N SER B 301 20.72 -10.36 51.12
CA SER B 301 20.67 -10.10 52.55
C SER B 301 19.93 -11.25 53.23
N LYS B 302 19.61 -11.07 54.52
CA LYS B 302 18.96 -12.13 55.29
C LYS B 302 17.60 -11.73 55.84
N ALA B 303 17.49 -10.56 56.47
CA ALA B 303 16.25 -10.17 57.14
C ALA B 303 15.17 -9.74 56.15
N THR B 304 15.57 -9.03 55.10
CA THR B 304 14.62 -8.59 54.07
C THR B 304 14.03 -9.78 53.32
N TRP B 305 14.85 -10.77 53.02
CA TRP B 305 14.37 -12.00 52.41
C TRP B 305 13.43 -12.75 53.35
N ASN B 306 13.72 -12.72 54.66
CA ASN B 306 12.87 -13.40 55.64
C ASN B 306 11.49 -12.75 55.74
N GLU B 307 11.43 -11.41 55.78
CA GLU B 307 10.12 -10.77 55.88
C GLU B 307 9.35 -10.82 54.54
N THR B 308 10.07 -10.79 53.42
CA THR B 308 9.41 -10.98 52.13
C THR B 308 8.82 -12.39 52.01
N LEU B 309 9.57 -13.39 52.49
CA LEU B 309 9.05 -14.74 52.55
C LEU B 309 7.90 -14.85 53.53
N GLY B 310 7.90 -14.06 54.61
CA GLY B 310 6.78 -14.05 55.53
C GLY B 310 5.50 -13.52 54.89
N LYS B 311 5.64 -12.46 54.09
CA LYS B 311 4.51 -11.96 53.31
C LYS B 311 4.01 -13.00 52.31
N VAL B 312 4.94 -13.70 51.65
CA VAL B 312 4.59 -14.75 50.70
C VAL B 312 3.84 -15.89 51.38
N VAL B 313 4.33 -16.32 52.56
CA VAL B 313 3.68 -17.39 53.32
C VAL B 313 2.29 -16.95 53.79
N LYS B 314 2.15 -15.70 54.24
CA LYS B 314 0.84 -15.21 54.71
C LYS B 314 -0.19 -15.17 53.58
N GLN B 315 0.23 -14.73 52.38
CA GLN B 315 -0.66 -14.80 51.24
C GLN B 315 -0.93 -16.24 50.79
N LEU B 316 0.01 -17.15 51.01
CA LEU B 316 -0.25 -18.57 50.76
C LEU B 316 -1.26 -19.15 51.76
N ARG B 317 -1.21 -18.71 53.02
CA ARG B 317 -2.23 -19.12 53.99
C ARG B 317 -3.60 -18.57 53.60
N LYS B 318 -3.64 -17.37 53.01
CA LYS B 318 -4.87 -16.89 52.42
C LYS B 318 -5.33 -17.77 51.26
N HIS B 319 -4.40 -18.28 50.45
CA HIS B 319 -4.75 -19.07 49.28
C HIS B 319 -4.75 -20.58 49.53
N PHE B 320 -4.51 -21.02 50.77
CA PHE B 320 -4.55 -22.45 51.09
C PHE B 320 -5.23 -22.61 52.45
N GLY B 321 -5.06 -23.80 53.03
CA GLY B 321 -5.61 -24.05 54.35
C GLY B 321 -4.88 -23.24 55.41
N ASN B 322 -5.62 -22.87 56.46
CA ASN B 322 -5.10 -22.02 57.51
C ASN B 322 -4.55 -22.81 58.70
N ASN B 323 -4.40 -24.12 58.55
CA ASN B 323 -3.84 -24.96 59.61
C ASN B 323 -2.83 -25.97 59.07
N THR B 324 -2.07 -25.59 58.04
CA THR B 324 -1.13 -26.49 57.40
C THR B 324 0.31 -26.06 57.72
N ILE B 325 1.26 -26.80 57.18
CA ILE B 325 2.69 -26.55 57.37
C ILE B 325 3.29 -26.26 56.01
N ILE B 326 4.05 -25.16 55.90
CA ILE B 326 4.60 -24.73 54.61
C ILE B 326 6.10 -24.94 54.62
N ARG B 327 6.59 -25.73 53.67
CA ARG B 327 8.00 -26.10 53.60
C ARG B 327 8.64 -25.47 52.37
N PHE B 328 9.71 -24.72 52.58
CA PHE B 328 10.53 -24.17 51.50
C PHE B 328 11.80 -25.00 51.41
N ALA B 329 11.89 -25.83 50.36
CA ALA B 329 13.01 -26.74 50.17
C ALA B 329 13.77 -26.38 48.90
N ASN B 330 14.90 -27.05 48.72
CA ASN B 330 15.76 -26.82 47.56
C ASN B 330 15.16 -27.44 46.32
N SER B 331 15.78 -27.15 45.17
CA SER B 331 15.34 -27.71 43.91
C SER B 331 15.60 -29.22 43.85
N SER B 332 14.68 -29.93 43.21
CA SER B 332 14.80 -31.39 43.13
C SER B 332 15.92 -31.83 42.22
N GLY B 333 16.15 -31.11 41.13
CA GLY B 333 17.24 -31.45 40.22
C GLY B 333 16.89 -31.27 38.76
N GLY B 334 17.58 -32.00 37.89
CA GLY B 334 17.38 -31.87 36.46
C GLY B 334 18.57 -31.27 35.75
N ASP B 335 18.33 -30.32 34.85
CA ASP B 335 19.41 -29.63 34.18
C ASP B 335 20.04 -28.60 35.11
N LEU B 336 21.19 -28.07 34.70
CA LEU B 336 21.93 -27.12 35.53
C LEU B 336 21.34 -25.73 35.51
N GLU B 337 20.47 -25.41 34.54
CA GLU B 337 19.83 -24.10 34.51
C GLU B 337 18.57 -24.06 35.35
N VAL B 338 17.80 -25.14 35.35
CA VAL B 338 16.57 -25.21 36.15
C VAL B 338 16.91 -25.32 37.64
N THR B 339 17.99 -26.04 37.97
CA THR B 339 18.32 -26.35 39.37
C THR B 339 18.73 -25.09 40.14
N THR B 340 19.62 -24.29 39.56
CA THR B 340 20.14 -23.10 40.23
C THR B 340 19.60 -21.84 39.55
N HIS B 341 19.96 -20.70 40.14
CA HIS B 341 19.62 -19.38 39.58
C HIS B 341 20.57 -19.14 38.42
N SER B 342 20.07 -19.35 37.20
CA SER B 342 20.86 -19.16 35.98
C SER B 342 20.45 -17.83 35.36
N PHE B 343 21.33 -16.83 35.46
CA PHE B 343 20.98 -15.49 35.02
C PHE B 343 22.15 -14.84 34.29
N ASN B 344 21.91 -13.64 33.78
CA ASN B 344 22.87 -12.89 32.98
C ASN B 344 23.22 -11.61 33.72
N CYS B 345 24.51 -11.33 33.83
CA CYS B 345 25.02 -10.10 34.42
C CYS B 345 26.26 -9.66 33.68
N GLY B 346 26.26 -8.42 33.21
CA GLY B 346 27.39 -7.86 32.50
C GLY B 346 27.76 -8.54 31.20
N GLY B 347 26.82 -9.23 30.57
CA GLY B 347 27.13 -10.06 29.43
C GLY B 347 27.73 -11.39 29.76
N GLU B 348 27.60 -11.86 31.00
CA GLU B 348 28.13 -13.16 31.40
C GLU B 348 27.06 -13.97 32.10
N PHE B 349 27.18 -15.29 31.99
CA PHE B 349 26.15 -16.22 32.43
C PHE B 349 26.58 -16.84 33.75
N PHE B 350 25.84 -16.53 34.82
CA PHE B 350 26.17 -16.99 36.16
C PHE B 350 25.14 -18.01 36.63
N TYR B 351 25.62 -19.00 37.39
CA TYR B 351 24.79 -20.06 37.94
C TYR B 351 25.00 -20.03 39.45
N CYS B 352 24.03 -19.50 40.18
CA CYS B 352 24.15 -19.31 41.63
C CYS B 352 23.24 -20.29 42.35
N ASN B 353 23.81 -21.10 43.23
CA ASN B 353 23.03 -22.02 44.04
C ASN B 353 22.17 -21.25 45.03
N THR B 354 20.95 -21.75 45.27
CA THR B 354 19.97 -21.04 46.09
C THR B 354 19.47 -21.87 47.25
N SER B 355 20.27 -22.83 47.73
CA SER B 355 19.84 -23.70 48.81
C SER B 355 19.75 -22.98 50.15
N GLY B 356 20.47 -21.87 50.33
CA GLY B 356 20.38 -21.12 51.57
C GLY B 356 19.04 -20.42 51.74
N LEU B 357 18.51 -19.87 50.65
CA LEU B 357 17.26 -19.11 50.74
C LEU B 357 16.06 -20.02 50.95
N PHE B 358 15.99 -21.11 50.18
CA PHE B 358 14.83 -22.00 50.22
C PHE B 358 15.10 -23.20 51.12
N ASN B 359 15.19 -22.91 52.42
CA ASN B 359 15.26 -23.99 53.42
C ASN B 359 14.62 -23.47 54.71
N SER B 360 13.32 -23.74 54.87
CA SER B 360 12.61 -23.30 56.06
C SER B 360 11.33 -24.10 56.23
N THR B 361 10.83 -24.13 57.47
CA THR B 361 9.59 -24.79 57.83
C THR B 361 8.71 -23.80 58.57
N TRP B 362 7.47 -23.62 58.13
CA TRP B 362 6.61 -22.59 58.70
C TRP B 362 5.37 -23.25 59.27
N ILE B 363 5.09 -22.91 60.53
CA ILE B 363 4.09 -23.54 61.39
C ILE B 363 2.70 -22.99 61.12
N SER B 364 1.69 -23.61 61.73
CA SER B 364 0.30 -23.18 61.56
C SER B 364 0.06 -21.78 62.12
N ASN B 365 0.67 -21.46 63.26
CA ASN B 365 0.50 -20.14 63.85
C ASN B 365 1.83 -19.60 64.38
N SER B 379 24.24 -12.23 56.26
CA SER B 379 23.92 -12.31 54.84
C SER B 379 24.06 -13.74 54.33
N ILE B 380 23.12 -14.15 53.48
CA ILE B 380 23.12 -15.50 52.92
C ILE B 380 24.21 -15.60 51.86
N THR B 381 25.06 -16.61 51.98
CA THR B 381 26.16 -16.82 51.04
C THR B 381 25.75 -17.83 49.98
N LEU B 382 25.98 -17.50 48.71
CA LEU B 382 25.58 -18.34 47.60
C LEU B 382 26.79 -18.76 46.78
N PRO B 383 26.99 -20.06 46.55
CA PRO B 383 28.08 -20.51 45.67
C PRO B 383 27.71 -20.30 44.21
N CYS B 384 28.35 -19.31 43.58
CA CYS B 384 28.08 -18.96 42.20
C CYS B 384 29.23 -19.44 41.31
N ARG B 385 28.87 -20.05 40.19
CA ARG B 385 29.84 -20.48 39.19
C ARG B 385 29.63 -19.68 37.91
N ILE B 386 30.70 -19.08 37.41
CA ILE B 386 30.68 -18.52 36.06
C ILE B 386 30.97 -19.64 35.08
N LYS B 387 30.09 -19.81 34.11
CA LYS B 387 30.15 -20.96 33.22
C LYS B 387 30.46 -20.52 31.80
N GLN B 388 30.92 -21.48 31.00
CA GLN B 388 31.39 -21.24 29.65
C GLN B 388 30.60 -22.00 28.60
N ILE B 389 30.09 -23.19 28.92
CA ILE B 389 29.23 -23.96 28.04
C ILE B 389 27.82 -23.94 28.64
N ILE B 390 26.88 -23.38 27.89
CA ILE B 390 25.53 -23.12 28.38
C ILE B 390 24.51 -23.81 27.47
N ASN B 391 23.23 -23.61 27.76
CA ASN B 391 22.14 -24.06 26.91
C ASN B 391 21.46 -22.87 26.25
N MET B 392 20.38 -23.13 25.54
CA MET B 392 19.76 -22.17 24.64
C MET B 392 18.26 -22.14 24.92
N TRP B 393 17.59 -21.07 24.47
CA TRP B 393 16.15 -20.89 24.70
C TRP B 393 15.30 -21.87 23.91
N GLN B 394 15.09 -23.05 24.48
CA GLN B 394 14.11 -24.07 24.07
C GLN B 394 14.37 -24.66 22.69
N ARG B 395 15.51 -24.39 22.09
CA ARG B 395 16.01 -25.18 20.97
C ARG B 395 17.30 -25.87 21.42
N ILE B 396 17.38 -27.16 21.17
CA ILE B 396 18.33 -28.01 21.85
C ILE B 396 19.66 -28.04 21.08
N GLY B 397 20.71 -28.46 21.79
CA GLY B 397 22.01 -28.68 21.18
C GLY B 397 22.73 -27.43 20.74
N GLN B 398 23.10 -26.57 21.68
CA GLN B 398 23.85 -25.37 21.36
C GLN B 398 24.74 -25.00 22.53
N ALA B 399 25.80 -24.26 22.22
CA ALA B 399 26.75 -23.79 23.21
C ALA B 399 27.44 -22.55 22.68
N MET B 400 27.35 -21.46 23.44
CA MET B 400 27.95 -20.18 23.06
C MET B 400 29.21 -19.99 23.89
N TYR B 401 30.33 -19.75 23.21
CA TYR B 401 31.61 -19.60 23.89
C TYR B 401 31.65 -18.28 24.65
N ALA B 402 31.80 -18.36 25.97
CA ALA B 402 31.77 -17.20 26.86
C ALA B 402 33.08 -17.14 27.63
N PRO B 403 34.11 -16.49 27.08
CA PRO B 403 35.35 -16.29 27.83
C PRO B 403 35.16 -15.25 28.92
N PRO B 404 35.60 -15.54 30.17
CA PRO B 404 35.36 -14.63 31.30
C PRO B 404 35.98 -13.25 31.13
N ILE B 405 35.15 -12.21 31.29
CA ILE B 405 35.59 -10.85 31.02
C ILE B 405 36.51 -10.37 32.13
N GLN B 406 37.69 -9.88 31.75
CA GLN B 406 38.69 -9.49 32.71
C GLN B 406 38.31 -8.19 33.42
N GLY B 407 38.67 -8.10 34.68
CA GLY B 407 38.29 -6.98 35.53
C GLY B 407 37.26 -7.38 36.56
N VAL B 408 36.95 -6.43 37.44
CA VAL B 408 35.99 -6.64 38.51
C VAL B 408 34.60 -6.36 37.94
N ILE B 409 33.91 -7.43 37.55
CA ILE B 409 32.55 -7.31 37.03
C ILE B 409 31.60 -7.28 38.20
N ARG B 410 30.49 -6.56 38.07
CA ARG B 410 29.56 -6.46 39.19
C ARG B 410 28.15 -6.29 38.66
N CYS B 411 27.19 -6.54 39.56
CA CYS B 411 25.76 -6.48 39.26
C CYS B 411 25.11 -5.56 40.27
N VAL B 412 24.07 -4.84 39.83
CA VAL B 412 23.14 -4.18 40.73
C VAL B 412 21.73 -4.38 40.21
N SER B 413 20.89 -5.02 41.02
CA SER B 413 19.55 -5.43 40.61
C SER B 413 18.72 -5.76 41.84
N ASN B 414 17.46 -6.11 41.60
CA ASN B 414 16.53 -6.43 42.66
C ASN B 414 15.62 -7.60 42.30
N ILE B 415 15.46 -8.50 43.27
CA ILE B 415 14.52 -9.61 43.16
C ILE B 415 13.11 -9.06 43.31
N THR B 416 12.24 -9.40 42.37
CA THR B 416 10.85 -8.96 42.36
C THR B 416 9.86 -10.10 42.31
N GLY B 417 10.15 -11.17 41.57
CA GLY B 417 9.18 -12.24 41.38
C GLY B 417 9.83 -13.60 41.54
N LEU B 418 8.97 -14.58 41.80
CA LEU B 418 9.39 -15.96 42.03
C LEU B 418 8.55 -16.92 41.20
N ILE B 419 9.19 -18.02 40.81
CA ILE B 419 8.52 -19.17 40.21
C ILE B 419 8.52 -20.28 41.23
N LEU B 420 7.34 -20.84 41.51
CA LEU B 420 7.20 -21.88 42.52
C LEU B 420 6.50 -23.08 41.91
N THR B 421 6.87 -24.27 42.38
CA THR B 421 6.23 -25.52 41.96
C THR B 421 5.80 -26.30 43.19
N ARG B 422 4.66 -26.97 43.09
CA ARG B 422 4.16 -27.80 44.17
C ARG B 422 4.83 -29.17 44.14
N ASP B 423 4.54 -29.97 45.16
CA ASP B 423 5.11 -31.31 45.27
C ASP B 423 4.33 -32.31 44.40
N THR B 427 -0.83 -38.89 52.09
CA THR B 427 -0.21 -38.24 53.25
C THR B 427 -0.05 -36.74 53.02
N ASN B 428 -0.69 -36.25 51.96
CA ASN B 428 -0.64 -34.82 51.61
C ASN B 428 -1.79 -34.11 52.29
N SER B 429 -1.64 -33.92 53.60
CA SER B 429 -2.73 -33.35 54.39
C SER B 429 -2.28 -32.18 55.27
N THR B 430 -1.02 -32.19 55.70
CA THR B 430 -0.54 -31.22 56.68
C THR B 430 0.65 -30.41 56.17
N THR B 431 1.63 -31.06 55.56
CA THR B 431 2.86 -30.39 55.15
C THR B 431 2.89 -30.27 53.63
N GLU B 432 3.14 -29.05 53.15
CA GLU B 432 3.27 -28.78 51.72
C GLU B 432 4.68 -28.27 51.44
N THR B 433 5.35 -28.90 50.48
CA THR B 433 6.72 -28.57 50.12
C THR B 433 6.70 -27.79 48.81
N PHE B 434 7.32 -26.60 48.81
CA PHE B 434 7.34 -25.72 47.66
C PHE B 434 8.78 -25.55 47.18
N ARG B 435 8.98 -25.57 45.87
CA ARG B 435 10.31 -25.58 45.29
C ARG B 435 10.42 -24.52 44.20
N PRO B 436 11.59 -23.91 44.06
CA PRO B 436 11.81 -22.99 42.94
C PRO B 436 11.89 -23.73 41.61
N GLY B 437 11.46 -23.05 40.55
CA GLY B 437 11.42 -23.64 39.23
C GLY B 437 11.80 -22.66 38.14
N GLY B 438 10.98 -22.59 37.09
CA GLY B 438 11.24 -21.66 36.01
C GLY B 438 11.48 -22.33 34.68
N GLY B 439 12.63 -22.08 34.08
CA GLY B 439 12.98 -22.72 32.82
C GLY B 439 12.41 -22.04 31.61
N ASP B 440 11.09 -21.92 31.54
CA ASP B 440 10.44 -21.26 30.42
C ASP B 440 10.52 -19.75 30.59
N MET B 441 10.96 -19.05 29.54
CA MET B 441 11.05 -17.60 29.59
C MET B 441 9.70 -16.93 29.41
N ARG B 442 8.73 -17.63 28.82
CA ARG B 442 7.39 -17.07 28.66
C ARG B 442 6.70 -16.88 30.01
N ASP B 443 7.03 -17.73 30.99
CA ASP B 443 6.58 -17.48 32.36
C ASP B 443 7.29 -16.27 32.96
N ASN B 444 8.54 -16.03 32.56
CA ASN B 444 9.25 -14.86 33.06
C ASN B 444 8.75 -13.57 32.45
N TRP B 445 8.11 -13.62 31.29
CA TRP B 445 7.48 -12.43 30.76
C TRP B 445 5.98 -12.36 30.98
N ARG B 446 5.35 -13.44 31.44
CA ARG B 446 3.92 -13.39 31.73
C ARG B 446 3.64 -12.69 33.06
N SER B 447 4.67 -12.49 33.89
CA SER B 447 4.51 -11.79 35.15
C SER B 447 4.49 -10.28 34.99
N GLU B 448 4.80 -9.75 33.79
CA GLU B 448 4.81 -8.32 33.56
C GLU B 448 4.00 -7.89 32.35
N LEU B 449 3.39 -8.83 31.63
CA LEU B 449 2.40 -8.52 30.60
C LEU B 449 1.06 -9.17 30.96
N TYR B 450 0.77 -9.23 32.26
CA TYR B 450 -0.45 -9.83 32.75
C TYR B 450 -1.64 -8.88 32.77
N LYS B 451 -1.40 -7.59 32.58
CA LYS B 451 -2.46 -6.60 32.67
C LYS B 451 -3.08 -6.26 31.33
N TYR B 452 -2.46 -6.65 30.22
CA TYR B 452 -2.76 -6.05 28.92
C TYR B 452 -3.37 -7.08 27.97
N LYS B 453 -4.41 -6.66 27.26
CA LYS B 453 -5.01 -7.47 26.22
C LYS B 453 -5.25 -6.60 24.99
N VAL B 454 -5.39 -7.25 23.84
CA VAL B 454 -5.54 -6.56 22.55
C VAL B 454 -6.97 -6.71 22.08
N VAL B 455 -7.58 -5.60 21.67
CA VAL B 455 -8.95 -5.63 21.16
C VAL B 455 -8.99 -4.96 19.79
N LYS B 456 -9.93 -5.42 18.97
CA LYS B 456 -10.14 -4.92 17.62
C LYS B 456 -11.48 -4.20 17.55
N ILE B 457 -11.48 -2.97 17.06
CA ILE B 457 -12.70 -2.18 16.98
C ILE B 457 -13.51 -2.62 15.77
N GLU B 458 -14.81 -2.84 15.99
CA GLU B 458 -15.75 -3.17 14.92
C GLU B 458 -16.81 -2.08 14.93
N PRO B 459 -16.57 -0.97 14.22
CA PRO B 459 -17.37 0.25 14.43
C PRO B 459 -18.76 0.21 13.83
N LEU B 460 -19.12 -0.83 13.07
CA LEU B 460 -20.42 -0.89 12.42
C LEU B 460 -21.46 -1.49 13.37
N GLY B 461 -22.64 -0.89 13.40
CA GLY B 461 -23.70 -1.39 14.26
C GLY B 461 -25.06 -1.11 13.67
N VAL B 462 -26.06 -1.80 14.20
CA VAL B 462 -27.45 -1.62 13.79
C VAL B 462 -28.29 -1.36 15.03
N ALA B 463 -29.38 -0.61 14.85
CA ALA B 463 -30.22 -0.24 15.98
C ALA B 463 -31.65 0.02 15.55
N PRO B 464 -32.64 -0.36 16.36
CA PRO B 464 -34.04 -0.05 16.02
C PRO B 464 -34.39 1.38 16.36
N THR B 465 -34.95 2.10 15.38
CA THR B 465 -35.27 3.51 15.51
C THR B 465 -36.50 3.80 14.68
N ARG B 466 -37.42 4.59 15.22
CA ARG B 466 -38.58 5.05 14.46
C ARG B 466 -38.15 6.09 13.45
N CYS B 467 -37.72 5.66 12.27
CA CYS B 467 -37.23 6.56 11.24
C CYS B 467 -37.49 5.95 9.87
N LYS B 468 -37.86 6.80 8.91
CA LYS B 468 -38.07 6.39 7.52
C LYS B 468 -37.46 7.43 6.60
N ARG B 469 -36.85 6.97 5.52
CA ARG B 469 -36.27 7.89 4.54
C ARG B 469 -37.14 7.99 3.30
N ASN C 1 -36.14 9.29 -26.22
CA ASN C 1 -34.78 8.96 -26.62
C ASN C 1 -34.04 8.25 -25.49
N LEU C 2 -32.87 7.72 -25.79
CA LEU C 2 -32.09 6.98 -24.82
C LEU C 2 -31.09 7.90 -24.12
N TRP C 3 -30.75 7.55 -22.87
CA TRP C 3 -29.87 8.36 -22.05
C TRP C 3 -28.83 7.48 -21.38
N VAL C 4 -27.69 8.08 -21.02
CA VAL C 4 -26.54 7.31 -20.58
C VAL C 4 -26.72 6.92 -19.12
N THR C 5 -26.54 5.65 -18.82
CA THR C 5 -26.58 5.13 -17.46
C THR C 5 -25.26 4.45 -17.15
N VAL C 6 -24.73 4.75 -15.96
CA VAL C 6 -23.42 4.28 -15.52
C VAL C 6 -23.62 3.09 -14.58
N TYR C 7 -23.06 1.94 -14.95
CA TYR C 7 -23.19 0.71 -14.19
C TYR C 7 -21.84 0.36 -13.59
N TYR C 8 -21.82 0.13 -12.28
CA TYR C 8 -20.62 -0.30 -11.57
C TYR C 8 -20.80 -1.75 -11.13
N GLY C 9 -19.88 -2.61 -11.53
CA GLY C 9 -19.97 -4.02 -11.23
C GLY C 9 -20.28 -4.88 -12.43
N VAL C 10 -19.73 -4.52 -13.59
CA VAL C 10 -19.99 -5.23 -14.82
C VAL C 10 -19.01 -6.39 -14.95
N PRO C 11 -19.47 -7.61 -15.23
CA PRO C 11 -18.55 -8.75 -15.43
C PRO C 11 -17.91 -8.76 -16.80
N VAL C 12 -16.99 -7.84 -17.05
CA VAL C 12 -16.18 -7.86 -18.26
C VAL C 12 -14.71 -7.80 -17.86
N TRP C 13 -13.85 -8.36 -18.71
CA TRP C 13 -12.44 -8.48 -18.42
C TRP C 13 -11.62 -8.15 -19.67
N LYS C 14 -10.36 -7.80 -19.44
CA LYS C 14 -9.38 -7.61 -20.50
C LYS C 14 -8.15 -8.46 -20.20
N ASP C 15 -7.25 -8.53 -21.19
CA ASP C 15 -6.02 -9.29 -21.03
C ASP C 15 -4.93 -8.38 -20.49
N ALA C 16 -4.37 -8.75 -19.34
CA ALA C 16 -3.24 -8.04 -18.75
C ALA C 16 -2.45 -9.01 -17.89
N GLU C 17 -1.17 -8.71 -17.72
CA GLU C 17 -0.27 -9.58 -16.98
C GLU C 17 0.10 -8.95 -15.64
N THR C 18 0.27 -9.79 -14.63
CA THR C 18 0.60 -9.33 -13.28
C THR C 18 1.39 -10.41 -12.57
N THR C 19 1.91 -10.05 -11.40
CA THR C 19 2.68 -10.99 -10.59
C THR C 19 1.75 -11.86 -9.76
N LEU C 20 1.95 -13.18 -9.85
CA LEU C 20 1.15 -14.15 -9.11
C LEU C 20 1.99 -14.66 -7.95
N PHE C 21 1.39 -14.75 -6.76
CA PHE C 21 2.17 -15.20 -5.63
C PHE C 21 1.98 -16.70 -5.40
N CYS C 22 3.05 -17.34 -4.92
CA CYS C 22 3.03 -18.77 -4.71
C CYS C 22 2.29 -19.12 -3.42
N ALA C 23 1.74 -20.33 -3.39
CA ALA C 23 0.96 -20.84 -2.27
C ALA C 23 1.27 -22.33 -2.13
N SER C 24 2.01 -22.68 -1.09
CA SER C 24 2.33 -24.06 -0.79
C SER C 24 1.75 -24.39 0.59
N ASP C 25 1.74 -25.69 0.91
CA ASP C 25 1.05 -26.27 2.09
C ASP C 25 1.19 -25.57 3.43
N TRP C 37 11.61 -25.80 2.63
CA TRP C 37 12.07 -25.73 1.25
C TRP C 37 11.67 -24.40 0.63
N ALA C 38 10.36 -24.17 0.51
CA ALA C 38 9.81 -22.92 0.01
C ALA C 38 8.78 -22.36 0.97
N THR C 39 8.95 -22.62 2.27
CA THR C 39 8.03 -22.10 3.27
C THR C 39 8.22 -20.60 3.47
N HIS C 40 9.46 -20.13 3.33
CA HIS C 40 9.80 -18.73 3.61
C HIS C 40 9.51 -17.79 2.45
N ALA C 41 8.78 -18.23 1.42
CA ALA C 41 8.38 -17.34 0.34
C ALA C 41 6.94 -17.51 -0.10
N CYS C 42 6.20 -18.48 0.46
CA CYS C 42 4.86 -18.80 -0.02
C CYS C 42 3.85 -18.72 1.11
N VAL C 43 2.66 -18.26 0.76
CA VAL C 43 1.51 -18.13 1.67
C VAL C 43 0.98 -19.55 1.86
N PRO C 44 0.35 -19.92 2.99
CA PRO C 44 -0.30 -21.22 3.06
C PRO C 44 -1.55 -21.29 2.18
N THR C 45 -1.86 -22.52 1.75
CA THR C 45 -2.83 -22.75 0.70
C THR C 45 -4.27 -22.52 1.18
N ASP C 46 -5.17 -22.52 0.21
CA ASP C 46 -6.60 -22.38 0.49
C ASP C 46 -7.14 -23.73 1.01
N PRO C 47 -7.79 -23.74 2.18
CA PRO C 47 -8.38 -24.99 2.67
C PRO C 47 -9.47 -25.57 1.78
N ASN C 48 -10.25 -24.73 1.10
CA ASN C 48 -11.23 -25.21 0.13
C ASN C 48 -11.00 -24.66 -1.27
N PRO C 49 -10.88 -25.53 -2.29
CA PRO C 49 -10.68 -25.04 -3.66
C PRO C 49 -11.95 -24.52 -4.30
N GLN C 50 -12.29 -23.25 -4.05
CA GLN C 50 -13.50 -22.67 -4.61
C GLN C 50 -13.27 -22.40 -6.10
N GLU C 51 -13.74 -23.33 -6.94
CA GLU C 51 -13.65 -23.23 -8.39
C GLU C 51 -15.06 -23.10 -8.94
N ILE C 52 -15.29 -22.10 -9.79
CA ILE C 52 -16.65 -21.82 -10.25
C ILE C 52 -16.69 -21.77 -11.78
N HIS C 53 -17.52 -22.62 -12.36
CA HIS C 53 -17.71 -22.64 -13.81
C HIS C 53 -18.58 -21.46 -14.23
N LEU C 54 -18.50 -21.10 -15.52
CA LEU C 54 -19.32 -20.01 -16.03
C LEU C 54 -20.16 -20.53 -17.19
N GLU C 55 -21.45 -20.20 -17.17
CA GLU C 55 -22.32 -20.59 -18.27
C GLU C 55 -22.01 -19.73 -19.49
N ASN C 56 -22.14 -20.35 -20.67
CA ASN C 56 -21.86 -19.76 -21.99
C ASN C 56 -20.41 -19.26 -22.01
N VAL C 57 -20.15 -18.02 -22.43
CA VAL C 57 -18.86 -17.30 -22.50
C VAL C 57 -17.70 -18.17 -23.01
N THR C 58 -17.74 -18.51 -24.29
CA THR C 58 -16.58 -19.09 -24.96
C THR C 58 -15.51 -18.01 -25.11
N GLU C 59 -14.24 -18.39 -25.03
CA GLU C 59 -13.17 -17.40 -25.12
C GLU C 59 -11.90 -18.05 -25.62
N GLU C 60 -11.11 -17.28 -26.38
CA GLU C 60 -9.85 -17.76 -26.92
C GLU C 60 -8.81 -17.99 -25.82
N PHE C 61 -7.90 -18.91 -26.09
CA PHE C 61 -6.76 -19.17 -25.24
C PHE C 61 -5.53 -19.28 -26.12
N ASN C 62 -4.37 -18.97 -25.54
CA ASN C 62 -3.09 -19.09 -26.22
C ASN C 62 -2.04 -19.48 -25.19
N MET C 63 -1.38 -20.61 -25.41
CA MET C 63 -0.38 -21.09 -24.48
C MET C 63 1.06 -20.84 -24.95
N TRP C 64 1.26 -20.61 -26.24
CA TRP C 64 2.60 -20.33 -26.74
C TRP C 64 3.06 -18.91 -26.47
N LYS C 65 2.12 -17.99 -26.24
CA LYS C 65 2.45 -16.59 -25.96
C LYS C 65 2.04 -16.19 -24.55
N ASN C 66 1.96 -17.16 -23.63
CA ASN C 66 1.52 -16.89 -22.28
C ASN C 66 2.61 -16.18 -21.49
N ASN C 67 2.21 -15.51 -20.41
CA ASN C 67 3.17 -14.85 -19.52
C ASN C 67 2.91 -15.31 -18.08
N MET C 68 2.71 -16.60 -17.90
CA MET C 68 2.94 -17.25 -16.62
C MET C 68 4.10 -18.22 -16.66
N VAL C 69 4.55 -18.61 -17.85
CA VAL C 69 5.72 -19.48 -17.95
C VAL C 69 6.99 -18.69 -17.66
N GLU C 70 7.03 -17.40 -17.98
CA GLU C 70 8.20 -16.59 -17.66
C GLU C 70 8.29 -16.33 -16.16
N GLN C 71 7.16 -16.05 -15.53
CA GLN C 71 7.13 -15.84 -14.08
C GLN C 71 7.45 -17.13 -13.34
N MET C 72 6.95 -18.27 -13.84
CA MET C 72 7.28 -19.56 -13.25
C MET C 72 8.76 -19.88 -13.42
N HIS C 73 9.33 -19.54 -14.58
CA HIS C 73 10.75 -19.77 -14.84
C HIS C 73 11.62 -18.94 -13.90
N THR C 74 11.27 -17.66 -13.71
CA THR C 74 12.02 -16.80 -12.80
C THR C 74 11.87 -17.26 -11.36
N ASP C 75 10.66 -17.69 -10.97
CA ASP C 75 10.42 -18.16 -9.61
C ASP C 75 11.18 -19.46 -9.31
N ILE C 76 11.28 -20.34 -10.31
CA ILE C 76 11.99 -21.60 -10.07
C ILE C 76 13.51 -21.40 -10.10
N ILE C 77 14.01 -20.46 -10.90
CA ILE C 77 15.42 -20.09 -10.80
C ILE C 77 15.73 -19.49 -9.42
N SER C 78 14.81 -18.65 -8.91
CA SER C 78 15.00 -18.06 -7.59
C SER C 78 14.93 -19.10 -6.46
N LEU C 79 14.03 -20.07 -6.58
CA LEU C 79 13.89 -21.11 -5.56
C LEU C 79 14.79 -22.31 -5.80
N TRP C 80 15.61 -22.30 -6.85
CA TRP C 80 16.62 -23.32 -7.07
C TRP C 80 18.01 -22.82 -6.70
N ASP C 81 18.42 -21.65 -7.22
CA ASP C 81 19.77 -21.16 -6.98
C ASP C 81 19.98 -20.70 -5.55
N GLN C 82 18.92 -20.34 -4.84
CA GLN C 82 19.03 -20.07 -3.42
C GLN C 82 19.20 -21.36 -2.62
N SER C 83 18.58 -22.44 -3.08
CA SER C 83 18.61 -23.73 -2.39
C SER C 83 19.88 -24.54 -2.68
N LEU C 84 20.77 -24.04 -3.52
CA LEU C 84 22.04 -24.72 -3.77
C LEU C 84 23.15 -23.68 -3.94
N THR C 170 30.62 -26.44 -6.61
CA THR C 170 30.10 -26.04 -5.30
C THR C 170 30.55 -27.01 -4.22
N GLN C 171 31.03 -26.46 -3.10
CA GLN C 171 31.50 -27.23 -1.96
C GLN C 171 30.42 -27.28 -0.88
N ALA C 172 29.17 -27.40 -1.31
CA ALA C 172 28.04 -27.46 -0.39
C ALA C 172 28.02 -28.79 0.35
N CYS C 173 27.32 -28.79 1.48
CA CYS C 173 27.19 -29.98 2.31
C CYS C 173 26.31 -31.02 1.61
N PRO C 174 26.48 -32.30 1.94
CA PRO C 174 25.61 -33.35 1.38
C PRO C 174 24.23 -33.42 1.99
N LYS C 175 23.78 -32.39 2.73
CA LYS C 175 22.44 -32.32 3.30
C LYS C 175 21.38 -31.84 2.31
N VAL C 176 21.65 -31.90 1.01
CA VAL C 176 20.68 -31.49 0.01
C VAL C 176 19.54 -32.51 -0.05
N SER C 177 18.32 -32.01 -0.11
CA SER C 177 17.10 -32.81 -0.01
C SER C 177 16.11 -32.41 -1.10
N PHE C 178 16.57 -32.36 -2.35
CA PHE C 178 15.72 -31.94 -3.45
C PHE C 178 14.67 -32.98 -3.81
N GLU C 179 13.52 -32.92 -3.16
CA GLU C 179 12.33 -33.63 -3.56
C GLU C 179 11.27 -32.63 -3.96
N PRO C 180 10.74 -32.70 -5.19
CA PRO C 180 9.77 -31.69 -5.65
C PRO C 180 8.44 -31.80 -4.92
N ILE C 181 7.94 -30.65 -4.49
CA ILE C 181 6.68 -30.56 -3.77
C ILE C 181 5.69 -29.80 -4.66
N PRO C 182 4.39 -29.97 -4.43
CA PRO C 182 3.41 -29.15 -5.15
C PRO C 182 3.56 -27.67 -4.80
N ILE C 183 3.36 -26.82 -5.79
CA ILE C 183 3.31 -25.37 -5.60
C ILE C 183 2.08 -24.85 -6.32
N HIS C 184 1.40 -23.89 -5.71
CA HIS C 184 0.24 -23.25 -6.31
C HIS C 184 0.54 -21.81 -6.64
N TYR C 185 -0.14 -21.29 -7.66
CA TYR C 185 -0.02 -19.90 -8.09
C TYR C 185 -1.38 -19.24 -7.95
N CYS C 186 -1.44 -18.17 -7.17
CA CYS C 186 -2.71 -17.46 -6.97
C CYS C 186 -2.52 -15.99 -7.33
N ALA C 187 -3.61 -15.40 -7.85
CA ALA C 187 -3.77 -14.03 -8.33
C ALA C 187 -4.17 -13.11 -7.19
N PRO C 188 -3.70 -11.86 -7.21
CA PRO C 188 -4.10 -10.91 -6.16
C PRO C 188 -5.51 -10.38 -6.35
N ALA C 189 -5.90 -9.42 -5.51
CA ALA C 189 -7.22 -8.82 -5.61
C ALA C 189 -7.35 -8.01 -6.89
N GLY C 190 -8.37 -8.34 -7.70
CA GLY C 190 -8.65 -7.66 -8.93
C GLY C 190 -8.51 -8.53 -10.17
N PHE C 191 -7.55 -9.45 -10.16
CA PHE C 191 -7.29 -10.32 -11.30
C PHE C 191 -7.96 -11.67 -11.10
N ALA C 192 -8.13 -12.39 -12.21
CA ALA C 192 -8.74 -13.71 -12.18
C ALA C 192 -7.95 -14.68 -13.03
N ILE C 193 -8.05 -15.95 -12.68
CA ILE C 193 -7.34 -17.03 -13.37
C ILE C 193 -8.41 -17.87 -14.08
N LEU C 194 -8.52 -17.69 -15.39
CA LEU C 194 -9.49 -18.42 -16.19
C LEU C 194 -8.88 -19.74 -16.63
N LYS C 195 -9.70 -20.79 -16.62
CA LYS C 195 -9.28 -22.16 -16.87
C LYS C 195 -10.20 -22.77 -17.92
N CYS C 196 -9.61 -23.37 -18.94
CA CYS C 196 -10.36 -24.03 -20.00
C CYS C 196 -10.39 -25.53 -19.73
N LYS C 197 -11.58 -26.08 -19.53
CA LYS C 197 -11.74 -27.47 -19.15
C LYS C 197 -12.26 -28.34 -20.29
N ASP C 198 -12.05 -27.92 -21.53
CA ASP C 198 -12.41 -28.75 -22.67
C ASP C 198 -11.41 -29.89 -22.83
N LYS C 199 -11.93 -31.10 -23.06
CA LYS C 199 -11.05 -32.26 -23.20
C LYS C 199 -10.32 -32.25 -24.53
N LYS C 200 -10.92 -31.65 -25.57
CA LYS C 200 -10.27 -31.46 -26.86
C LYS C 200 -9.73 -30.04 -26.90
N PHE C 201 -8.41 -29.90 -26.91
CA PHE C 201 -7.76 -28.60 -26.84
C PHE C 201 -6.40 -28.72 -27.51
N ASN C 202 -6.25 -28.14 -28.70
CA ASN C 202 -5.02 -28.22 -29.47
C ASN C 202 -4.01 -27.14 -29.10
N GLY C 203 -4.21 -26.47 -27.96
CA GLY C 203 -3.24 -25.50 -27.48
C GLY C 203 -3.68 -24.07 -27.62
N THR C 204 -4.25 -23.71 -28.77
CA THR C 204 -4.65 -22.34 -29.03
C THR C 204 -6.02 -22.32 -29.68
N GLY C 205 -6.69 -21.18 -29.59
CA GLY C 205 -7.98 -21.02 -30.20
C GLY C 205 -9.09 -20.91 -29.18
N PRO C 206 -10.34 -20.93 -29.63
CA PRO C 206 -11.47 -20.76 -28.70
C PRO C 206 -11.70 -21.98 -27.83
N CYS C 207 -12.18 -21.72 -26.61
CA CYS C 207 -12.59 -22.75 -25.67
C CYS C 207 -14.07 -22.53 -25.36
N PRO C 208 -14.92 -23.53 -25.58
CA PRO C 208 -16.37 -23.34 -25.37
C PRO C 208 -16.77 -23.20 -23.90
N SER C 209 -16.10 -23.87 -22.98
CA SER C 209 -16.53 -23.89 -21.58
C SER C 209 -15.39 -23.40 -20.71
N VAL C 210 -15.65 -22.36 -19.91
CA VAL C 210 -14.62 -21.66 -19.15
C VAL C 210 -15.04 -21.66 -17.68
N SER C 211 -14.11 -22.04 -16.81
CA SER C 211 -14.27 -21.84 -15.38
C SER C 211 -13.28 -20.79 -14.92
N THR C 212 -13.46 -20.31 -13.69
CA THR C 212 -12.46 -19.47 -13.06
C THR C 212 -12.12 -20.03 -11.69
N VAL C 213 -10.83 -19.92 -11.35
CA VAL C 213 -10.29 -20.48 -10.12
C VAL C 213 -9.52 -19.39 -9.39
N GLN C 214 -9.49 -19.50 -8.06
CA GLN C 214 -8.65 -18.61 -7.27
C GLN C 214 -7.18 -19.05 -7.33
N CYS C 215 -6.95 -20.36 -7.33
CA CYS C 215 -5.60 -20.91 -7.37
C CYS C 215 -5.57 -22.13 -8.28
N THR C 216 -4.39 -22.43 -8.80
CA THR C 216 -4.18 -23.55 -9.71
C THR C 216 -4.26 -24.90 -9.01
N HIS C 217 -4.27 -25.95 -9.82
CA HIS C 217 -3.97 -27.29 -9.34
C HIS C 217 -2.46 -27.47 -9.23
N GLY C 218 -2.06 -28.43 -8.41
CA GLY C 218 -0.67 -28.52 -7.97
C GLY C 218 0.29 -28.88 -9.10
N ILE C 219 1.30 -28.02 -9.30
CA ILE C 219 2.33 -28.23 -10.30
C ILE C 219 3.62 -28.53 -9.57
N LYS C 220 4.20 -29.69 -9.84
CA LYS C 220 5.51 -29.99 -9.28
C LYS C 220 6.57 -29.39 -10.17
N PRO C 221 7.45 -28.53 -9.66
CA PRO C 221 8.53 -27.99 -10.49
C PRO C 221 9.61 -29.02 -10.78
N VAL C 222 9.27 -29.97 -11.64
CA VAL C 222 10.19 -31.03 -12.05
C VAL C 222 11.15 -30.47 -13.09
N VAL C 223 12.36 -31.03 -13.13
CA VAL C 223 13.36 -30.69 -14.13
C VAL C 223 13.75 -31.96 -14.85
N SER C 224 13.53 -31.99 -16.16
CA SER C 224 13.94 -33.11 -17.01
C SER C 224 14.07 -32.59 -18.43
N THR C 225 14.74 -33.39 -19.27
CA THR C 225 14.74 -33.21 -20.70
C THR C 225 14.17 -34.47 -21.33
N GLN C 226 13.77 -34.35 -22.60
CA GLN C 226 13.21 -35.42 -23.43
C GLN C 226 11.92 -36.01 -22.87
N LEU C 227 11.98 -36.64 -21.71
CA LEU C 227 10.85 -37.31 -21.10
C LEU C 227 10.36 -36.50 -19.91
N LEU C 228 9.05 -36.24 -19.86
CA LEU C 228 8.45 -35.47 -18.77
C LEU C 228 8.09 -36.39 -17.60
N LEU C 229 8.50 -35.99 -16.39
CA LEU C 229 8.27 -36.78 -15.20
C LEU C 229 7.35 -36.06 -14.23
N ASN C 230 6.54 -36.84 -13.51
CA ASN C 230 5.68 -36.39 -12.41
C ASN C 230 4.69 -35.31 -12.84
N GLY C 231 4.24 -35.35 -14.09
CA GLY C 231 3.35 -34.35 -14.63
C GLY C 231 1.90 -34.61 -14.29
N SER C 232 1.02 -33.87 -14.97
CA SER C 232 -0.42 -34.03 -14.84
C SER C 232 -0.96 -34.58 -16.15
N LEU C 233 -1.83 -35.58 -16.07
CA LEU C 233 -2.28 -36.32 -17.23
C LEU C 233 -3.34 -35.55 -18.00
N ALA C 234 -3.79 -36.14 -19.11
CA ALA C 234 -4.90 -35.63 -19.89
C ALA C 234 -5.80 -36.80 -20.26
N GLU C 235 -7.11 -36.56 -20.27
CA GLU C 235 -8.07 -37.62 -20.51
C GLU C 235 -8.22 -37.87 -22.01
N GLU C 236 -9.11 -38.84 -22.33
CA GLU C 236 -9.47 -39.28 -23.68
C GLU C 236 -8.22 -39.76 -24.41
N GLU C 237 -7.94 -39.30 -25.63
CA GLU C 237 -6.78 -39.73 -26.37
C GLU C 237 -5.55 -38.92 -25.96
N VAL C 238 -4.39 -39.35 -26.44
CA VAL C 238 -3.17 -38.61 -26.16
C VAL C 238 -3.15 -37.33 -27.01
N MET C 239 -2.42 -36.33 -26.51
CA MET C 239 -2.50 -34.98 -27.04
C MET C 239 -1.21 -34.60 -27.75
N ILE C 240 -1.35 -33.98 -28.92
CA ILE C 240 -0.23 -33.48 -29.73
C ILE C 240 -0.42 -31.98 -29.86
N ARG C 241 0.51 -31.20 -29.31
CA ARG C 241 0.40 -29.75 -29.32
C ARG C 241 1.62 -29.14 -29.99
N SER C 242 1.40 -28.11 -30.79
CA SER C 242 2.49 -27.41 -31.46
C SER C 242 2.05 -26.01 -31.84
N GLU C 243 3.04 -25.16 -32.09
CA GLU C 243 2.77 -23.82 -32.61
C GLU C 243 2.43 -23.89 -34.10
N ASN C 244 3.34 -24.47 -34.89
CA ASN C 244 3.07 -24.84 -36.28
C ASN C 244 3.60 -26.24 -36.49
N ILE C 245 2.71 -27.18 -36.81
CA ILE C 245 3.13 -28.54 -37.10
C ILE C 245 3.90 -28.58 -38.42
N THR C 246 3.54 -27.71 -39.37
CA THR C 246 4.23 -27.65 -40.64
C THR C 246 5.64 -27.08 -40.53
N ASN C 247 5.95 -26.36 -39.46
CA ASN C 247 7.27 -25.78 -39.24
C ASN C 247 8.07 -26.67 -38.31
N ASN C 248 9.28 -27.05 -38.74
CA ASN C 248 10.13 -27.93 -37.96
C ASN C 248 11.09 -27.19 -37.03
N ALA C 249 11.10 -25.86 -37.07
CA ALA C 249 11.97 -25.11 -36.16
C ALA C 249 11.46 -25.17 -34.73
N LYS C 250 10.15 -25.24 -34.55
CA LYS C 250 9.56 -25.34 -33.23
C LYS C 250 9.42 -26.81 -32.82
N ASN C 251 9.14 -27.03 -31.54
CA ASN C 251 9.06 -28.37 -31.00
C ASN C 251 7.62 -28.77 -30.74
N ILE C 252 7.40 -30.09 -30.69
CA ILE C 252 6.08 -30.68 -30.55
C ILE C 252 5.99 -31.29 -29.15
N LEU C 253 4.95 -30.91 -28.40
CA LEU C 253 4.75 -31.40 -27.05
C LEU C 253 3.71 -32.50 -27.07
N VAL C 254 4.04 -33.66 -26.48
CA VAL C 254 3.18 -34.82 -26.48
C VAL C 254 2.76 -35.11 -25.05
N GLN C 255 1.45 -35.20 -24.81
CA GLN C 255 0.88 -35.51 -23.51
C GLN C 255 0.26 -36.90 -23.54
N PHE C 256 0.65 -37.75 -22.61
CA PHE C 256 0.10 -39.09 -22.52
C PHE C 256 -1.24 -39.08 -21.80
N ASN C 257 -1.84 -40.25 -21.68
CA ASN C 257 -3.04 -40.42 -20.87
C ASN C 257 -2.84 -41.38 -19.71
N THR C 258 -1.95 -42.36 -19.83
CA THR C 258 -1.61 -43.26 -18.74
C THR C 258 -0.15 -43.08 -18.37
N PRO C 259 0.18 -43.00 -17.08
CA PRO C 259 1.58 -42.85 -16.69
C PRO C 259 2.39 -44.10 -16.99
N VAL C 260 3.68 -43.91 -17.23
CA VAL C 260 4.61 -45.01 -17.48
C VAL C 260 5.62 -45.06 -16.34
N GLN C 261 5.73 -46.22 -15.69
CA GLN C 261 6.62 -46.33 -14.55
C GLN C 261 8.08 -46.36 -15.00
N ILE C 262 8.92 -45.56 -14.35
CA ILE C 262 10.36 -45.59 -14.60
C ILE C 262 11.07 -45.51 -13.25
N ASN C 263 12.10 -46.34 -13.08
CA ASN C 263 12.82 -46.45 -11.81
C ASN C 263 14.27 -46.02 -11.99
N CYS C 264 14.66 -44.94 -11.31
CA CYS C 264 16.08 -44.65 -11.06
C CYS C 264 16.57 -45.62 -10.01
N THR C 265 17.81 -46.12 -10.19
CA THR C 265 18.43 -46.98 -9.18
C THR C 265 19.94 -46.84 -9.32
N ARG C 266 20.64 -46.65 -8.20
CA ARG C 266 22.10 -46.57 -8.19
C ARG C 266 22.64 -47.61 -7.21
N PRO C 267 22.75 -48.87 -7.62
CA PRO C 267 23.21 -49.91 -6.69
C PRO C 267 24.73 -50.03 -6.61
N ASN C 268 25.27 -49.75 -5.43
CA ASN C 268 26.69 -49.97 -5.14
C ASN C 268 26.86 -50.56 -3.75
N ASN C 269 26.01 -51.53 -3.41
CA ASN C 269 25.95 -52.23 -2.12
C ASN C 269 25.83 -51.28 -0.92
N ALA C 296 24.36 -47.82 -11.72
CA ALA C 296 23.28 -46.87 -11.97
C ALA C 296 22.53 -47.22 -13.26
N HIS C 297 21.23 -47.45 -13.13
CA HIS C 297 20.41 -47.82 -14.27
C HIS C 297 18.96 -47.43 -14.00
N CYS C 298 18.17 -47.40 -15.07
CA CYS C 298 16.74 -47.18 -14.97
C CYS C 298 15.95 -48.33 -15.57
N ASN C 299 14.75 -48.52 -15.03
CA ASN C 299 13.86 -49.60 -15.47
C ASN C 299 12.59 -49.01 -16.05
N VAL C 300 12.24 -49.45 -17.26
CA VAL C 300 11.03 -49.05 -17.98
C VAL C 300 10.37 -50.30 -18.54
N SER C 301 9.08 -50.46 -18.28
CA SER C 301 8.32 -51.58 -18.82
C SER C 301 8.19 -51.48 -20.33
N LYS C 302 8.12 -52.63 -21.01
CA LYS C 302 8.20 -52.65 -22.46
C LYS C 302 6.82 -52.58 -23.11
N ALA C 303 5.85 -53.36 -22.62
CA ALA C 303 4.56 -53.45 -23.27
C ALA C 303 3.74 -52.17 -23.11
N THR C 304 3.83 -51.55 -21.93
CA THR C 304 3.16 -50.28 -21.69
C THR C 304 3.75 -49.18 -22.58
N TRP C 305 5.09 -49.18 -22.73
CA TRP C 305 5.75 -48.23 -23.62
C TRP C 305 5.36 -48.46 -25.08
N ASN C 306 5.22 -49.73 -25.48
CA ASN C 306 4.83 -50.05 -26.85
C ASN C 306 3.39 -49.60 -27.13
N GLU C 307 2.47 -49.81 -26.18
CA GLU C 307 1.10 -49.37 -26.36
C GLU C 307 0.99 -47.85 -26.35
N THR C 308 1.78 -47.19 -25.50
CA THR C 308 1.78 -45.74 -25.43
C THR C 308 2.33 -45.12 -26.72
N LEU C 309 3.41 -45.70 -27.26
CA LEU C 309 3.94 -45.24 -28.53
C LEU C 309 2.99 -45.56 -29.68
N GLY C 310 2.21 -46.64 -29.56
CA GLY C 310 1.17 -46.90 -30.55
C GLY C 310 0.08 -45.86 -30.55
N LYS C 311 -0.35 -45.41 -29.35
CA LYS C 311 -1.31 -44.32 -29.26
C LYS C 311 -0.74 -43.02 -29.83
N VAL C 312 0.53 -42.74 -29.54
CA VAL C 312 1.18 -41.53 -30.01
C VAL C 312 1.30 -41.55 -31.54
N VAL C 313 1.68 -42.69 -32.12
CA VAL C 313 1.82 -42.75 -33.56
C VAL C 313 0.44 -42.78 -34.24
N LYS C 314 -0.61 -43.27 -33.55
CA LYS C 314 -1.97 -43.16 -34.10
C LYS C 314 -2.42 -41.70 -34.19
N GLN C 315 -2.15 -40.93 -33.14
CA GLN C 315 -2.47 -39.50 -33.21
C GLN C 315 -1.58 -38.76 -34.20
N LEU C 316 -0.35 -39.26 -34.41
CA LEU C 316 0.50 -38.66 -35.45
C LEU C 316 -0.01 -38.99 -36.85
N ARG C 317 -0.62 -40.16 -37.03
CA ARG C 317 -1.32 -40.45 -38.29
C ARG C 317 -2.52 -39.53 -38.47
N LYS C 318 -3.20 -39.21 -37.36
CA LYS C 318 -4.33 -38.28 -37.42
C LYS C 318 -3.86 -36.87 -37.83
N HIS C 319 -2.75 -36.40 -37.26
CA HIS C 319 -2.27 -35.07 -37.61
C HIS C 319 -1.44 -35.02 -38.88
N PHE C 320 -1.04 -36.16 -39.45
CA PHE C 320 -0.20 -36.15 -40.64
C PHE C 320 -0.80 -36.84 -41.85
N GLY C 321 -1.46 -37.98 -41.68
CA GLY C 321 -2.05 -38.66 -42.82
C GLY C 321 -2.19 -40.16 -42.64
N ASN C 322 -2.93 -40.79 -43.53
CA ASN C 322 -3.23 -42.21 -43.44
C ASN C 322 -2.24 -43.09 -44.19
N ASN C 323 -1.23 -42.51 -44.84
CA ASN C 323 -0.26 -43.28 -45.62
C ASN C 323 1.15 -42.74 -45.41
N THR C 324 1.53 -42.48 -44.16
CA THR C 324 2.84 -41.89 -43.84
C THR C 324 3.58 -42.80 -42.86
N ILE C 325 4.80 -43.19 -43.24
CA ILE C 325 5.64 -44.04 -42.40
C ILE C 325 6.30 -43.19 -41.34
N ILE C 326 6.44 -43.74 -40.13
CA ILE C 326 7.03 -43.02 -38.99
C ILE C 326 8.24 -43.80 -38.50
N ARG C 327 9.34 -43.10 -38.19
CA ARG C 327 10.51 -43.73 -37.59
C ARG C 327 10.89 -42.97 -36.33
N PHE C 328 11.09 -43.71 -35.23
CA PHE C 328 11.56 -43.13 -33.97
C PHE C 328 13.04 -43.48 -33.80
N ALA C 329 13.89 -42.46 -33.85
CA ALA C 329 15.33 -42.60 -33.74
C ALA C 329 15.84 -41.70 -32.61
N ASN C 330 17.09 -41.95 -32.21
CA ASN C 330 17.70 -41.20 -31.13
C ASN C 330 18.14 -39.81 -31.61
N SER C 331 18.65 -39.02 -30.68
CA SER C 331 19.03 -37.64 -30.97
C SER C 331 20.28 -37.59 -31.85
N SER C 332 20.35 -36.55 -32.68
CA SER C 332 21.44 -36.44 -33.64
C SER C 332 22.75 -36.08 -32.97
N GLY C 333 22.72 -35.16 -32.01
CA GLY C 333 23.94 -34.78 -31.31
C GLY C 333 23.82 -33.36 -30.78
N GLY C 334 24.91 -32.91 -30.19
CA GLY C 334 24.96 -31.61 -29.55
C GLY C 334 25.59 -31.69 -28.18
N ASP C 335 24.93 -31.14 -27.17
CA ASP C 335 25.44 -31.23 -25.81
C ASP C 335 24.98 -32.55 -25.18
N LEU C 336 25.51 -32.84 -23.98
CA LEU C 336 25.21 -34.09 -23.31
C LEU C 336 23.81 -34.11 -22.69
N GLU C 337 23.33 -32.96 -22.22
CA GLU C 337 22.03 -32.89 -21.57
C GLU C 337 20.87 -33.09 -22.55
N VAL C 338 21.08 -32.76 -23.82
CA VAL C 338 20.05 -32.99 -24.83
C VAL C 338 20.12 -34.40 -25.37
N THR C 339 21.31 -34.99 -25.44
CA THR C 339 21.48 -36.32 -25.99
C THR C 339 20.89 -37.39 -25.09
N THR C 340 21.06 -37.25 -23.78
CA THR C 340 20.60 -38.25 -22.82
C THR C 340 19.52 -37.65 -21.92
N HIS C 341 18.77 -38.55 -21.30
CA HIS C 341 17.72 -38.18 -20.35
C HIS C 341 18.39 -37.68 -19.08
N SER C 342 18.38 -36.36 -18.89
CA SER C 342 19.13 -35.69 -17.83
C SER C 342 18.27 -35.26 -16.64
N PHE C 343 17.74 -36.22 -15.88
CA PHE C 343 16.89 -35.89 -14.75
C PHE C 343 17.66 -36.05 -13.45
N ASN C 344 17.22 -35.32 -12.43
CA ASN C 344 17.81 -35.41 -11.10
C ASN C 344 17.00 -36.37 -10.25
N CYS C 345 17.60 -37.51 -9.88
CA CYS C 345 17.00 -38.43 -8.93
C CYS C 345 17.83 -38.41 -7.65
N GLY C 346 17.19 -38.07 -6.54
CA GLY C 346 17.77 -38.17 -5.20
C GLY C 346 19.00 -37.34 -4.95
N GLY C 347 19.08 -36.16 -5.57
CA GLY C 347 20.27 -35.33 -5.47
C GLY C 347 21.39 -35.72 -6.40
N GLU C 348 21.18 -36.70 -7.28
CA GLU C 348 22.19 -37.11 -8.26
C GLU C 348 21.65 -36.92 -9.67
N PHE C 349 22.51 -36.40 -10.54
CA PHE C 349 22.16 -36.07 -11.92
C PHE C 349 22.27 -37.32 -12.78
N PHE C 350 21.18 -38.07 -12.87
CA PHE C 350 21.17 -39.36 -13.54
C PHE C 350 21.10 -39.13 -15.06
N TYR C 351 22.25 -39.17 -15.72
CA TYR C 351 22.30 -39.00 -17.17
C TYR C 351 22.12 -40.36 -17.83
N CYS C 352 20.89 -40.69 -18.23
CA CYS C 352 20.58 -42.05 -18.67
C CYS C 352 20.36 -42.07 -20.17
N ASN C 353 20.96 -43.05 -20.84
CA ASN C 353 20.87 -43.14 -22.29
C ASN C 353 19.48 -43.61 -22.71
N THR C 354 18.94 -42.97 -23.74
CA THR C 354 17.61 -43.30 -24.26
C THR C 354 17.69 -43.94 -25.64
N SER C 355 18.75 -44.70 -25.92
CA SER C 355 18.84 -45.39 -27.20
C SER C 355 17.91 -46.59 -27.25
N GLY C 356 17.61 -47.20 -26.10
CA GLY C 356 16.76 -48.37 -26.03
C GLY C 356 15.27 -48.10 -26.06
N LEU C 357 14.86 -46.84 -26.12
CA LEU C 357 13.45 -46.47 -26.17
C LEU C 357 13.05 -45.91 -27.53
N PHE C 358 13.76 -44.91 -28.03
CA PHE C 358 13.45 -44.30 -29.31
C PHE C 358 14.23 -45.01 -30.42
N ASN C 359 13.81 -46.24 -30.70
CA ASN C 359 14.34 -46.99 -31.84
C ASN C 359 13.22 -47.91 -32.32
N SER C 360 12.44 -47.42 -33.28
CA SER C 360 11.27 -48.16 -33.75
C SER C 360 10.85 -47.61 -35.11
N THR C 361 9.93 -48.33 -35.75
CA THR C 361 9.32 -47.87 -36.99
C THR C 361 7.85 -48.28 -36.99
N TRP C 362 7.05 -47.54 -37.76
CA TRP C 362 5.62 -47.76 -37.87
C TRP C 362 5.20 -47.60 -39.32
N ILE C 363 4.61 -48.67 -39.86
CA ILE C 363 4.26 -48.82 -41.27
C ILE C 363 3.05 -47.96 -41.63
N SER C 364 2.75 -47.92 -42.94
CA SER C 364 1.65 -47.11 -43.45
C SER C 364 0.27 -47.57 -42.95
N ASN C 365 0.14 -48.81 -42.51
CA ASN C 365 -1.13 -49.26 -41.93
C ASN C 365 -0.94 -50.26 -40.77
N ASN C 377 7.64 -58.75 -16.71
CA ASN C 377 7.83 -59.26 -18.06
C ASN C 377 9.08 -58.65 -18.70
N ASP C 378 9.02 -58.43 -20.00
CA ASP C 378 10.13 -57.79 -20.71
C ASP C 378 10.19 -56.31 -20.37
N SER C 379 11.41 -55.77 -20.38
CA SER C 379 11.64 -54.38 -20.02
C SER C 379 12.87 -53.89 -20.75
N ILE C 380 13.12 -52.58 -20.66
CA ILE C 380 14.30 -51.96 -21.26
C ILE C 380 15.14 -51.43 -20.12
N THR C 381 16.34 -51.99 -19.96
CA THR C 381 17.28 -51.52 -18.96
C THR C 381 18.06 -50.34 -19.53
N LEU C 382 17.85 -49.15 -18.97
CA LEU C 382 18.56 -47.95 -19.42
C LEU C 382 19.88 -47.85 -18.71
N PRO C 383 21.01 -47.90 -19.41
CA PRO C 383 22.32 -47.69 -18.76
C PRO C 383 22.50 -46.21 -18.47
N CYS C 384 22.78 -45.90 -17.21
CA CYS C 384 22.76 -44.52 -16.73
C CYS C 384 24.07 -44.17 -16.07
N ARG C 385 24.61 -43.00 -16.42
CA ARG C 385 25.82 -42.45 -15.81
C ARG C 385 25.46 -41.44 -14.74
N ILE C 386 26.44 -41.18 -13.87
CA ILE C 386 26.36 -40.12 -12.87
C ILE C 386 27.50 -39.15 -13.15
N LYS C 387 27.17 -37.88 -13.33
CA LYS C 387 28.14 -36.88 -13.74
C LYS C 387 28.42 -35.90 -12.59
N GLN C 388 29.59 -35.27 -12.66
CA GLN C 388 30.02 -34.29 -11.67
C GLN C 388 30.06 -32.87 -12.21
N ILE C 389 30.68 -32.65 -13.38
CA ILE C 389 30.66 -31.37 -14.05
C ILE C 389 29.37 -31.28 -14.86
N ILE C 390 28.81 -30.08 -14.99
CA ILE C 390 27.45 -29.92 -15.48
C ILE C 390 27.30 -28.55 -16.15
N ASN C 391 26.34 -28.45 -17.06
CA ASN C 391 25.82 -27.17 -17.52
C ASN C 391 24.63 -26.79 -16.65
N MET C 392 24.02 -25.65 -16.93
CA MET C 392 22.94 -25.17 -16.08
C MET C 392 22.02 -24.33 -16.98
N TRP C 393 20.82 -24.03 -16.47
CA TRP C 393 19.67 -23.80 -17.35
C TRP C 393 19.61 -22.35 -17.82
N GLN C 394 20.12 -21.43 -17.02
CA GLN C 394 20.19 -20.01 -17.32
C GLN C 394 21.67 -19.63 -17.42
N ARG C 395 21.92 -18.31 -17.46
CA ARG C 395 23.23 -17.67 -17.71
C ARG C 395 23.65 -18.12 -19.11
N ILE C 396 24.87 -18.62 -19.30
CA ILE C 396 25.38 -18.98 -20.62
C ILE C 396 25.71 -20.46 -20.73
N GLY C 397 25.60 -21.21 -19.64
CA GLY C 397 26.14 -22.55 -19.60
C GLY C 397 27.34 -22.61 -18.69
N GLN C 398 27.26 -21.91 -17.56
CA GLN C 398 28.32 -21.88 -16.58
C GLN C 398 28.51 -23.26 -15.95
N ALA C 399 29.75 -23.53 -15.56
CA ALA C 399 30.11 -24.82 -14.99
C ALA C 399 29.79 -24.86 -13.51
N MET C 400 29.33 -26.02 -13.05
CA MET C 400 29.09 -26.28 -11.64
C MET C 400 29.59 -27.68 -11.35
N TYR C 401 30.25 -27.85 -10.21
CA TYR C 401 30.78 -29.15 -9.79
C TYR C 401 30.05 -29.58 -8.53
N ALA C 402 29.40 -30.75 -8.59
CA ALA C 402 28.80 -31.36 -7.43
C ALA C 402 29.51 -32.67 -7.15
N PRO C 403 30.17 -32.81 -6.00
CA PRO C 403 30.92 -34.05 -5.70
C PRO C 403 29.98 -35.24 -5.55
N PRO C 404 30.44 -36.44 -5.89
CA PRO C 404 29.57 -37.62 -5.78
C PRO C 404 29.25 -37.97 -4.34
N ILE C 405 27.96 -37.98 -4.03
CA ILE C 405 27.47 -38.15 -2.67
C ILE C 405 27.42 -39.61 -2.28
N GLN C 406 27.14 -40.48 -3.27
CA GLN C 406 27.22 -41.95 -3.33
C GLN C 406 26.24 -42.63 -2.37
N GLY C 407 26.11 -43.94 -2.49
CA GLY C 407 25.16 -44.71 -1.73
C GLY C 407 24.14 -45.36 -2.65
N VAL C 408 23.20 -46.08 -2.04
CA VAL C 408 22.14 -46.77 -2.76
C VAL C 408 20.90 -45.89 -2.70
N ILE C 409 20.50 -45.33 -3.83
CA ILE C 409 19.27 -44.55 -3.95
C ILE C 409 18.43 -45.13 -5.07
N ARG C 410 17.13 -44.94 -4.96
CA ARG C 410 16.18 -45.51 -5.92
C ARG C 410 14.91 -44.66 -5.88
N CYS C 411 14.41 -44.28 -7.06
CA CYS C 411 13.20 -43.46 -7.10
C CYS C 411 12.28 -43.95 -8.21
N VAL C 412 10.99 -44.01 -7.89
CA VAL C 412 9.96 -44.35 -8.87
C VAL C 412 9.33 -43.04 -9.36
N SER C 413 9.10 -42.96 -10.67
CA SER C 413 8.51 -41.76 -11.24
C SER C 413 7.67 -42.14 -12.46
N ASN C 414 6.81 -41.20 -12.86
CA ASN C 414 5.82 -41.43 -13.90
C ASN C 414 6.17 -40.58 -15.13
N ILE C 415 6.54 -41.25 -16.22
CA ILE C 415 6.60 -40.61 -17.53
C ILE C 415 5.19 -40.23 -17.93
N THR C 416 4.97 -38.94 -18.20
CA THR C 416 3.68 -38.43 -18.63
C THR C 416 3.70 -37.69 -19.95
N GLY C 417 4.87 -37.39 -20.51
CA GLY C 417 4.91 -36.63 -21.75
C GLY C 417 6.28 -36.64 -22.38
N LEU C 418 6.31 -36.25 -23.64
CA LEU C 418 7.54 -36.19 -24.43
C LEU C 418 7.66 -34.85 -25.14
N ILE C 419 8.89 -34.54 -25.51
CA ILE C 419 9.20 -33.40 -26.39
C ILE C 419 9.83 -33.98 -27.64
N LEU C 420 9.11 -33.92 -28.76
CA LEU C 420 9.57 -34.52 -30.00
C LEU C 420 9.75 -33.44 -31.06
N THR C 421 10.71 -33.67 -31.96
CA THR C 421 11.06 -32.70 -32.98
C THR C 421 11.23 -33.44 -34.31
N ARG C 422 10.67 -32.87 -35.38
CA ARG C 422 10.70 -33.50 -36.69
C ARG C 422 12.05 -33.20 -37.35
N ASP C 423 12.42 -34.05 -38.33
CA ASP C 423 13.61 -33.79 -39.14
C ASP C 423 13.45 -32.57 -40.04
N GLY C 424 12.31 -32.44 -40.69
CA GLY C 424 12.12 -31.38 -41.67
C GLY C 424 12.81 -31.69 -42.99
N GLY C 425 12.93 -30.66 -43.81
CA GLY C 425 13.59 -30.79 -45.09
C GLY C 425 12.61 -30.64 -46.25
N SER C 426 13.12 -30.09 -47.35
CA SER C 426 12.30 -29.86 -48.53
C SER C 426 12.09 -31.12 -49.37
N THR C 427 12.82 -32.20 -49.10
CA THR C 427 12.64 -33.43 -49.85
C THR C 427 11.34 -34.11 -49.45
N ASN C 428 10.58 -34.57 -50.44
CA ASN C 428 9.33 -35.27 -50.18
C ASN C 428 9.64 -36.67 -49.69
N SER C 429 9.44 -36.91 -48.40
CA SER C 429 9.76 -38.19 -47.76
C SER C 429 8.46 -38.84 -47.29
N THR C 430 8.27 -40.10 -47.68
CA THR C 430 7.16 -40.88 -47.15
C THR C 430 7.39 -41.20 -45.68
N THR C 431 8.65 -41.39 -45.29
CA THR C 431 8.99 -41.68 -43.91
C THR C 431 9.43 -40.39 -43.22
N GLU C 432 8.75 -40.05 -42.13
CA GLU C 432 9.09 -38.90 -41.30
C GLU C 432 9.63 -39.39 -39.96
N THR C 433 10.69 -38.74 -39.48
CA THR C 433 11.35 -39.14 -38.25
C THR C 433 11.10 -38.12 -37.15
N PHE C 434 10.88 -38.62 -35.94
CA PHE C 434 10.70 -37.79 -34.76
C PHE C 434 11.76 -38.15 -33.74
N ARG C 435 12.43 -37.15 -33.18
CA ARG C 435 13.52 -37.40 -32.27
C ARG C 435 13.31 -36.61 -30.98
N PRO C 436 13.79 -37.12 -29.85
CA PRO C 436 13.64 -36.38 -28.59
C PRO C 436 14.48 -35.11 -28.58
N GLY C 437 13.93 -34.09 -27.92
CA GLY C 437 14.58 -32.80 -27.82
C GLY C 437 14.56 -32.32 -26.40
N GLY C 438 13.99 -31.14 -26.17
CA GLY C 438 13.89 -30.62 -24.83
C GLY C 438 14.95 -29.57 -24.56
N GLY C 439 15.41 -29.49 -23.33
CA GLY C 439 16.41 -28.50 -22.95
C GLY C 439 15.84 -27.15 -22.59
N ASP C 440 15.02 -26.58 -23.48
CA ASP C 440 14.36 -25.31 -23.20
C ASP C 440 13.29 -25.57 -22.15
N MET C 441 13.63 -25.28 -20.89
CA MET C 441 12.80 -25.67 -19.76
C MET C 441 11.54 -24.84 -19.61
N ARG C 442 11.39 -23.76 -20.38
CA ARG C 442 10.10 -23.07 -20.43
C ARG C 442 9.02 -23.98 -21.02
N ASP C 443 9.41 -24.87 -21.94
CA ASP C 443 8.47 -25.85 -22.48
C ASP C 443 8.06 -26.89 -21.45
N ASN C 444 8.90 -27.12 -20.42
CA ASN C 444 8.52 -28.05 -19.37
C ASN C 444 7.53 -27.46 -18.37
N TRP C 445 7.26 -26.16 -18.44
CA TRP C 445 6.15 -25.57 -17.70
C TRP C 445 5.06 -25.06 -18.63
N ARG C 446 5.13 -25.38 -19.92
CA ARG C 446 4.01 -25.22 -20.83
C ARG C 446 3.16 -26.47 -20.90
N SER C 447 3.54 -27.55 -20.22
CA SER C 447 2.76 -28.77 -20.19
C SER C 447 1.77 -28.81 -19.04
N GLU C 448 1.89 -27.92 -18.06
CA GLU C 448 0.92 -27.80 -16.99
C GLU C 448 0.24 -26.44 -16.94
N LEU C 449 0.74 -25.45 -17.67
CA LEU C 449 0.13 -24.13 -17.75
C LEU C 449 -0.48 -23.86 -19.11
N TYR C 450 -0.81 -24.91 -19.87
CA TYR C 450 -1.43 -24.73 -21.18
C TYR C 450 -2.90 -24.34 -21.07
N LYS C 451 -3.51 -24.57 -19.92
CA LYS C 451 -4.95 -24.41 -19.78
C LYS C 451 -5.38 -23.01 -19.35
N TYR C 452 -4.46 -22.18 -18.86
CA TYR C 452 -4.83 -21.08 -17.98
C TYR C 452 -4.53 -19.74 -18.63
N LYS C 453 -5.19 -18.70 -18.13
CA LYS C 453 -4.94 -17.34 -18.61
C LYS C 453 -5.30 -16.35 -17.51
N VAL C 454 -4.47 -15.31 -17.37
CA VAL C 454 -4.68 -14.26 -16.37
C VAL C 454 -5.48 -13.14 -17.01
N VAL C 455 -6.56 -12.70 -16.35
CA VAL C 455 -7.37 -11.60 -16.86
C VAL C 455 -7.51 -10.53 -15.78
N LYS C 456 -7.76 -9.31 -16.23
CA LYS C 456 -7.96 -8.16 -15.35
C LYS C 456 -9.39 -7.65 -15.51
N ILE C 457 -10.11 -7.54 -14.39
CA ILE C 457 -11.52 -7.15 -14.41
C ILE C 457 -11.63 -5.64 -14.46
N GLU C 458 -12.46 -5.14 -15.39
CA GLU C 458 -12.81 -3.73 -15.46
C GLU C 458 -14.30 -3.59 -15.14
N PRO C 459 -14.67 -3.20 -13.91
CA PRO C 459 -16.07 -3.30 -13.50
C PRO C 459 -16.98 -2.20 -14.03
N LEU C 460 -16.42 -1.15 -14.62
CA LEU C 460 -17.20 0.03 -14.97
C LEU C 460 -17.73 -0.08 -16.41
N GLY C 461 -19.03 0.18 -16.58
CA GLY C 461 -19.62 0.16 -17.90
C GLY C 461 -20.65 1.25 -18.06
N VAL C 462 -21.03 1.51 -19.31
CA VAL C 462 -22.06 2.48 -19.64
C VAL C 462 -23.06 1.81 -20.56
N ALA C 463 -24.28 2.33 -20.57
CA ALA C 463 -25.35 1.72 -21.36
C ALA C 463 -26.39 2.78 -21.69
N PRO C 464 -27.20 2.56 -22.72
CA PRO C 464 -28.38 3.42 -22.92
C PRO C 464 -29.64 2.86 -22.28
N THR C 465 -30.37 3.76 -21.61
CA THR C 465 -31.57 3.43 -20.87
C THR C 465 -32.42 4.70 -20.80
N ARG C 466 -33.75 4.55 -20.79
CA ARG C 466 -34.64 5.68 -20.61
C ARG C 466 -34.55 6.20 -19.18
N CYS C 467 -33.70 7.21 -18.95
CA CYS C 467 -33.53 7.82 -17.64
C CYS C 467 -33.52 9.33 -17.78
N LYS C 468 -33.86 10.01 -16.68
CA LYS C 468 -33.77 11.47 -16.63
C LYS C 468 -33.61 11.85 -15.16
N ARG C 469 -32.41 12.30 -14.80
CA ARG C 469 -32.12 12.65 -13.42
C ARG C 469 -32.71 14.02 -13.07
N ALA D 1 -20.14 36.92 -29.41
CA ALA D 1 -19.07 36.58 -30.34
C ALA D 1 -19.15 35.10 -30.73
N VAL D 2 -18.29 34.70 -31.67
CA VAL D 2 -18.29 33.32 -32.14
C VAL D 2 -17.52 32.45 -31.15
N GLY D 3 -18.02 31.23 -30.93
CA GLY D 3 -17.37 30.29 -30.05
C GLY D 3 -17.22 28.94 -30.72
N ILE D 4 -16.37 28.11 -30.13
CA ILE D 4 -16.09 26.79 -30.67
C ILE D 4 -16.19 25.75 -29.56
N GLY D 5 -16.23 26.22 -28.31
CA GLY D 5 -16.41 25.36 -27.17
C GLY D 5 -15.34 25.56 -26.13
N ALA D 6 -15.46 24.78 -25.04
CA ALA D 6 -14.54 24.87 -23.93
C ALA D 6 -13.20 24.21 -24.28
N VAL D 7 -12.20 24.47 -23.45
CA VAL D 7 -10.84 24.04 -23.71
C VAL D 7 -10.26 23.32 -22.50
N PHE D 8 -8.97 22.97 -22.56
CA PHE D 8 -8.30 22.19 -21.53
C PHE D 8 -6.93 22.81 -21.26
N LEU D 9 -6.79 23.45 -20.11
CA LEU D 9 -5.54 24.10 -19.74
C LEU D 9 -4.52 23.16 -19.11
N GLY D 10 -4.94 21.98 -18.69
CA GLY D 10 -4.04 21.05 -18.02
C GLY D 10 -4.02 21.25 -16.51
N PHE D 11 -3.12 20.51 -15.88
CA PHE D 11 -2.97 20.60 -14.43
C PHE D 11 -2.34 21.93 -14.04
N LEU D 12 -2.91 22.55 -12.99
CA LEU D 12 -2.53 23.89 -12.50
C LEU D 12 -2.62 24.93 -13.60
N GLY D 13 -3.65 24.82 -14.43
CA GLY D 13 -3.74 25.69 -15.60
C GLY D 13 -4.40 27.03 -15.35
N ALA D 14 -5.17 27.15 -14.27
CA ALA D 14 -5.91 28.38 -14.00
C ALA D 14 -5.53 28.98 -12.65
N ALA D 15 -4.29 28.74 -12.20
CA ALA D 15 -3.85 29.32 -10.94
C ALA D 15 -3.64 30.82 -11.06
N GLY D 16 -3.23 31.29 -12.22
CA GLY D 16 -3.14 32.72 -12.45
C GLY D 16 -4.43 33.36 -12.94
N SER D 17 -5.45 32.55 -13.21
CA SER D 17 -6.69 33.06 -13.77
C SER D 17 -7.55 33.66 -12.66
N THR D 18 -8.76 34.08 -13.01
CA THR D 18 -9.62 34.76 -12.07
C THR D 18 -10.31 33.75 -11.15
N MET D 19 -11.07 34.29 -10.18
CA MET D 19 -11.81 33.46 -9.24
C MET D 19 -12.92 32.68 -9.91
N GLY D 20 -13.68 33.32 -10.81
CA GLY D 20 -14.80 32.65 -11.43
C GLY D 20 -14.42 31.66 -12.50
N ALA D 21 -13.30 31.91 -13.19
CA ALA D 21 -12.88 31.01 -14.27
C ALA D 21 -12.18 29.76 -13.74
N ALA D 22 -11.76 29.75 -12.49
CA ALA D 22 -11.12 28.59 -11.89
C ALA D 22 -12.08 27.78 -11.03
N SER D 23 -13.38 28.06 -11.11
CA SER D 23 -14.39 27.31 -10.39
C SER D 23 -15.03 26.22 -11.26
N MET D 24 -14.56 26.04 -12.49
CA MET D 24 -15.03 24.98 -13.36
C MET D 24 -13.92 24.06 -13.84
N THR D 25 -12.68 24.30 -13.42
CA THR D 25 -11.55 23.41 -13.72
C THR D 25 -11.09 22.60 -12.52
N LEU D 26 -11.97 22.44 -11.52
CA LEU D 26 -11.63 21.68 -10.32
C LEU D 26 -11.49 20.19 -10.61
N THR D 27 -12.15 19.69 -11.66
CA THR D 27 -12.14 18.28 -11.98
C THR D 27 -10.77 17.82 -12.47
N VAL D 28 -10.03 18.70 -13.16
CA VAL D 28 -8.72 18.33 -13.68
C VAL D 28 -7.72 18.17 -12.53
N GLN D 29 -7.79 19.05 -11.53
CA GLN D 29 -6.91 18.98 -10.38
C GLN D 29 -7.44 18.07 -9.27
N ALA D 30 -8.63 17.50 -9.46
CA ALA D 30 -9.10 16.49 -8.51
C ALA D 30 -8.32 15.18 -8.64
N ARG D 31 -8.01 14.77 -9.88
CA ARG D 31 -7.45 13.44 -10.12
C ARG D 31 -5.98 13.32 -9.70
N ASN D 32 -5.23 14.43 -9.71
CA ASN D 32 -3.78 14.35 -9.58
C ASN D 32 -3.38 14.08 -8.12
N LEU D 33 -4.27 14.33 -7.17
CA LEU D 33 -3.97 14.08 -5.76
C LEU D 33 -3.82 12.60 -5.45
N LEU D 34 -4.44 11.73 -6.25
CA LEU D 34 -4.23 10.30 -6.13
C LEU D 34 -3.17 9.81 -7.11
N SER D 35 -3.41 10.01 -8.41
CA SER D 35 -2.53 9.66 -9.52
C SER D 35 -2.11 8.20 -9.51
N GLY D 36 -0.89 7.93 -9.04
CA GLY D 36 -0.39 6.57 -8.99
C GLY D 36 0.61 6.28 -10.10
N THR D 58 13.59 -4.84 0.09
CA THR D 58 14.92 -4.34 -0.21
C THR D 58 15.03 -2.83 0.07
N VAL D 59 16.27 -2.38 0.31
CA VAL D 59 16.52 -0.95 0.48
C VAL D 59 16.39 -0.28 -0.89
N TRP D 60 15.80 0.92 -0.89
CA TRP D 60 15.49 1.72 -2.09
C TRP D 60 14.52 0.99 -3.03
N GLY D 61 13.70 0.10 -2.46
CA GLY D 61 12.64 -0.56 -3.18
C GLY D 61 11.34 -0.45 -2.42
N ILE D 62 11.44 -0.01 -1.17
CA ILE D 62 10.27 0.26 -0.33
C ILE D 62 10.02 1.74 -0.14
N LYS D 63 10.90 2.61 -0.63
CA LYS D 63 10.64 4.04 -0.59
C LYS D 63 9.51 4.41 -1.55
N GLN D 64 9.45 3.73 -2.68
CA GLN D 64 8.35 3.93 -3.63
C GLN D 64 7.01 3.50 -3.03
N LEU D 65 7.01 2.35 -2.32
CA LEU D 65 5.81 1.88 -1.64
C LEU D 65 5.40 2.85 -0.53
N GLN D 66 6.38 3.39 0.20
CA GLN D 66 6.10 4.38 1.23
C GLN D 66 5.49 5.65 0.66
N ALA D 67 6.00 6.11 -0.49
CA ALA D 67 5.45 7.29 -1.14
C ALA D 67 4.03 7.05 -1.64
N ARG D 68 3.78 5.87 -2.23
CA ARG D 68 2.44 5.57 -2.75
C ARG D 68 1.43 5.42 -1.62
N VAL D 69 1.81 4.76 -0.52
CA VAL D 69 0.92 4.59 0.62
C VAL D 69 0.64 5.94 1.29
N LEU D 70 1.66 6.80 1.40
CA LEU D 70 1.45 8.13 1.97
C LEU D 70 0.56 9.00 1.09
N ALA D 71 0.67 8.88 -0.24
CA ALA D 71 -0.24 9.60 -1.12
C ALA D 71 -1.67 9.10 -0.99
N VAL D 72 -1.84 7.79 -0.81
CA VAL D 72 -3.18 7.22 -0.60
C VAL D 72 -3.79 7.73 0.71
N GLU D 73 -3.00 7.78 1.78
CA GLU D 73 -3.47 8.35 3.05
C GLU D 73 -3.79 9.84 2.92
N ARG D 74 -2.99 10.57 2.15
CA ARG D 74 -3.22 11.99 1.92
C ARG D 74 -4.55 12.23 1.20
N TYR D 75 -4.88 11.38 0.22
CA TYR D 75 -6.17 11.50 -0.43
C TYR D 75 -7.31 11.09 0.50
N LEU D 76 -7.12 10.02 1.26
CA LEU D 76 -8.22 9.46 2.03
C LEU D 76 -8.57 10.31 3.25
N ARG D 77 -7.60 11.03 3.82
CA ARG D 77 -7.90 11.98 4.89
C ARG D 77 -8.79 13.11 4.40
N ASP D 78 -8.50 13.66 3.22
CA ASP D 78 -9.32 14.72 2.66
C ASP D 78 -10.69 14.21 2.24
N GLN D 79 -10.76 12.96 1.78
CA GLN D 79 -12.05 12.35 1.48
C GLN D 79 -12.90 12.19 2.73
N GLN D 80 -12.28 11.79 3.85
CA GLN D 80 -13.01 11.70 5.11
C GLN D 80 -13.45 13.08 5.60
N LEU D 81 -12.61 14.10 5.42
CA LEU D 81 -12.97 15.45 5.83
C LEU D 81 -14.11 16.02 4.99
N LEU D 82 -14.18 15.67 3.71
CA LEU D 82 -15.33 16.10 2.91
C LEU D 82 -16.54 15.18 3.08
N GLY D 83 -16.36 14.02 3.68
CA GLY D 83 -17.49 13.17 3.99
C GLY D 83 -18.09 13.41 5.36
N ILE D 84 -17.35 14.07 6.25
CA ILE D 84 -17.84 14.31 7.60
C ILE D 84 -18.67 15.59 7.69
N TRP D 85 -18.41 16.57 6.82
CA TRP D 85 -19.28 17.73 6.65
C TRP D 85 -20.35 17.40 5.63
N GLY D 86 -21.19 16.41 5.94
CA GLY D 86 -21.64 15.43 4.97
C GLY D 86 -22.35 15.92 3.73
N CYS D 87 -21.59 15.95 2.62
CA CYS D 87 -22.14 16.21 1.31
C CYS D 87 -21.94 15.03 0.38
N SER D 88 -20.68 14.67 0.10
CA SER D 88 -20.17 13.58 -0.74
C SER D 88 -20.52 13.71 -2.22
N GLY D 89 -21.36 14.67 -2.59
CA GLY D 89 -21.54 15.12 -3.94
C GLY D 89 -20.52 16.20 -4.22
N LYS D 90 -19.28 15.78 -4.46
CA LYS D 90 -18.11 16.62 -4.21
C LYS D 90 -17.92 17.68 -5.29
N LEU D 91 -16.76 18.35 -5.20
CA LEU D 91 -16.19 19.41 -6.04
C LEU D 91 -16.90 20.76 -5.87
N ILE D 92 -18.08 20.74 -5.24
CA ILE D 92 -18.78 21.88 -4.65
C ILE D 92 -19.90 21.31 -3.79
N CYS D 93 -20.12 21.89 -2.61
CA CYS D 93 -21.36 21.67 -1.86
C CYS D 93 -21.53 22.87 -0.93
N CYS D 94 -22.77 23.22 -0.67
CA CYS D 94 -23.09 24.43 0.06
C CYS D 94 -23.54 24.10 1.48
N THR D 95 -23.19 24.97 2.42
CA THR D 95 -23.61 24.88 3.82
C THR D 95 -24.27 26.20 4.24
N ASN D 96 -24.97 26.17 5.37
CA ASN D 96 -25.67 27.36 5.88
C ASN D 96 -24.93 27.96 7.06
N VAL D 97 -23.63 27.77 7.11
CA VAL D 97 -22.81 28.49 8.09
C VAL D 97 -22.70 29.96 7.66
N PRO D 98 -23.07 30.90 8.53
CA PRO D 98 -22.99 32.32 8.15
C PRO D 98 -21.54 32.79 8.06
N TRP D 99 -21.21 33.40 6.92
CA TRP D 99 -19.88 33.98 6.72
C TRP D 99 -19.83 35.30 7.49
N ASN D 100 -19.03 35.31 8.56
CA ASN D 100 -18.89 36.49 9.39
C ASN D 100 -18.20 37.61 8.62
N SER D 101 -18.75 38.82 8.74
CA SER D 101 -18.23 39.98 8.04
C SER D 101 -16.91 40.48 8.60
N SER D 102 -16.48 39.98 9.76
CA SER D 102 -15.15 40.30 10.25
C SER D 102 -14.05 39.63 9.43
N TRP D 103 -14.38 38.59 8.68
CA TRP D 103 -13.44 37.95 7.77
C TRP D 103 -13.80 38.30 6.34
N SER D 104 -12.81 38.83 5.60
CA SER D 104 -12.94 39.21 4.18
C SER D 104 -14.05 40.24 3.99
N ASN D 105 -13.81 41.44 4.53
CA ASN D 105 -14.73 42.57 4.40
C ASN D 105 -14.80 43.14 2.99
N ARG D 106 -13.98 42.66 2.06
CA ARG D 106 -14.03 43.07 0.67
C ARG D 106 -15.34 42.64 0.02
N ASN D 107 -15.70 43.33 -1.06
CA ASN D 107 -16.97 43.11 -1.73
C ASN D 107 -16.97 41.77 -2.47
N LEU D 108 -18.17 41.31 -2.84
CA LEU D 108 -18.30 40.05 -3.56
C LEU D 108 -17.73 40.15 -4.97
N SER D 109 -17.97 41.28 -5.66
CA SER D 109 -17.48 41.45 -7.02
C SER D 109 -15.97 41.64 -7.08
N GLU D 110 -15.36 42.13 -5.99
CA GLU D 110 -13.90 42.24 -5.98
C GLU D 110 -13.23 40.88 -5.76
N ILE D 111 -13.80 40.02 -4.91
CA ILE D 111 -13.15 38.74 -4.62
C ILE D 111 -13.59 37.64 -5.56
N TRP D 112 -14.65 37.84 -6.35
CA TRP D 112 -15.14 36.79 -7.23
C TRP D 112 -14.80 36.98 -8.70
N ASP D 113 -14.34 38.18 -9.09
CA ASP D 113 -14.05 38.45 -10.49
C ASP D 113 -12.73 39.16 -10.74
N ASN D 114 -11.95 39.46 -9.69
CA ASN D 114 -10.78 40.31 -9.88
C ASN D 114 -9.52 39.81 -9.18
N MET D 115 -9.51 38.60 -8.63
CA MET D 115 -8.42 38.21 -7.76
C MET D 115 -8.24 36.69 -7.77
N THR D 116 -6.98 36.26 -7.82
CA THR D 116 -6.61 34.87 -8.00
C THR D 116 -6.86 34.06 -6.73
N TRP D 117 -6.72 32.74 -6.84
CA TRP D 117 -6.95 31.84 -5.72
C TRP D 117 -5.80 31.86 -4.71
N LEU D 118 -4.59 32.14 -5.17
CA LEU D 118 -3.42 32.10 -4.29
C LEU D 118 -3.47 33.17 -3.22
N GLN D 119 -3.86 34.39 -3.59
CA GLN D 119 -4.01 35.45 -2.59
C GLN D 119 -5.20 35.20 -1.68
N TRP D 120 -6.23 34.50 -2.18
CA TRP D 120 -7.36 34.13 -1.32
C TRP D 120 -6.93 33.12 -0.26
N ASP D 121 -6.08 32.17 -0.63
CA ASP D 121 -5.57 31.25 0.38
C ASP D 121 -4.55 31.92 1.29
N LYS D 122 -3.85 32.94 0.79
CA LYS D 122 -2.91 33.68 1.62
C LYS D 122 -3.63 34.53 2.66
N GLU D 123 -4.79 35.10 2.31
CA GLU D 123 -5.49 35.98 3.24
C GLU D 123 -6.32 35.25 4.29
N ILE D 124 -6.69 33.99 4.04
CA ILE D 124 -7.54 33.26 4.97
C ILE D 124 -6.66 32.10 5.43
N SER D 125 -5.35 32.37 5.55
CA SER D 125 -4.42 31.33 5.95
C SER D 125 -4.49 31.05 7.44
N ASN D 126 -4.70 32.08 8.25
CA ASN D 126 -4.65 31.93 9.70
C ASN D 126 -6.02 31.70 10.33
N TYR D 127 -7.09 31.77 9.56
CA TYR D 127 -8.47 31.70 10.06
C TYR D 127 -9.22 30.50 9.49
N THR D 128 -8.48 29.52 8.94
CA THR D 128 -9.12 28.37 8.31
C THR D 128 -9.58 27.34 9.35
N GLN D 129 -8.82 27.20 10.45
CA GLN D 129 -9.08 26.14 11.42
C GLN D 129 -10.38 26.36 12.19
N ILE D 130 -10.70 27.62 12.51
CA ILE D 130 -11.97 27.91 13.19
C ILE D 130 -13.14 27.66 12.24
N ILE D 131 -12.95 27.91 10.93
CA ILE D 131 -13.98 27.60 9.94
C ILE D 131 -14.20 26.09 9.85
N TYR D 132 -13.11 25.31 9.86
CA TYR D 132 -13.23 23.85 9.81
C TYR D 132 -13.92 23.32 11.06
N GLY D 133 -13.52 23.82 12.24
CA GLY D 133 -14.12 23.39 13.48
C GLY D 133 -15.54 23.85 13.68
N LEU D 134 -15.95 24.91 12.99
CA LEU D 134 -17.35 25.33 13.06
C LEU D 134 -18.22 24.56 12.07
N LEU D 135 -17.68 24.22 10.89
CA LEU D 135 -18.40 23.35 9.97
C LEU D 135 -18.58 21.95 10.55
N GLU D 136 -17.57 21.45 11.26
CA GLU D 136 -17.64 20.08 11.76
C GLU D 136 -18.67 19.93 12.88
N GLU D 137 -18.81 20.94 13.74
CA GLU D 137 -19.66 20.83 14.91
C GLU D 137 -21.01 21.49 14.75
N SER D 138 -21.13 22.56 13.97
CA SER D 138 -22.41 23.22 13.84
C SER D 138 -23.38 22.47 12.94
N GLN D 139 -22.88 21.77 11.92
CA GLN D 139 -23.71 21.21 10.86
C GLN D 139 -23.76 19.69 10.87
N ASN D 140 -23.47 19.04 11.99
CA ASN D 140 -23.55 17.59 12.07
C ASN D 140 -24.42 17.08 13.20
N GLN D 141 -24.80 17.93 14.17
CA GLN D 141 -25.82 17.58 15.15
C GLN D 141 -26.99 18.55 15.13
N GLN D 142 -27.02 19.48 14.18
CA GLN D 142 -28.18 20.34 13.95
C GLN D 142 -28.94 19.98 12.69
N GLU D 143 -28.25 19.67 11.60
CA GLU D 143 -28.92 19.12 10.43
C GLU D 143 -29.31 17.66 10.68
N LYS D 144 -28.42 16.88 11.27
CA LYS D 144 -28.79 15.56 11.76
C LYS D 144 -29.53 15.70 13.09
N ASN D 145 -30.26 14.63 13.44
CA ASN D 145 -31.17 14.50 14.58
C ASN D 145 -32.37 15.45 14.52
N GLU D 146 -32.53 16.18 13.42
CA GLU D 146 -33.77 16.87 13.11
C GLU D 146 -34.56 16.15 12.03
N GLN D 147 -33.88 15.39 11.17
CA GLN D 147 -34.55 14.48 10.26
C GLN D 147 -35.25 13.36 11.02
N ASP D 148 -34.63 12.89 12.11
CA ASP D 148 -35.25 11.85 12.93
C ASP D 148 -36.50 12.36 13.63
N LEU D 149 -36.50 13.62 14.06
CA LEU D 149 -37.70 14.21 14.65
C LEU D 149 -38.78 14.45 13.60
N LEU D 150 -38.38 14.81 12.37
CA LEU D 150 -39.35 14.99 11.30
C LEU D 150 -39.91 13.68 10.78
N ALA D 151 -39.19 12.57 10.99
CA ALA D 151 -39.61 11.26 10.54
C ALA D 151 -40.43 10.50 11.59
N LEU D 152 -41.00 11.23 12.56
CA LEU D 152 -41.88 10.58 13.54
C LEU D 152 -43.22 10.21 12.92
N ASP D 153 -43.64 10.91 11.86
CA ASP D 153 -44.90 10.62 11.19
C ASP D 153 -44.66 10.01 9.82
N ALA E 1 -29.48 22.17 36.16
CA ALA E 1 -28.56 23.04 36.88
C ALA E 1 -27.82 23.96 35.92
N VAL E 2 -26.82 24.68 36.45
CA VAL E 2 -25.99 25.52 35.61
C VAL E 2 -25.07 24.64 34.76
N GLY E 3 -24.70 25.15 33.59
CA GLY E 3 -23.87 24.40 32.66
C GLY E 3 -22.91 25.32 31.94
N ILE E 4 -21.98 24.69 31.21
CA ILE E 4 -21.00 25.42 30.43
C ILE E 4 -20.85 24.88 29.01
N GLY E 5 -21.34 23.68 28.70
CA GLY E 5 -21.19 23.09 27.39
C GLY E 5 -20.79 21.64 27.50
N ALA E 6 -20.44 21.05 26.36
CA ALA E 6 -20.09 19.65 26.29
C ALA E 6 -18.64 19.42 26.71
N VAL E 7 -18.30 18.15 26.90
CA VAL E 7 -16.95 17.74 27.28
C VAL E 7 -16.40 16.76 26.27
N PHE E 8 -15.21 16.24 26.52
CA PHE E 8 -14.49 15.39 25.58
C PHE E 8 -14.03 14.14 26.32
N LEU E 9 -14.82 13.07 26.23
CA LEU E 9 -14.44 11.80 26.85
C LEU E 9 -13.42 11.04 26.03
N GLY E 10 -13.10 11.50 24.82
CA GLY E 10 -11.99 10.96 24.08
C GLY E 10 -12.29 9.69 23.31
N PHE E 11 -11.20 9.05 22.88
CA PHE E 11 -11.28 7.89 22.00
C PHE E 11 -11.79 6.66 22.75
N LEU E 12 -12.82 6.03 22.18
CA LEU E 12 -13.60 4.93 22.78
C LEU E 12 -14.20 5.31 24.14
N GLY E 13 -14.39 6.61 24.40
CA GLY E 13 -14.67 7.07 25.75
C GLY E 13 -16.03 6.67 26.27
N ALA E 14 -17.03 6.71 25.41
CA ALA E 14 -18.38 6.30 25.81
C ALA E 14 -18.63 4.82 25.50
N ALA E 15 -17.72 3.96 25.94
CA ALA E 15 -17.92 2.53 25.79
C ALA E 15 -18.69 1.92 26.95
N GLY E 16 -19.02 2.72 27.96
CA GLY E 16 -19.82 2.24 29.06
C GLY E 16 -21.10 3.03 29.23
N SER E 17 -21.26 4.06 28.40
CA SER E 17 -22.47 4.86 28.46
C SER E 17 -23.66 4.09 27.89
N THR E 18 -24.86 4.49 28.30
CA THR E 18 -26.09 3.80 27.93
C THR E 18 -26.76 4.60 26.82
N MET E 19 -26.36 4.30 25.58
CA MET E 19 -26.68 5.06 24.34
C MET E 19 -26.30 6.51 24.60
N GLY E 20 -27.16 7.48 24.28
CA GLY E 20 -26.96 8.87 24.66
C GLY E 20 -25.75 9.52 24.04
N ALA E 21 -24.71 9.72 24.86
CA ALA E 21 -23.45 10.23 24.36
C ALA E 21 -22.76 9.24 23.42
N ALA E 22 -22.89 7.94 23.70
CA ALA E 22 -22.35 6.93 22.79
C ALA E 22 -23.09 6.91 21.47
N SER E 23 -24.36 7.30 21.46
CA SER E 23 -25.11 7.51 20.23
C SER E 23 -25.03 8.95 19.74
N MET E 24 -24.09 9.74 20.26
CA MET E 24 -23.90 11.11 19.81
C MET E 24 -22.45 11.36 19.42
N THR E 25 -21.51 10.73 20.12
CA THR E 25 -20.08 10.87 19.81
C THR E 25 -19.62 9.79 18.83
N LEU E 26 -20.33 9.72 17.70
CA LEU E 26 -19.95 8.82 16.62
C LEU E 26 -18.75 9.34 15.85
N THR E 27 -18.46 10.63 15.94
CA THR E 27 -17.43 11.27 15.14
C THR E 27 -16.05 11.23 15.79
N VAL E 28 -15.94 10.84 17.06
CA VAL E 28 -14.65 10.81 17.73
C VAL E 28 -13.96 9.46 17.57
N GLN E 29 -14.71 8.40 17.27
CA GLN E 29 -14.13 7.07 17.13
C GLN E 29 -13.96 6.65 15.67
N ALA E 30 -14.62 7.33 14.74
CA ALA E 30 -14.48 7.03 13.32
C ALA E 30 -13.36 7.82 12.64
N ARG E 31 -12.72 8.74 13.37
CA ARG E 31 -11.71 9.61 12.77
C ARG E 31 -10.28 9.13 12.96
N ASN E 32 -10.06 7.99 13.61
CA ASN E 32 -8.71 7.48 13.79
C ASN E 32 -8.55 6.01 13.39
N LEU E 33 -9.38 5.54 12.47
CA LEU E 33 -9.09 4.29 11.77
C LEU E 33 -8.02 4.47 10.71
N LEU E 34 -7.64 5.70 10.38
CA LEU E 34 -6.57 5.99 9.45
C LEU E 34 -5.28 6.42 10.12
N SER E 35 -5.37 6.84 11.39
CA SER E 35 -4.32 7.57 12.10
C SER E 35 -3.86 8.80 11.31
N GLY E 36 -4.82 9.53 10.78
CA GLY E 36 -4.54 10.74 10.03
C GLY E 36 -3.99 10.49 8.64
N LEU E 55 20.12 -6.04 6.98
CA LEU E 55 20.06 -4.69 7.53
C LEU E 55 18.69 -4.54 8.20
N LYS E 56 18.58 -3.63 9.17
CA LYS E 56 17.39 -3.58 10.02
C LYS E 56 16.16 -3.03 9.30
N LEU E 57 16.32 -2.25 8.24
CA LEU E 57 15.18 -1.61 7.60
C LEU E 57 14.52 -2.48 6.53
N THR E 58 15.07 -3.64 6.21
CA THR E 58 14.46 -4.51 5.20
C THR E 58 13.44 -5.47 5.79
N VAL E 59 13.30 -5.52 7.11
CA VAL E 59 12.28 -6.33 7.77
C VAL E 59 11.33 -5.48 8.61
N TRP E 60 11.84 -4.44 9.28
CA TRP E 60 11.00 -3.61 10.14
C TRP E 60 10.05 -2.74 9.32
N GLY E 61 10.54 -2.18 8.21
CA GLY E 61 9.69 -1.40 7.34
C GLY E 61 8.58 -2.22 6.70
N ILE E 62 8.84 -3.50 6.44
CA ILE E 62 7.81 -4.38 5.92
C ILE E 62 6.74 -4.64 6.97
N LYS E 63 7.13 -4.64 8.26
CA LYS E 63 6.14 -4.77 9.33
C LYS E 63 5.29 -3.52 9.46
N GLN E 64 5.93 -2.34 9.37
CA GLN E 64 5.21 -1.08 9.51
C GLN E 64 4.25 -0.84 8.34
N LEU E 65 4.71 -1.15 7.12
CA LEU E 65 3.85 -1.00 5.95
C LEU E 65 2.69 -1.99 5.97
N GLN E 66 2.95 -3.21 6.46
CA GLN E 66 1.87 -4.19 6.58
C GLN E 66 0.86 -3.79 7.66
N ALA E 67 1.29 -3.04 8.67
CA ALA E 67 0.33 -2.46 9.61
C ALA E 67 -0.52 -1.39 8.95
N ARG E 68 0.13 -0.46 8.23
CA ARG E 68 -0.59 0.70 7.69
C ARG E 68 -1.55 0.31 6.56
N VAL E 69 -1.12 -0.57 5.66
CA VAL E 69 -1.97 -0.99 4.54
C VAL E 69 -3.15 -1.81 5.05
N LEU E 70 -2.95 -2.62 6.10
CA LEU E 70 -4.05 -3.36 6.69
C LEU E 70 -5.03 -2.41 7.38
N ALA E 71 -4.55 -1.32 7.97
CA ALA E 71 -5.44 -0.30 8.52
C ALA E 71 -6.28 0.37 7.42
N VAL E 72 -5.65 0.63 6.26
CA VAL E 72 -6.37 1.23 5.14
C VAL E 72 -7.42 0.26 4.59
N GLU E 73 -7.09 -1.03 4.52
CA GLU E 73 -8.09 -2.07 4.21
C GLU E 73 -9.22 -2.09 5.22
N ARG E 74 -8.89 -1.97 6.51
CA ARG E 74 -9.85 -2.00 7.59
C ARG E 74 -10.84 -0.85 7.51
N TYR E 75 -10.38 0.33 7.10
CA TYR E 75 -11.31 1.43 6.86
C TYR E 75 -12.11 1.23 5.58
N LEU E 76 -11.45 0.81 4.50
CA LEU E 76 -12.08 0.85 3.18
C LEU E 76 -13.13 -0.24 3.00
N ARG E 77 -12.89 -1.43 3.53
CA ARG E 77 -13.87 -2.49 3.39
C ARG E 77 -15.07 -2.27 4.30
N ASP E 78 -14.92 -1.55 5.40
CA ASP E 78 -16.08 -1.12 6.16
C ASP E 78 -16.83 0.03 5.51
N GLN E 79 -16.14 0.87 4.73
CA GLN E 79 -16.83 1.93 4.01
C GLN E 79 -17.59 1.40 2.79
N GLN E 80 -17.11 0.31 2.18
CA GLN E 80 -17.80 -0.23 1.01
C GLN E 80 -19.16 -0.82 1.35
N LEU E 81 -19.33 -1.36 2.57
CA LEU E 81 -20.64 -1.87 2.97
C LEU E 81 -21.64 -0.74 3.14
N LEU E 82 -21.19 0.40 3.66
CA LEU E 82 -22.03 1.59 3.69
C LEU E 82 -22.26 2.16 2.29
N GLY E 83 -21.33 1.92 1.37
CA GLY E 83 -21.56 2.28 -0.02
C GLY E 83 -22.64 1.46 -0.69
N ILE E 84 -22.69 0.16 -0.38
CA ILE E 84 -23.74 -0.70 -0.93
C ILE E 84 -25.11 -0.29 -0.41
N TRP E 85 -25.23 -0.16 0.91
CA TRP E 85 -26.47 0.29 1.53
C TRP E 85 -26.62 1.79 1.32
N GLY E 86 -27.35 2.20 0.28
CA GLY E 86 -27.23 3.56 -0.19
C GLY E 86 -27.74 4.60 0.78
N CYS E 87 -26.81 5.20 1.52
CA CYS E 87 -27.12 6.25 2.48
C CYS E 87 -26.45 7.57 2.08
N SER E 88 -25.12 7.58 2.04
CA SER E 88 -24.21 8.64 1.58
C SER E 88 -24.18 9.86 2.49
N GLY E 89 -25.13 9.96 3.42
CA GLY E 89 -25.09 10.82 4.57
C GLY E 89 -24.55 10.03 5.75
N LYS E 90 -23.24 9.82 5.80
CA LYS E 90 -22.61 8.80 6.63
C LYS E 90 -22.81 9.06 8.13
N LEU E 91 -22.48 8.02 8.91
CA LEU E 91 -22.42 7.88 10.36
C LEU E 91 -23.79 7.78 11.04
N ILE E 92 -24.85 8.23 10.37
CA ILE E 92 -26.24 8.02 10.78
C ILE E 92 -27.07 7.97 9.49
N CYS E 93 -27.73 6.85 9.21
CA CYS E 93 -28.65 6.81 8.09
C CYS E 93 -29.79 5.84 8.40
N CYS E 94 -30.94 6.10 7.80
CA CYS E 94 -32.14 5.31 8.04
C CYS E 94 -32.44 4.43 6.83
N THR E 95 -32.88 3.20 7.09
CA THR E 95 -33.34 2.28 6.05
C THR E 95 -34.74 1.80 6.43
N ASN E 96 -35.49 1.36 5.43
CA ASN E 96 -36.91 1.05 5.61
C ASN E 96 -37.17 -0.45 5.75
N VAL E 97 -36.26 -1.18 6.37
CA VAL E 97 -36.51 -2.58 6.71
C VAL E 97 -37.28 -2.63 8.03
N PRO E 98 -38.41 -3.33 8.10
CA PRO E 98 -39.14 -3.45 9.37
C PRO E 98 -38.36 -4.26 10.40
N TRP E 99 -38.57 -3.90 11.66
CA TRP E 99 -37.86 -4.51 12.77
C TRP E 99 -38.64 -5.73 13.25
N ASN E 100 -38.10 -6.92 12.99
CA ASN E 100 -38.68 -8.16 13.48
C ASN E 100 -38.57 -8.23 15.00
N SER E 101 -39.61 -8.74 15.64
CA SER E 101 -39.61 -8.91 17.09
C SER E 101 -38.81 -10.12 17.54
N SER E 102 -38.47 -11.03 16.62
CA SER E 102 -37.64 -12.18 16.97
C SER E 102 -36.18 -11.81 17.18
N TRP E 103 -35.74 -10.67 16.64
CA TRP E 103 -34.35 -10.26 16.83
C TRP E 103 -34.10 -9.79 18.25
N SER E 104 -34.98 -8.95 18.79
CA SER E 104 -34.90 -8.51 20.17
C SER E 104 -36.27 -8.02 20.62
N ASN E 105 -36.74 -8.51 21.76
CA ASN E 105 -38.02 -8.12 22.35
C ASN E 105 -37.77 -7.16 23.51
N ARG E 106 -37.61 -5.88 23.16
CA ARG E 106 -37.33 -4.85 24.15
C ARG E 106 -38.00 -3.55 23.74
N ASN E 107 -38.45 -2.80 24.74
CA ASN E 107 -38.95 -1.45 24.53
C ASN E 107 -37.74 -0.57 24.17
N LEU E 108 -38.00 0.47 23.38
CA LEU E 108 -36.95 1.42 23.04
C LEU E 108 -36.49 2.24 24.24
N SER E 109 -37.36 2.41 25.25
CA SER E 109 -36.92 3.01 26.50
C SER E 109 -36.01 2.06 27.28
N GLU E 110 -36.15 0.75 27.08
CA GLU E 110 -35.20 -0.18 27.67
C GLU E 110 -33.89 -0.21 26.88
N ILE E 111 -33.95 0.00 25.57
CA ILE E 111 -32.75 -0.04 24.74
C ILE E 111 -31.96 1.26 24.86
N TRP E 112 -32.64 2.40 24.79
CA TRP E 112 -31.94 3.67 24.66
C TRP E 112 -31.78 4.42 25.99
N ASP E 113 -32.01 3.76 27.12
CA ASP E 113 -31.77 4.40 28.41
C ASP E 113 -30.99 3.42 29.29
N ASN E 114 -31.20 2.12 29.08
CA ASN E 114 -30.69 1.11 30.00
C ASN E 114 -30.03 -0.03 29.23
N MET E 115 -29.11 0.34 28.32
CA MET E 115 -28.34 -0.65 27.56
C MET E 115 -27.10 0.02 27.02
N THR E 116 -25.93 -0.47 27.41
CA THR E 116 -24.69 -0.02 26.80
C THR E 116 -24.53 -0.66 25.42
N TRP E 117 -23.61 -0.10 24.63
CA TRP E 117 -23.44 -0.56 23.26
C TRP E 117 -22.81 -1.95 23.20
N LEU E 118 -21.91 -2.25 24.13
CA LEU E 118 -21.19 -3.52 24.10
C LEU E 118 -22.10 -4.70 24.41
N GLN E 119 -22.98 -4.56 25.41
CA GLN E 119 -23.92 -5.62 25.72
C GLN E 119 -24.99 -5.76 24.65
N TRP E 120 -25.37 -4.65 24.00
CA TRP E 120 -26.31 -4.72 22.88
C TRP E 120 -25.71 -5.47 21.70
N ASP E 121 -24.42 -5.22 21.40
CA ASP E 121 -23.76 -5.99 20.35
C ASP E 121 -23.57 -7.45 20.74
N LYS E 122 -23.34 -7.71 22.04
CA LYS E 122 -23.25 -9.08 22.52
C LYS E 122 -24.57 -9.82 22.38
N GLU E 123 -25.69 -9.13 22.56
CA GLU E 123 -26.99 -9.76 22.32
C GLU E 123 -27.24 -9.97 20.83
N ILE E 124 -26.95 -8.96 20.02
CA ILE E 124 -27.34 -8.98 18.60
C ILE E 124 -26.43 -9.87 17.74
N SER E 125 -25.17 -10.08 18.15
CA SER E 125 -24.11 -10.57 17.25
C SER E 125 -24.35 -11.98 16.70
N ASN E 126 -25.27 -12.74 17.27
CA ASN E 126 -25.67 -13.99 16.63
C ASN E 126 -26.56 -13.76 15.42
N TYR E 127 -27.21 -12.60 15.32
CA TYR E 127 -28.24 -12.34 14.31
C TYR E 127 -27.80 -11.29 13.29
N THR E 128 -26.55 -10.83 13.35
CA THR E 128 -26.14 -9.66 12.58
C THR E 128 -25.96 -9.96 11.10
N GLN E 129 -25.46 -11.16 10.76
CA GLN E 129 -25.23 -11.51 9.36
C GLN E 129 -26.53 -11.63 8.57
N ILE E 130 -27.61 -12.04 9.24
CA ILE E 130 -28.91 -12.10 8.58
C ILE E 130 -29.40 -10.68 8.26
N ILE E 131 -29.16 -9.74 9.18
CA ILE E 131 -29.48 -8.33 8.94
C ILE E 131 -28.68 -7.79 7.76
N TYR E 132 -27.39 -8.13 7.71
CA TYR E 132 -26.52 -7.64 6.64
C TYR E 132 -26.95 -8.19 5.29
N GLY E 133 -27.25 -9.49 5.23
CA GLY E 133 -27.69 -10.09 3.98
C GLY E 133 -29.05 -9.59 3.53
N LEU E 134 -29.97 -9.37 4.48
CA LEU E 134 -31.29 -8.87 4.10
C LEU E 134 -31.22 -7.42 3.63
N LEU E 135 -30.42 -6.58 4.28
CA LEU E 135 -30.34 -5.19 3.83
C LEU E 135 -29.55 -5.04 2.55
N GLU E 136 -28.58 -5.93 2.30
CA GLU E 136 -27.88 -5.88 1.02
C GLU E 136 -28.76 -6.41 -0.11
N GLU E 137 -29.47 -7.50 0.12
CA GLU E 137 -30.15 -8.20 -0.98
C GLU E 137 -31.50 -7.57 -1.31
N SER E 138 -32.30 -7.22 -0.30
CA SER E 138 -33.68 -6.83 -0.56
C SER E 138 -33.79 -5.36 -0.98
N GLN E 139 -33.39 -4.44 -0.11
CA GLN E 139 -33.78 -3.04 -0.29
C GLN E 139 -32.98 -2.32 -1.36
N ASN E 140 -31.72 -2.65 -1.56
CA ASN E 140 -30.97 -2.01 -2.64
C ASN E 140 -31.35 -2.55 -4.01
N GLN E 141 -31.94 -3.74 -4.08
CA GLN E 141 -32.51 -4.23 -5.32
C GLN E 141 -33.98 -3.84 -5.48
N GLN E 142 -34.57 -3.21 -4.47
CA GLN E 142 -35.94 -2.73 -4.56
C GLN E 142 -36.06 -1.21 -4.57
N GLU E 143 -34.96 -0.50 -4.34
CA GLU E 143 -34.90 0.94 -4.57
C GLU E 143 -34.34 1.26 -5.95
N LYS E 144 -33.18 0.71 -6.28
CA LYS E 144 -32.77 0.63 -7.67
C LYS E 144 -33.63 -0.40 -8.40
N ASN E 145 -33.70 -0.24 -9.72
CA ASN E 145 -34.67 -0.88 -10.62
C ASN E 145 -36.12 -0.53 -10.25
N GLU E 146 -36.32 0.60 -9.56
CA GLU E 146 -37.63 1.18 -9.35
C GLU E 146 -37.58 2.67 -9.65
N GLN E 147 -36.40 3.27 -9.48
CA GLN E 147 -36.21 4.64 -9.89
C GLN E 147 -36.13 4.75 -11.41
N ASP E 148 -35.66 3.70 -12.08
CA ASP E 148 -35.79 3.63 -13.53
C ASP E 148 -37.25 3.51 -13.95
N LEU E 149 -38.06 2.82 -13.15
CA LEU E 149 -39.50 2.76 -13.41
C LEU E 149 -40.17 4.09 -13.10
N LEU E 150 -39.63 4.85 -12.15
CA LEU E 150 -40.20 6.17 -11.85
C LEU E 150 -39.83 7.18 -12.92
N ALA E 151 -38.73 6.96 -13.63
CA ALA E 151 -38.27 7.85 -14.69
C ALA E 151 -38.77 7.43 -16.06
N LEU E 152 -39.94 6.79 -16.13
CA LEU E 152 -40.49 6.36 -17.41
C LEU E 152 -40.97 7.55 -18.24
N ASP E 153 -41.65 8.49 -17.59
CA ASP E 153 -42.19 9.65 -18.29
C ASP E 153 -41.59 10.95 -17.76
N ALA F 1 -44.06 -20.37 -14.16
CA ALA F 1 -44.16 -21.60 -13.38
C ALA F 1 -44.03 -21.30 -11.89
N VAL F 2 -43.77 -22.34 -11.10
CA VAL F 2 -43.59 -22.18 -9.67
C VAL F 2 -42.22 -21.61 -9.38
N GLY F 3 -42.14 -20.76 -8.36
CA GLY F 3 -40.90 -20.09 -8.02
C GLY F 3 -40.51 -20.33 -6.57
N ILE F 4 -39.21 -20.24 -6.33
CA ILE F 4 -38.65 -20.41 -4.99
C ILE F 4 -37.84 -19.21 -4.55
N GLY F 5 -37.46 -18.32 -5.45
CA GLY F 5 -36.54 -17.22 -5.16
C GLY F 5 -35.32 -17.29 -6.06
N ALA F 6 -34.47 -16.27 -5.91
CA ALA F 6 -33.28 -16.14 -6.73
C ALA F 6 -32.21 -17.14 -6.31
N VAL F 7 -31.22 -17.32 -7.19
CA VAL F 7 -30.08 -18.18 -6.91
C VAL F 7 -28.83 -17.31 -6.92
N PHE F 8 -27.74 -17.87 -6.41
CA PHE F 8 -26.49 -17.15 -6.23
C PHE F 8 -25.51 -17.67 -7.27
N LEU F 9 -25.40 -16.97 -8.39
CA LEU F 9 -24.59 -17.46 -9.50
C LEU F 9 -23.10 -17.34 -9.25
N GLY F 10 -22.68 -16.53 -8.29
CA GLY F 10 -21.30 -16.49 -7.85
C GLY F 10 -20.51 -15.36 -8.48
N PHE F 11 -19.23 -15.34 -8.13
CA PHE F 11 -18.30 -14.32 -8.61
C PHE F 11 -18.04 -14.52 -10.10
N LEU F 12 -18.16 -13.41 -10.87
CA LEU F 12 -18.11 -13.41 -12.35
C LEU F 12 -19.14 -14.37 -12.94
N GLY F 13 -20.30 -14.47 -12.29
CA GLY F 13 -21.27 -15.50 -12.58
C GLY F 13 -21.98 -15.36 -13.90
N ALA F 14 -22.69 -14.26 -14.09
CA ALA F 14 -23.46 -14.05 -15.31
C ALA F 14 -22.63 -13.35 -16.39
N ALA F 15 -21.43 -13.87 -16.65
CA ALA F 15 -20.55 -13.24 -17.63
C ALA F 15 -20.99 -13.51 -19.06
N GLY F 16 -21.62 -14.66 -19.31
CA GLY F 16 -22.16 -14.98 -20.60
C GLY F 16 -23.65 -14.80 -20.71
N SER F 17 -24.29 -14.23 -19.70
CA SER F 17 -25.74 -14.07 -19.69
C SER F 17 -26.11 -12.81 -20.46
N THR F 18 -27.40 -12.48 -20.48
CA THR F 18 -27.88 -11.27 -21.10
C THR F 18 -27.54 -10.06 -20.22
N MET F 19 -27.59 -8.88 -20.82
CA MET F 19 -27.31 -7.65 -20.08
C MET F 19 -28.39 -7.32 -19.06
N GLY F 20 -29.64 -7.72 -19.32
CA GLY F 20 -30.70 -7.52 -18.37
C GLY F 20 -30.56 -8.39 -17.14
N ALA F 21 -30.15 -9.65 -17.34
CA ALA F 21 -29.99 -10.57 -16.22
C ALA F 21 -28.71 -10.30 -15.43
N ALA F 22 -27.65 -9.87 -16.11
CA ALA F 22 -26.37 -9.62 -15.44
C ALA F 22 -26.30 -8.25 -14.78
N SER F 23 -27.35 -7.44 -14.89
CA SER F 23 -27.40 -6.16 -14.19
C SER F 23 -27.92 -6.28 -12.77
N MET F 24 -28.26 -7.50 -12.33
CA MET F 24 -28.69 -7.72 -10.95
C MET F 24 -27.59 -8.26 -10.06
N THR F 25 -26.50 -8.77 -10.63
CA THR F 25 -25.36 -9.28 -9.86
C THR F 25 -24.18 -8.33 -9.88
N LEU F 26 -24.44 -7.02 -9.86
CA LEU F 26 -23.35 -6.06 -9.74
C LEU F 26 -22.77 -6.05 -8.33
N THR F 27 -23.59 -6.35 -7.33
CA THR F 27 -23.17 -6.27 -5.94
C THR F 27 -22.15 -7.36 -5.58
N VAL F 28 -22.27 -8.54 -6.20
CA VAL F 28 -21.37 -9.63 -5.85
C VAL F 28 -19.98 -9.40 -6.48
N GLN F 29 -19.92 -8.63 -7.56
CA GLN F 29 -18.64 -8.29 -8.17
C GLN F 29 -18.16 -6.90 -7.77
N ALA F 30 -18.92 -6.18 -6.95
CA ALA F 30 -18.39 -4.97 -6.34
C ALA F 30 -17.64 -5.26 -5.05
N ARG F 31 -18.05 -6.29 -4.30
CA ARG F 31 -17.46 -6.55 -2.99
C ARG F 31 -16.21 -7.41 -3.04
N ASN F 32 -15.89 -8.02 -4.19
CA ASN F 32 -14.74 -8.90 -4.29
C ASN F 32 -13.62 -8.23 -5.12
N LEU F 33 -13.74 -6.93 -5.35
CA LEU F 33 -12.69 -6.17 -6.01
C LEU F 33 -11.60 -5.71 -5.04
N LEU F 34 -11.85 -5.79 -3.74
CA LEU F 34 -10.91 -5.32 -2.74
C LEU F 34 -10.30 -6.44 -1.91
N SER F 35 -11.05 -7.53 -1.72
CA SER F 35 -10.68 -8.76 -0.98
C SER F 35 -10.41 -8.36 0.48
N GLY F 36 -9.36 -8.90 1.11
CA GLY F 36 -9.10 -8.64 2.51
C GLY F 36 -7.90 -7.74 2.77
N LYS F 56 14.63 -17.17 8.52
CA LYS F 56 15.57 -16.24 9.12
C LYS F 56 15.12 -14.80 8.91
N LEU F 57 16.06 -13.93 8.53
CA LEU F 57 15.76 -12.52 8.37
C LEU F 57 15.46 -12.15 6.92
N THR F 58 16.06 -12.85 5.95
CA THR F 58 15.92 -12.52 4.53
C THR F 58 14.68 -13.18 3.92
N VAL F 59 13.54 -12.90 4.54
CA VAL F 59 12.28 -13.48 4.09
C VAL F 59 11.77 -12.82 2.82
N TRP F 60 12.14 -11.55 2.57
CA TRP F 60 11.75 -10.74 1.41
C TRP F 60 10.23 -10.68 1.35
N GLY F 61 9.59 -11.06 0.24
CA GLY F 61 8.15 -11.09 0.17
C GLY F 61 7.46 -9.75 0.15
N ILE F 62 7.94 -8.81 -0.67
CA ILE F 62 7.28 -7.52 -0.83
C ILE F 62 6.35 -7.50 -2.04
N LYS F 63 6.28 -8.60 -2.80
CA LYS F 63 5.37 -8.66 -3.94
C LYS F 63 3.92 -8.70 -3.50
N GLN F 64 3.64 -9.34 -2.35
CA GLN F 64 2.29 -9.36 -1.80
C GLN F 64 1.83 -7.97 -1.41
N LEU F 65 2.68 -7.20 -0.75
CA LEU F 65 2.32 -5.85 -0.34
C LEU F 65 2.20 -4.91 -1.54
N GLN F 66 3.06 -5.09 -2.54
CA GLN F 66 2.96 -4.32 -3.77
C GLN F 66 1.65 -4.60 -4.50
N ALA F 67 1.25 -5.87 -4.56
CA ALA F 67 -0.03 -6.22 -5.18
C ALA F 67 -1.20 -5.69 -4.38
N ARG F 68 -1.11 -5.69 -3.05
CA ARG F 68 -2.19 -5.16 -2.23
C ARG F 68 -2.37 -3.66 -2.42
N VAL F 69 -1.26 -2.91 -2.44
CA VAL F 69 -1.34 -1.46 -2.67
C VAL F 69 -1.82 -1.15 -4.09
N LEU F 70 -1.44 -1.97 -5.07
CA LEU F 70 -1.94 -1.80 -6.43
C LEU F 70 -3.44 -2.09 -6.52
N ALA F 71 -3.93 -3.06 -5.75
CA ALA F 71 -5.38 -3.30 -5.69
C ALA F 71 -6.11 -2.14 -5.02
N VAL F 72 -5.50 -1.55 -3.98
CA VAL F 72 -6.07 -0.38 -3.31
C VAL F 72 -6.20 0.79 -4.29
N GLU F 73 -5.14 1.05 -5.06
CA GLU F 73 -5.18 2.14 -6.03
C GLU F 73 -6.14 1.84 -7.18
N ARG F 74 -6.23 0.58 -7.59
CA ARG F 74 -7.12 0.17 -8.67
C ARG F 74 -8.58 0.36 -8.29
N TYR F 75 -8.94 0.02 -7.05
CA TYR F 75 -10.32 0.30 -6.61
C TYR F 75 -10.55 1.79 -6.40
N LEU F 76 -9.57 2.49 -5.83
CA LEU F 76 -9.80 3.86 -5.40
C LEU F 76 -9.86 4.83 -6.57
N ARG F 77 -9.13 4.56 -7.66
CA ARG F 77 -9.23 5.42 -8.83
C ARG F 77 -10.59 5.30 -9.51
N ASP F 78 -11.15 4.08 -9.54
CA ASP F 78 -12.49 3.91 -10.07
C ASP F 78 -13.54 4.54 -9.16
N GLN F 79 -13.31 4.50 -7.84
CA GLN F 79 -14.22 5.18 -6.91
C GLN F 79 -14.17 6.70 -7.09
N GLN F 80 -12.97 7.25 -7.31
CA GLN F 80 -12.85 8.68 -7.59
C GLN F 80 -13.48 9.06 -8.93
N LEU F 81 -13.33 8.19 -9.94
CA LEU F 81 -13.94 8.45 -11.25
C LEU F 81 -15.47 8.39 -11.17
N LEU F 82 -16.02 7.56 -10.29
CA LEU F 82 -17.45 7.68 -9.99
C LEU F 82 -17.75 8.92 -9.16
N GLY F 83 -16.78 9.38 -8.36
CA GLY F 83 -17.00 10.57 -7.55
C GLY F 83 -17.12 11.85 -8.35
N ILE F 84 -16.32 11.97 -9.41
CA ILE F 84 -16.44 13.12 -10.32
C ILE F 84 -17.78 13.09 -11.04
N TRP F 85 -18.16 11.91 -11.53
CA TRP F 85 -19.49 11.69 -12.13
C TRP F 85 -20.51 11.58 -11.01
N GLY F 86 -20.79 12.72 -10.36
CA GLY F 86 -21.22 12.65 -8.97
C GLY F 86 -22.58 12.03 -8.72
N CYS F 87 -22.55 10.74 -8.39
CA CYS F 87 -23.70 10.01 -7.91
C CYS F 87 -23.48 9.49 -6.50
N SER F 88 -22.49 8.60 -6.33
CA SER F 88 -21.98 8.02 -5.09
C SER F 88 -22.96 7.15 -4.32
N GLY F 89 -24.24 7.13 -4.73
CA GLY F 89 -25.18 6.09 -4.41
C GLY F 89 -25.14 5.13 -5.57
N LYS F 90 -24.04 4.40 -5.66
CA LYS F 90 -23.52 3.90 -6.92
C LYS F 90 -24.23 2.62 -7.36
N LEU F 91 -23.61 1.98 -8.35
CA LEU F 91 -23.92 0.73 -9.08
C LEU F 91 -25.07 0.87 -10.06
N ILE F 92 -25.92 1.88 -9.89
CA ILE F 92 -26.91 2.34 -10.87
C ILE F 92 -27.08 3.83 -10.62
N CYS F 93 -26.74 4.67 -11.58
CA CYS F 93 -27.17 6.07 -11.51
C CYS F 93 -27.38 6.58 -12.93
N CYS F 94 -28.49 7.27 -13.13
CA CYS F 94 -28.85 7.80 -14.44
C CYS F 94 -28.45 9.26 -14.53
N THR F 95 -27.90 9.62 -15.68
CA THR F 95 -27.49 10.97 -16.02
C THR F 95 -28.31 11.44 -17.21
N ASN F 96 -28.12 12.70 -17.60
CA ASN F 96 -28.94 13.32 -18.62
C ASN F 96 -28.10 13.68 -19.85
N VAL F 97 -27.15 12.82 -20.20
CA VAL F 97 -26.38 12.97 -21.44
C VAL F 97 -27.07 12.14 -22.52
N PRO F 98 -27.38 12.71 -23.68
CA PRO F 98 -28.14 11.97 -24.70
C PRO F 98 -27.30 10.88 -25.37
N TRP F 99 -28.00 9.89 -25.90
CA TRP F 99 -27.40 8.77 -26.61
C TRP F 99 -27.54 9.01 -28.11
N ASN F 100 -26.42 9.26 -28.77
CA ASN F 100 -26.38 9.40 -30.22
C ASN F 100 -26.67 8.06 -30.90
N SER F 101 -27.15 8.15 -32.13
CA SER F 101 -27.29 6.95 -32.95
C SER F 101 -25.97 6.53 -33.60
N SER F 102 -24.94 7.38 -33.51
CA SER F 102 -23.65 7.05 -34.10
C SER F 102 -22.87 6.02 -33.28
N TRP F 103 -23.06 6.01 -31.96
CA TRP F 103 -22.26 5.13 -31.11
C TRP F 103 -22.71 3.68 -31.25
N SER F 104 -24.02 3.44 -31.27
CA SER F 104 -24.56 2.12 -31.53
C SER F 104 -25.96 2.27 -32.09
N ASN F 105 -26.26 1.58 -33.18
CA ASN F 105 -27.52 1.73 -33.88
C ASN F 105 -28.59 0.75 -33.41
N ARG F 106 -28.29 -0.10 -32.43
CA ARG F 106 -29.28 -1.04 -31.94
C ARG F 106 -30.31 -0.34 -31.05
N ASN F 107 -31.48 -0.95 -30.97
CA ASN F 107 -32.60 -0.38 -30.23
C ASN F 107 -32.47 -0.63 -28.73
N LEU F 108 -33.55 -0.37 -27.99
CA LEU F 108 -33.60 -0.60 -26.55
C LEU F 108 -34.11 -1.98 -26.18
N SER F 109 -34.55 -2.78 -27.15
CA SER F 109 -35.13 -4.09 -26.86
C SER F 109 -34.13 -5.22 -27.01
N GLU F 110 -33.31 -5.17 -28.07
CA GLU F 110 -32.32 -6.22 -28.27
C GLU F 110 -31.15 -6.08 -27.29
N ILE F 111 -30.85 -4.86 -26.86
CA ILE F 111 -29.67 -4.62 -26.06
C ILE F 111 -29.81 -5.17 -24.63
N TRP F 112 -31.03 -5.30 -24.12
CA TRP F 112 -31.24 -5.71 -22.74
C TRP F 112 -31.70 -7.15 -22.60
N ASP F 113 -31.90 -7.87 -23.71
CA ASP F 113 -32.32 -9.26 -23.59
C ASP F 113 -31.64 -10.23 -24.56
N ASN F 114 -30.94 -9.77 -25.59
CA ASN F 114 -30.37 -10.66 -26.60
C ASN F 114 -28.87 -10.47 -26.78
N MET F 115 -28.16 -9.94 -25.79
CA MET F 115 -26.75 -9.63 -25.99
C MET F 115 -26.02 -9.65 -24.66
N THR F 116 -24.78 -10.12 -24.68
CA THR F 116 -23.94 -10.21 -23.49
C THR F 116 -23.24 -8.88 -23.22
N TRP F 117 -22.64 -8.77 -22.03
CA TRP F 117 -21.88 -7.57 -21.69
C TRP F 117 -20.54 -7.51 -22.41
N LEU F 118 -19.95 -8.66 -22.73
CA LEU F 118 -18.63 -8.68 -23.36
C LEU F 118 -18.69 -8.18 -24.79
N GLN F 119 -19.73 -8.58 -25.54
CA GLN F 119 -19.91 -8.06 -26.89
C GLN F 119 -20.25 -6.58 -26.88
N TRP F 120 -20.95 -6.10 -25.86
CA TRP F 120 -21.21 -4.66 -25.75
C TRP F 120 -19.94 -3.90 -25.39
N ASP F 121 -19.05 -4.49 -24.59
CA ASP F 121 -17.77 -3.85 -24.32
C ASP F 121 -16.89 -3.84 -25.56
N LYS F 122 -17.02 -4.86 -26.43
CA LYS F 122 -16.34 -4.83 -27.71
C LYS F 122 -16.91 -3.75 -28.63
N GLU F 123 -18.23 -3.60 -28.66
CA GLU F 123 -18.87 -2.63 -29.54
C GLU F 123 -18.80 -1.20 -29.03
N ILE F 124 -18.45 -0.99 -27.75
CA ILE F 124 -18.39 0.36 -27.21
C ILE F 124 -16.96 0.86 -27.05
N SER F 125 -15.96 -0.02 -27.16
CA SER F 125 -14.57 0.32 -26.87
C SER F 125 -13.98 1.32 -27.86
N ASN F 126 -14.59 1.48 -29.04
CA ASN F 126 -14.17 2.52 -29.96
C ASN F 126 -14.65 3.91 -29.53
N TYR F 127 -15.57 4.00 -28.56
CA TYR F 127 -16.16 5.27 -28.18
C TYR F 127 -16.35 5.40 -26.67
N THR F 128 -15.49 4.76 -25.87
CA THR F 128 -15.59 4.93 -24.41
C THR F 128 -15.10 6.31 -23.98
N GLN F 129 -14.04 6.81 -24.61
CA GLN F 129 -13.43 8.05 -24.14
C GLN F 129 -14.29 9.26 -24.44
N ILE F 130 -15.03 9.25 -25.55
CA ILE F 130 -15.93 10.37 -25.86
C ILE F 130 -17.12 10.38 -24.89
N ILE F 131 -17.61 9.20 -24.50
CA ILE F 131 -18.69 9.11 -23.51
C ILE F 131 -18.21 9.61 -22.16
N TYR F 132 -17.01 9.17 -21.75
CA TYR F 132 -16.44 9.59 -20.48
C TYR F 132 -16.18 11.10 -20.45
N GLY F 133 -15.66 11.65 -21.56
CA GLY F 133 -15.39 13.07 -21.63
C GLY F 133 -16.65 13.92 -21.63
N LEU F 134 -17.67 13.50 -22.38
CA LEU F 134 -18.96 14.21 -22.40
C LEU F 134 -19.60 14.22 -21.02
N LEU F 135 -19.74 13.04 -20.41
CA LEU F 135 -20.48 12.97 -19.15
C LEU F 135 -19.66 13.51 -18.00
N GLU F 136 -18.33 13.57 -18.14
CA GLU F 136 -17.47 14.14 -17.11
C GLU F 136 -17.48 15.66 -17.18
N GLU F 137 -17.32 16.20 -18.39
CA GLU F 137 -17.21 17.65 -18.52
C GLU F 137 -18.58 18.32 -18.47
N SER F 138 -19.45 17.99 -19.43
CA SER F 138 -20.56 18.86 -19.76
C SER F 138 -21.60 18.92 -18.66
N GLN F 139 -22.04 17.77 -18.16
CA GLN F 139 -23.19 17.80 -17.26
C GLN F 139 -22.81 18.18 -15.83
N ASN F 140 -21.60 17.86 -15.39
CA ASN F 140 -21.14 18.39 -14.11
C ASN F 140 -20.54 19.78 -14.22
N GLN F 141 -20.44 20.34 -15.42
CA GLN F 141 -20.21 21.77 -15.56
C GLN F 141 -21.50 22.55 -15.73
N GLN F 142 -22.61 21.90 -16.08
CA GLN F 142 -23.90 22.58 -16.17
C GLN F 142 -24.79 22.39 -14.95
N GLU F 143 -24.81 21.20 -14.33
CA GLU F 143 -25.65 21.02 -13.14
C GLU F 143 -25.07 21.76 -11.94
N LYS F 144 -23.76 21.65 -11.74
CA LYS F 144 -23.14 22.42 -10.67
C LYS F 144 -22.98 23.86 -11.14
N ASN F 145 -23.15 24.79 -10.20
CA ASN F 145 -23.39 26.23 -10.31
C ASN F 145 -24.76 26.58 -10.88
N GLU F 146 -25.59 25.59 -11.24
CA GLU F 146 -26.99 25.85 -11.53
C GLU F 146 -27.83 25.80 -10.26
N GLN F 147 -27.50 24.88 -9.34
CA GLN F 147 -28.13 24.88 -8.04
C GLN F 147 -27.67 26.04 -7.18
N ASP F 148 -26.50 26.62 -7.48
CA ASP F 148 -26.11 27.88 -6.85
C ASP F 148 -26.99 29.02 -7.31
N LEU F 149 -27.37 29.02 -8.59
CA LEU F 149 -28.32 30.00 -9.09
C LEU F 149 -29.73 29.75 -8.55
N LEU F 150 -30.08 28.48 -8.33
CA LEU F 150 -31.37 28.16 -7.73
C LEU F 150 -31.41 28.55 -6.26
N ALA F 151 -30.29 28.43 -5.56
CA ALA F 151 -30.23 28.82 -4.16
C ALA F 151 -29.53 30.18 -4.02
N GLN G 1 8.95 33.86 -25.77
CA GLN G 1 8.92 32.43 -25.48
C GLN G 1 7.81 31.74 -26.25
N GLU G 2 6.64 32.38 -26.29
CA GLU G 2 5.53 31.85 -27.06
C GLU G 2 5.80 32.08 -28.56
N VAL G 3 5.83 30.99 -29.33
CA VAL G 3 6.21 31.08 -30.73
C VAL G 3 5.54 29.93 -31.47
N LEU G 4 5.20 30.17 -32.73
CA LEU G 4 4.66 29.16 -33.63
C LEU G 4 5.65 28.99 -34.78
N VAL G 5 6.02 27.74 -35.06
CA VAL G 5 7.03 27.42 -36.06
C VAL G 5 6.38 26.68 -37.21
N GLN G 6 6.57 27.19 -38.42
CA GLN G 6 6.03 26.59 -39.64
C GLN G 6 7.12 25.90 -40.42
N SER G 7 6.70 25.18 -41.46
CA SER G 7 7.61 24.39 -42.28
C SER G 7 8.24 25.26 -43.36
N GLY G 8 8.90 24.62 -44.33
CA GLY G 8 9.58 25.33 -45.39
C GLY G 8 8.67 25.64 -46.57
N ALA G 9 9.28 26.17 -47.63
CA ALA G 9 8.57 26.53 -48.83
C ALA G 9 8.13 25.28 -49.60
N GLU G 10 7.11 25.46 -50.45
CA GLU G 10 6.56 24.34 -51.19
C GLU G 10 6.02 24.84 -52.52
N VAL G 11 6.31 24.10 -53.59
CA VAL G 11 5.80 24.38 -54.93
C VAL G 11 5.10 23.11 -55.42
N LYS G 12 3.83 23.24 -55.79
CA LYS G 12 3.01 22.08 -56.10
C LYS G 12 2.17 22.36 -57.35
N LYS G 13 1.93 21.31 -58.14
CA LYS G 13 1.27 21.47 -59.43
C LYS G 13 -0.25 21.45 -59.26
N PRO G 14 -0.97 22.32 -59.99
CA PRO G 14 -2.40 22.51 -59.72
C PRO G 14 -3.26 21.29 -60.00
N GLY G 15 -4.26 21.09 -59.13
CA GLY G 15 -5.15 19.95 -59.18
C GLY G 15 -5.08 19.03 -57.97
N ALA G 16 -3.93 18.99 -57.29
CA ALA G 16 -3.72 18.11 -56.16
C ALA G 16 -4.05 18.83 -54.85
N SER G 17 -3.62 18.25 -53.73
CA SER G 17 -3.82 18.82 -52.40
C SER G 17 -2.48 19.17 -51.78
N VAL G 18 -2.50 20.12 -50.84
CA VAL G 18 -1.30 20.58 -50.14
C VAL G 18 -1.52 20.45 -48.64
N LYS G 19 -0.50 19.98 -47.93
CA LYS G 19 -0.49 19.88 -46.48
C LYS G 19 0.64 20.75 -45.93
N VAL G 20 0.31 21.59 -44.94
CA VAL G 20 1.32 22.41 -44.28
C VAL G 20 1.15 22.22 -42.77
N SER G 21 2.27 22.32 -42.05
CA SER G 21 2.32 22.03 -40.62
C SER G 21 2.67 23.27 -39.82
N CYS G 22 2.20 23.31 -38.58
CA CYS G 22 2.49 24.42 -37.68
C CYS G 22 2.58 23.88 -36.26
N ARG G 23 3.71 24.07 -35.61
CA ARG G 23 3.98 23.53 -34.28
C ARG G 23 4.07 24.65 -33.27
N ALA G 24 3.60 24.39 -32.05
CA ALA G 24 3.53 25.39 -30.99
C ALA G 24 4.64 25.16 -29.95
N PHE G 25 5.37 26.22 -29.60
CA PHE G 25 6.35 26.18 -28.54
C PHE G 25 6.08 27.31 -27.56
N GLY G 26 6.19 27.00 -26.26
CA GLY G 26 6.14 28.01 -25.23
C GLY G 26 4.80 28.19 -24.56
N TYR G 27 3.72 27.66 -25.13
CA TYR G 27 2.40 27.76 -24.53
C TYR G 27 1.73 26.39 -24.58
N THR G 28 0.70 26.21 -23.75
CA THR G 28 -0.02 24.95 -23.69
C THR G 28 -1.00 24.86 -24.86
N PHE G 29 -0.83 23.83 -25.69
CA PHE G 29 -1.46 23.80 -27.00
C PHE G 29 -2.96 23.52 -26.91
N THR G 30 -3.39 22.80 -25.89
CA THR G 30 -4.75 22.29 -25.83
C THR G 30 -5.75 23.27 -25.22
N GLY G 31 -5.38 24.54 -25.10
CA GLY G 31 -6.29 25.49 -24.46
C GLY G 31 -6.65 26.71 -25.28
N ASN G 32 -5.98 26.89 -26.40
CA ASN G 32 -6.04 28.14 -27.17
C ASN G 32 -6.45 27.84 -28.60
N ALA G 33 -7.45 28.56 -29.09
CA ALA G 33 -7.94 28.38 -30.45
C ALA G 33 -6.90 28.86 -31.46
N LEU G 34 -6.95 28.26 -32.66
CA LEU G 34 -5.89 28.47 -33.65
C LEU G 34 -6.49 28.82 -35.01
N HIS G 35 -5.98 29.91 -35.61
CA HIS G 35 -6.51 30.43 -36.87
C HIS G 35 -5.53 30.20 -38.01
N TRP G 36 -6.08 30.08 -39.21
CA TRP G 36 -5.31 30.00 -40.45
C TRP G 36 -5.60 31.23 -41.30
N VAL G 37 -4.55 31.97 -41.66
CA VAL G 37 -4.68 33.20 -42.44
C VAL G 37 -3.75 33.12 -43.65
N ARG G 38 -4.29 33.35 -44.84
CA ARG G 38 -3.47 33.36 -46.05
C ARG G 38 -3.44 34.75 -46.66
N GLN G 39 -2.35 35.03 -47.38
CA GLN G 39 -2.13 36.34 -47.99
C GLN G 39 -1.66 36.15 -49.41
N ALA G 40 -2.42 36.67 -50.37
CA ALA G 40 -1.98 36.73 -51.74
C ALA G 40 -0.87 37.78 -51.90
N PRO G 41 0.04 37.61 -52.85
CA PRO G 41 1.07 38.63 -53.08
C PRO G 41 0.46 39.91 -53.65
N GLY G 42 0.67 41.01 -52.94
CA GLY G 42 0.13 42.31 -53.32
C GLY G 42 -1.24 42.62 -52.77
N GLN G 43 -1.90 41.66 -52.14
CA GLN G 43 -3.23 41.85 -51.58
C GLN G 43 -3.16 41.82 -50.05
N GLY G 44 -4.33 41.92 -49.42
CA GLY G 44 -4.43 41.90 -47.98
C GLY G 44 -4.50 40.49 -47.43
N LEU G 45 -4.98 40.38 -46.20
CA LEU G 45 -5.12 39.11 -45.52
C LEU G 45 -6.54 38.59 -45.71
N GLU G 46 -6.66 37.32 -46.05
CA GLU G 46 -7.95 36.65 -46.15
C GLU G 46 -8.00 35.48 -45.18
N TRP G 47 -9.13 35.34 -44.50
CA TRP G 47 -9.30 34.37 -43.44
C TRP G 47 -9.73 33.02 -44.02
N LEU G 48 -9.19 31.93 -43.45
CA LEU G 48 -9.47 30.59 -43.97
C LEU G 48 -10.30 29.75 -43.00
N GLY G 49 -9.84 29.57 -41.76
CA GLY G 49 -10.56 28.72 -40.84
C GLY G 49 -9.98 28.80 -39.45
N TRP G 50 -10.68 28.18 -38.50
CA TRP G 50 -10.20 28.20 -37.11
C TRP G 50 -10.61 26.91 -36.40
N ILE G 51 -9.71 26.42 -35.54
CA ILE G 51 -9.78 25.09 -34.99
C ILE G 51 -9.56 25.14 -33.48
N ASN G 52 -10.38 24.38 -32.74
CA ASN G 52 -10.12 24.07 -31.35
C ASN G 52 -9.18 22.88 -31.28
N PRO G 53 -8.03 23.00 -30.63
CA PRO G 53 -7.09 21.87 -30.58
C PRO G 53 -7.46 20.79 -29.58
N HIS G 54 -8.46 21.00 -28.73
CA HIS G 54 -8.80 20.00 -27.73
C HIS G 54 -9.86 19.02 -28.24
N SER G 55 -11.05 19.54 -28.58
CA SER G 55 -12.14 18.67 -29.02
C SER G 55 -12.05 18.27 -30.48
N GLY G 56 -11.13 18.88 -31.24
CA GLY G 56 -11.03 18.60 -32.66
C GLY G 56 -12.06 19.32 -33.51
N ASP G 57 -12.85 20.20 -32.92
CA ASP G 57 -13.88 20.91 -33.67
C ASP G 57 -13.21 21.95 -34.57
N THR G 58 -13.71 22.05 -35.80
CA THR G 58 -13.19 22.98 -36.79
C THR G 58 -14.34 23.83 -37.32
N THR G 59 -13.99 24.99 -37.86
CA THR G 59 -14.98 25.81 -38.56
C THR G 59 -14.26 26.54 -39.69
N THR G 60 -14.73 26.30 -40.91
CA THR G 60 -14.18 26.86 -42.14
C THR G 60 -15.20 27.82 -42.72
N SER G 61 -14.71 28.91 -43.32
CA SER G 61 -15.58 29.85 -44.03
C SER G 61 -16.28 29.16 -45.20
N GLN G 62 -17.47 29.67 -45.53
CA GLN G 62 -18.32 29.05 -46.55
C GLN G 62 -17.74 29.17 -47.96
N LYS G 63 -16.80 30.09 -48.17
CA LYS G 63 -16.11 30.19 -49.46
C LYS G 63 -15.12 29.04 -49.65
N PHE G 64 -14.72 28.38 -48.57
CA PHE G 64 -13.73 27.30 -48.62
C PHE G 64 -14.25 26.03 -47.96
N GLN G 65 -15.56 25.90 -47.78
CA GLN G 65 -16.11 24.67 -47.23
C GLN G 65 -16.07 23.55 -48.27
N GLY G 66 -15.79 22.33 -47.79
CA GLY G 66 -15.70 21.17 -48.64
C GLY G 66 -14.38 21.03 -49.40
N ARG G 67 -13.47 21.98 -49.26
CA ARG G 67 -12.19 21.94 -49.95
C ARG G 67 -10.99 22.17 -49.04
N VAL G 68 -11.18 22.78 -47.87
CA VAL G 68 -10.10 23.05 -46.93
C VAL G 68 -10.41 22.30 -45.64
N TYR G 69 -9.45 21.49 -45.18
CA TYR G 69 -9.60 20.67 -44.00
C TYR G 69 -8.52 21.01 -42.98
N MET G 70 -8.89 20.93 -41.70
CA MET G 70 -8.02 21.31 -40.60
C MET G 70 -7.93 20.14 -39.62
N THR G 71 -6.72 19.69 -39.32
CA THR G 71 -6.50 18.59 -38.39
C THR G 71 -5.43 18.98 -37.38
N ARG G 72 -5.32 18.18 -36.32
CA ARG G 72 -4.40 18.48 -35.24
C ARG G 72 -3.82 17.18 -34.68
N ASP G 73 -2.67 17.31 -34.02
CA ASP G 73 -2.00 16.21 -33.35
C ASP G 73 -1.53 16.68 -31.99
N LYS G 74 -2.10 16.09 -30.94
CA LYS G 74 -1.88 16.56 -29.58
C LYS G 74 -0.57 16.08 -28.99
N SER G 75 -0.06 14.93 -29.41
CA SER G 75 1.13 14.36 -28.81
C SER G 75 2.42 15.04 -29.27
N ILE G 76 2.36 15.86 -30.32
CA ILE G 76 3.50 16.64 -30.78
C ILE G 76 3.21 18.13 -30.70
N ASN G 77 1.96 18.51 -30.36
CA ASN G 77 1.44 19.88 -30.38
C ASN G 77 1.60 20.50 -31.77
N THR G 78 1.03 19.83 -32.77
CA THR G 78 1.10 20.30 -34.14
C THR G 78 -0.29 20.41 -34.75
N ALA G 79 -0.39 21.23 -35.80
CA ALA G 79 -1.62 21.39 -36.56
C ALA G 79 -1.30 21.26 -38.04
N PHE G 80 -2.19 20.59 -38.77
CA PHE G 80 -2.04 20.37 -40.19
C PHE G 80 -3.17 21.04 -40.94
N LEU G 81 -2.82 21.80 -41.98
CA LEU G 81 -3.78 22.43 -42.88
C LEU G 81 -3.69 21.72 -44.23
N ASP G 82 -4.81 21.14 -44.66
CA ASP G 82 -4.95 20.57 -45.99
C ASP G 82 -5.80 21.51 -46.83
N VAL G 83 -5.28 21.92 -47.98
CA VAL G 83 -6.05 22.69 -48.94
C VAL G 83 -5.99 21.95 -50.26
N THR G 84 -7.15 21.56 -50.79
CA THR G 84 -7.23 20.72 -51.96
C THR G 84 -7.64 21.52 -53.18
N ARG G 85 -7.29 20.99 -54.36
CA ARG G 85 -7.70 21.48 -55.68
C ARG G 85 -7.25 22.92 -55.91
N LEU G 86 -5.93 23.11 -55.89
CA LEU G 86 -5.36 24.44 -56.03
C LEU G 86 -5.48 24.96 -57.46
N THR G 87 -5.84 26.24 -57.57
CA THR G 87 -5.69 27.02 -58.78
C THR G 87 -4.55 28.01 -58.59
N SER G 88 -4.39 28.92 -59.55
CA SER G 88 -3.38 29.96 -59.43
C SER G 88 -3.75 31.04 -58.42
N ASP G 89 -5.00 31.05 -57.92
CA ASP G 89 -5.43 32.03 -56.94
C ASP G 89 -4.74 31.79 -55.60
N ASP G 90 -4.57 30.53 -55.20
CA ASP G 90 -4.16 30.21 -53.84
C ASP G 90 -2.67 30.31 -53.60
N THR G 91 -1.90 30.77 -54.59
CA THR G 91 -0.48 31.02 -54.38
C THR G 91 -0.29 32.20 -53.42
N GLY G 92 0.51 31.99 -52.37
CA GLY G 92 0.74 33.07 -51.44
C GLY G 92 1.42 32.59 -50.17
N ILE G 93 1.25 33.39 -49.11
CA ILE G 93 1.90 33.15 -47.83
C ILE G 93 0.87 32.65 -46.83
N TYR G 94 1.13 31.49 -46.23
CA TYR G 94 0.26 30.88 -45.24
C TYR G 94 0.78 31.17 -43.84
N TYR G 95 -0.16 31.39 -42.90
CA TYR G 95 0.11 31.82 -41.55
C TYR G 95 -0.77 31.06 -40.58
N CYS G 96 -0.18 30.58 -39.49
CA CYS G 96 -0.94 30.08 -38.36
C CYS G 96 -0.82 31.07 -37.20
N ALA G 97 -1.94 31.38 -36.56
CA ALA G 97 -1.98 32.40 -35.53
C ALA G 97 -2.69 31.92 -34.29
N ARG G 98 -2.09 32.14 -33.13
CA ARG G 98 -2.73 31.88 -31.85
C ARG G 98 -3.76 32.93 -31.52
N ASP G 99 -4.98 32.48 -31.21
CA ASP G 99 -6.02 33.36 -30.75
C ASP G 99 -5.81 33.67 -29.27
N LYS G 100 -6.19 34.89 -28.87
CA LYS G 100 -6.06 35.29 -27.47
C LYS G 100 -7.05 34.53 -26.61
N TYR G 101 -8.30 34.45 -27.08
CA TYR G 101 -9.35 33.54 -26.61
C TYR G 101 -9.67 33.76 -25.13
N TYR G 102 -10.29 34.92 -24.88
CA TYR G 102 -10.79 35.26 -23.55
C TYR G 102 -12.29 35.07 -23.48
N GLY G 103 -12.73 34.37 -22.43
CA GLY G 103 -14.15 34.15 -22.23
C GLY G 103 -14.80 33.22 -23.22
N ASN G 104 -14.02 32.24 -23.74
CA ASN G 104 -14.47 31.24 -24.71
C ASN G 104 -15.04 31.86 -25.97
N GLU G 105 -14.31 32.84 -26.52
CA GLU G 105 -14.69 33.51 -27.76
C GLU G 105 -13.44 34.09 -28.41
N ALA G 106 -13.55 34.47 -29.67
CA ALA G 106 -12.40 35.01 -30.39
C ALA G 106 -12.12 36.44 -29.98
N VAL G 107 -10.83 36.76 -29.79
CA VAL G 107 -10.39 38.06 -29.29
C VAL G 107 -9.37 38.70 -30.22
N GLY G 108 -8.31 37.99 -30.55
CA GLY G 108 -7.29 38.57 -31.40
C GLY G 108 -6.14 37.60 -31.61
N MET G 109 -5.33 37.90 -32.61
CA MET G 109 -4.25 37.03 -33.07
C MET G 109 -2.95 37.61 -32.56
N ASP G 110 -2.41 37.07 -31.46
CA ASP G 110 -1.25 37.74 -30.87
C ASP G 110 0.09 37.26 -31.42
N VAL G 111 0.29 35.95 -31.55
CA VAL G 111 1.56 35.43 -32.03
C VAL G 111 1.31 34.60 -33.28
N TRP G 112 2.08 34.90 -34.32
CA TRP G 112 1.95 34.32 -35.64
C TRP G 112 3.21 33.54 -35.96
N GLY G 113 3.12 32.64 -36.94
CA GLY G 113 4.29 31.94 -37.42
C GLY G 113 5.11 32.79 -38.38
N GLN G 114 6.21 32.21 -38.84
CA GLN G 114 7.05 32.89 -39.82
C GLN G 114 6.46 32.85 -41.22
N GLY G 115 5.53 31.95 -41.48
CA GLY G 115 4.85 31.90 -42.77
C GLY G 115 5.50 30.93 -43.73
N THR G 116 4.68 30.33 -44.58
CA THR G 116 5.16 29.46 -45.65
C THR G 116 4.74 30.03 -47.00
N SER G 117 5.60 29.89 -47.99
CA SER G 117 5.32 30.36 -49.34
C SER G 117 4.90 29.17 -50.19
N VAL G 118 3.64 29.15 -50.60
CA VAL G 118 3.11 28.09 -51.46
C VAL G 118 2.85 28.69 -52.83
N THR G 119 3.21 27.94 -53.87
CA THR G 119 3.13 28.42 -55.24
C THR G 119 2.42 27.43 -56.15
N ASP H 1 -21.71 38.93 -46.72
CA ASP H 1 -20.71 39.18 -45.69
C ASP H 1 -20.83 40.59 -45.12
N ILE H 2 -19.95 40.91 -44.19
CA ILE H 2 -19.80 42.26 -43.65
C ILE H 2 -18.51 42.83 -44.18
N GLN H 3 -18.60 43.86 -45.01
CA GLN H 3 -17.45 44.44 -45.69
C GLN H 3 -16.92 45.60 -44.87
N LEU H 4 -15.61 45.62 -44.65
CA LEU H 4 -14.95 46.61 -43.80
C LEU H 4 -14.08 47.49 -44.69
N THR H 5 -14.26 48.80 -44.59
CA THR H 5 -13.53 49.74 -45.42
C THR H 5 -12.63 50.62 -44.55
N GLN H 6 -11.48 51.01 -45.10
CA GLN H 6 -10.51 51.83 -44.39
C GLN H 6 -10.25 53.13 -45.14
N SER H 7 -10.02 54.19 -44.37
CA SER H 7 -9.71 55.48 -44.97
C SER H 7 -8.65 56.21 -44.14
N PRO H 8 -7.68 56.86 -44.78
CA PRO H 8 -7.42 56.93 -46.24
C PRO H 8 -6.68 55.71 -46.75
N SER H 9 -6.65 55.49 -48.07
CA SER H 9 -5.94 54.32 -48.60
C SER H 9 -4.43 54.48 -48.48
N PHE H 10 -3.90 55.67 -48.75
CA PHE H 10 -2.50 55.98 -48.57
C PHE H 10 -2.38 57.29 -47.81
N LEU H 11 -1.52 57.30 -46.79
CA LEU H 11 -1.31 58.48 -45.97
C LEU H 11 0.16 58.86 -46.00
N SER H 12 0.42 60.16 -46.06
CA SER H 12 1.77 60.71 -46.00
C SER H 12 1.86 61.69 -44.85
N ALA H 13 2.88 61.50 -44.01
CA ALA H 13 3.08 62.36 -42.85
C ALA H 13 4.56 62.41 -42.53
N SER H 14 4.92 63.28 -41.58
CA SER H 14 6.29 63.46 -41.14
C SER H 14 6.46 62.84 -39.75
N VAL H 15 7.67 62.99 -39.21
CA VAL H 15 7.99 62.47 -37.89
C VAL H 15 7.30 63.33 -36.84
N GLY H 16 6.69 62.69 -35.84
CA GLY H 16 6.06 63.38 -34.73
C GLY H 16 4.61 63.75 -34.92
N ASP H 17 3.96 63.28 -35.98
CA ASP H 17 2.60 63.71 -36.27
C ASP H 17 1.56 62.82 -35.58
N LYS H 18 0.43 63.44 -35.26
CA LYS H 18 -0.76 62.74 -34.77
C LYS H 18 -1.68 62.53 -35.97
N VAL H 19 -1.95 61.27 -36.30
CA VAL H 19 -2.86 60.96 -37.42
C VAL H 19 -3.87 59.91 -36.97
N THR H 20 -4.98 59.86 -37.71
CA THR H 20 -6.10 58.97 -37.42
C THR H 20 -6.43 58.15 -38.66
N ILE H 21 -6.76 56.87 -38.44
CA ILE H 21 -7.20 55.95 -39.47
C ILE H 21 -8.64 55.56 -39.14
N THR H 22 -9.51 55.59 -40.14
CA THR H 22 -10.94 55.35 -39.92
C THR H 22 -11.34 54.00 -40.51
N CYS H 23 -11.94 53.17 -39.67
CA CYS H 23 -12.45 51.85 -40.04
C CYS H 23 -13.97 51.89 -39.99
N ARG H 24 -14.60 51.46 -41.10
CA ARG H 24 -16.04 51.59 -41.31
C ARG H 24 -16.62 50.20 -41.59
N ALA H 25 -17.69 49.86 -40.88
CA ALA H 25 -18.34 48.55 -41.01
C ALA H 25 -19.69 48.70 -41.68
N SER H 26 -20.06 47.70 -42.47
CA SER H 26 -21.36 47.69 -43.14
C SER H 26 -22.49 47.22 -42.23
N GLN H 27 -22.19 46.72 -41.03
CA GLN H 27 -23.19 46.23 -40.10
C GLN H 27 -22.73 46.53 -38.68
N GLY H 28 -23.67 46.38 -37.73
CA GLY H 28 -23.34 46.58 -36.33
C GLY H 28 -22.45 45.46 -35.82
N VAL H 29 -21.38 45.85 -35.11
CA VAL H 29 -20.36 44.91 -34.66
C VAL H 29 -20.02 45.10 -33.19
N ARG H 30 -20.58 46.11 -32.54
CA ARG H 30 -20.40 46.48 -31.12
C ARG H 30 -18.92 46.84 -30.91
N ASN H 31 -18.31 46.43 -29.80
CA ASN H 31 -16.93 46.74 -29.50
C ASN H 31 -15.94 45.67 -29.96
N GLU H 32 -16.29 44.91 -30.99
CA GLU H 32 -15.56 43.72 -31.38
C GLU H 32 -14.71 44.06 -32.60
N LEU H 33 -13.45 44.39 -32.35
CA LEU H 33 -12.54 44.88 -33.37
C LEU H 33 -11.12 44.53 -32.96
N ALA H 34 -10.25 44.30 -33.94
CA ALA H 34 -8.83 44.14 -33.64
C ALA H 34 -8.00 44.92 -34.65
N TRP H 35 -7.05 45.71 -34.13
CA TRP H 35 -6.10 46.47 -34.94
C TRP H 35 -4.75 45.79 -34.94
N TYR H 36 -4.16 45.63 -36.14
CA TYR H 36 -2.89 44.96 -36.36
C TYR H 36 -1.95 45.84 -37.18
N GLN H 37 -0.65 45.60 -37.02
CA GLN H 37 0.40 46.23 -37.81
C GLN H 37 1.18 45.15 -38.55
N GLN H 38 1.35 45.34 -39.86
CA GLN H 38 2.11 44.40 -40.68
C GLN H 38 3.24 45.15 -41.40
N LYS H 39 4.47 44.67 -41.22
CA LYS H 39 5.65 45.13 -41.92
C LYS H 39 5.86 44.30 -43.18
N PRO H 40 6.55 44.83 -44.19
CA PRO H 40 6.75 44.06 -45.43
C PRO H 40 7.66 42.86 -45.22
N GLY H 41 7.15 41.67 -45.55
CA GLY H 41 7.88 40.43 -45.39
C GLY H 41 7.75 39.76 -44.05
N LYS H 42 7.18 40.43 -43.06
CA LYS H 42 7.03 39.90 -41.71
C LYS H 42 5.63 39.36 -41.51
N ALA H 43 5.34 38.99 -40.28
CA ALA H 43 4.04 38.58 -39.81
C ALA H 43 3.35 39.73 -39.09
N PRO H 44 2.02 39.82 -39.14
CA PRO H 44 1.32 40.88 -38.43
C PRO H 44 1.44 40.76 -36.92
N ASN H 45 1.54 41.91 -36.26
CA ASN H 45 1.63 41.98 -34.80
C ASN H 45 0.37 42.64 -34.27
N LEU H 46 -0.10 42.18 -33.12
CA LEU H 46 -1.35 42.68 -32.58
C LEU H 46 -1.11 44.00 -31.84
N LEU H 47 -1.98 44.97 -32.10
CA LEU H 47 -1.92 46.26 -31.46
C LEU H 47 -3.09 46.48 -30.51
N ILE H 48 -4.32 46.38 -31.00
CA ILE H 48 -5.50 46.68 -30.20
C ILE H 48 -6.45 45.50 -30.25
N TYR H 49 -6.88 45.01 -29.09
CA TYR H 49 -7.99 44.08 -28.99
C TYR H 49 -9.11 44.72 -28.19
N TYR H 50 -10.34 44.29 -28.48
CA TYR H 50 -11.60 44.82 -27.92
C TYR H 50 -11.79 46.32 -28.19
N ALA H 51 -11.14 46.84 -29.24
CA ALA H 51 -11.30 48.18 -29.83
C ALA H 51 -10.88 49.35 -28.93
N SER H 52 -10.51 49.07 -27.68
CA SER H 52 -10.01 50.11 -26.79
C SER H 52 -8.84 49.69 -25.91
N THR H 53 -8.56 48.40 -25.79
CA THR H 53 -7.57 47.91 -24.83
C THR H 53 -6.22 47.74 -25.49
N LEU H 54 -5.18 48.23 -24.85
CA LEU H 54 -3.83 48.18 -25.39
C LEU H 54 -3.17 46.84 -25.06
N GLN H 55 -2.56 46.23 -26.07
CA GLN H 55 -1.81 45.00 -25.88
C GLN H 55 -0.53 45.29 -25.10
N SER H 56 -0.18 44.40 -24.17
CA SER H 56 1.06 44.53 -23.41
C SER H 56 2.25 44.37 -24.33
N GLY H 57 3.24 45.27 -24.17
CA GLY H 57 4.39 45.33 -25.05
C GLY H 57 4.32 46.37 -26.14
N VAL H 58 3.12 46.77 -26.54
CA VAL H 58 2.92 47.86 -27.48
C VAL H 58 3.15 49.16 -26.72
N PRO H 59 3.85 50.15 -27.31
CA PRO H 59 3.98 51.45 -26.64
C PRO H 59 2.65 52.15 -26.46
N SER H 60 2.56 52.96 -25.40
CA SER H 60 1.32 53.59 -24.97
C SER H 60 0.93 54.80 -25.82
N ARG H 61 1.68 55.09 -26.89
CA ARG H 61 1.37 56.21 -27.77
C ARG H 61 0.18 55.94 -28.68
N PHE H 62 -0.28 54.69 -28.77
CA PHE H 62 -1.42 54.34 -29.60
C PHE H 62 -2.72 54.52 -28.81
N SER H 63 -3.80 54.77 -29.54
CA SER H 63 -5.13 54.78 -28.94
C SER H 63 -6.15 54.35 -29.99
N ALA H 64 -7.27 53.82 -29.51
CA ALA H 64 -8.31 53.34 -30.41
C ALA H 64 -9.67 53.58 -29.77
N THR H 65 -10.54 54.26 -30.51
CA THR H 65 -11.90 54.56 -30.05
C THR H 65 -12.89 54.07 -31.10
N GLY H 66 -14.16 54.02 -30.71
CA GLY H 66 -15.21 53.73 -31.67
C GLY H 66 -16.18 52.65 -31.24
N SER H 67 -17.34 52.64 -31.90
CA SER H 67 -18.39 51.66 -31.66
C SER H 67 -19.33 51.67 -32.85
N GLY H 68 -20.30 50.75 -32.83
CA GLY H 68 -21.28 50.66 -33.89
C GLY H 68 -20.68 50.25 -35.21
N THR H 69 -20.58 51.21 -36.13
CA THR H 69 -19.91 51.00 -37.40
C THR H 69 -18.70 51.91 -37.58
N HIS H 70 -18.38 52.75 -36.59
CA HIS H 70 -17.35 53.77 -36.73
C HIS H 70 -16.20 53.49 -35.78
N PHE H 71 -14.97 53.48 -36.30
CA PHE H 71 -13.81 53.22 -35.46
C PHE H 71 -12.64 54.10 -35.89
N THR H 72 -11.87 54.57 -34.91
CA THR H 72 -10.70 55.40 -35.14
C THR H 72 -9.49 54.81 -34.44
N LEU H 73 -8.38 54.71 -35.18
CA LEU H 73 -7.08 54.37 -34.63
C LEU H 73 -6.21 55.63 -34.70
N THR H 74 -5.75 56.11 -33.54
CA THR H 74 -5.11 57.41 -33.44
C THR H 74 -3.70 57.24 -32.87
N VAL H 75 -2.71 57.85 -33.53
CA VAL H 75 -1.36 57.90 -33.01
C VAL H 75 -0.97 59.37 -32.83
N SER H 76 -0.23 59.63 -31.74
CA SER H 76 0.08 61.00 -31.32
C SER H 76 1.41 61.48 -31.86
N SER H 77 2.44 60.66 -31.81
CA SER H 77 3.74 61.00 -32.36
C SER H 77 4.22 59.87 -33.24
N LEU H 78 4.82 60.22 -34.37
CA LEU H 78 5.29 59.24 -35.34
C LEU H 78 6.79 59.05 -35.21
N GLN H 79 7.24 57.82 -35.45
CA GLN H 79 8.61 57.36 -35.33
C GLN H 79 8.95 56.50 -36.54
N PRO H 80 10.23 56.39 -36.91
CA PRO H 80 10.59 55.58 -38.09
C PRO H 80 10.31 54.09 -37.97
N GLU H 81 10.12 53.54 -36.77
CA GLU H 81 9.74 52.15 -36.63
C GLU H 81 8.24 51.94 -36.81
N ASP H 82 7.47 53.01 -36.90
CA ASP H 82 6.01 52.94 -36.86
C ASP H 82 5.39 52.81 -38.24
N PHE H 83 6.13 53.18 -39.29
CA PHE H 83 5.58 53.24 -40.65
C PHE H 83 5.45 51.83 -41.21
N ALA H 84 4.25 51.28 -41.12
CA ALA H 84 3.92 49.98 -41.68
C ALA H 84 2.45 50.00 -42.09
N THR H 85 1.89 48.83 -42.37
CA THR H 85 0.52 48.71 -42.84
C THR H 85 -0.39 48.42 -41.65
N TYR H 86 -1.60 48.97 -41.65
CA TYR H 86 -2.49 48.88 -40.50
C TYR H 86 -3.82 48.26 -40.90
N PHE H 87 -4.23 47.22 -40.16
CA PHE H 87 -5.42 46.42 -40.47
C PHE H 87 -6.40 46.47 -39.30
N CYS H 88 -7.70 46.43 -39.63
CA CYS H 88 -8.77 46.30 -38.67
C CYS H 88 -9.67 45.13 -39.07
N GLN H 89 -10.00 44.28 -38.10
CA GLN H 89 -10.82 43.09 -38.37
C GLN H 89 -11.97 42.96 -37.39
N HIS H 90 -13.04 42.30 -37.84
CA HIS H 90 -14.19 41.97 -37.03
C HIS H 90 -14.29 40.46 -36.84
N MET H 91 -14.96 40.06 -35.75
CA MET H 91 -15.16 38.64 -35.44
C MET H 91 -16.59 38.33 -35.03
N SER H 92 -17.54 39.21 -35.34
CA SER H 92 -18.89 39.10 -34.78
C SER H 92 -19.69 37.95 -35.38
N SER H 93 -19.58 37.74 -36.69
CA SER H 93 -20.32 36.68 -37.34
C SER H 93 -19.49 36.14 -38.50
N TYR H 94 -19.80 34.92 -38.91
CA TYR H 94 -19.12 34.31 -40.03
C TYR H 94 -19.53 34.98 -41.33
N PRO H 95 -18.60 35.19 -42.26
CA PRO H 95 -17.15 34.96 -42.16
C PRO H 95 -16.38 36.15 -41.60
N LEU H 96 -15.14 35.93 -41.17
CA LEU H 96 -14.25 37.02 -40.81
C LEU H 96 -13.57 37.58 -42.06
N THR H 97 -13.23 38.87 -42.01
CA THR H 97 -12.47 39.50 -43.07
C THR H 97 -11.62 40.62 -42.48
N PHE H 98 -10.62 41.05 -43.24
CA PHE H 98 -9.72 42.12 -42.85
C PHE H 98 -10.06 43.40 -43.60
N GLY H 99 -9.31 44.46 -43.29
CA GLY H 99 -9.49 45.71 -44.00
C GLY H 99 -8.73 45.75 -45.31
N GLY H 100 -8.89 46.86 -46.03
CA GLY H 100 -8.24 47.00 -47.31
C GLY H 100 -6.75 47.26 -47.22
N GLY H 101 -6.30 47.91 -46.15
CA GLY H 101 -4.90 48.18 -45.98
C GLY H 101 -4.53 49.64 -46.18
N THR H 102 -3.89 50.24 -45.18
CA THR H 102 -3.48 51.65 -45.24
C THR H 102 -1.96 51.71 -45.18
N LYS H 103 -1.36 52.42 -46.13
CA LYS H 103 0.08 52.64 -46.18
C LYS H 103 0.39 54.03 -45.63
N VAL H 104 1.28 54.09 -44.66
CA VAL H 104 1.77 55.36 -44.13
C VAL H 104 3.24 55.50 -44.52
N GLU H 105 3.63 56.71 -44.91
CA GLU H 105 4.96 56.95 -45.45
C GLU H 105 5.50 58.30 -45.00
N GLN I 1 -8.27 5.32 42.94
CA GLN I 1 -7.22 5.56 41.95
C GLN I 1 -7.30 6.97 41.40
N GLU I 2 -8.47 7.61 41.51
CA GLU I 2 -8.65 8.97 41.04
C GLU I 2 -8.43 9.92 42.20
N VAL I 3 -7.46 10.83 42.05
CA VAL I 3 -7.08 11.80 43.07
C VAL I 3 -6.81 13.14 42.41
N LEU I 4 -6.81 14.18 43.23
CA LEU I 4 -6.34 15.51 42.86
C LEU I 4 -5.23 15.90 43.81
N VAL I 5 -4.08 16.27 43.27
CA VAL I 5 -2.93 16.67 44.07
C VAL I 5 -2.69 18.16 43.84
N GLN I 6 -2.42 18.88 44.92
CA GLN I 6 -2.25 20.33 44.86
C GLN I 6 -0.84 20.72 45.27
N SER I 7 -0.56 22.01 45.15
CA SER I 7 0.74 22.54 45.50
C SER I 7 0.85 22.73 47.01
N GLY I 8 2.04 23.14 47.47
CA GLY I 8 2.27 23.34 48.87
C GLY I 8 1.68 24.64 49.38
N ALA I 9 1.69 24.78 50.71
CA ALA I 9 1.16 25.96 51.35
C ALA I 9 2.06 27.16 51.10
N GLU I 10 1.44 28.33 50.95
CA GLU I 10 2.15 29.56 50.63
C GLU I 10 1.72 30.68 51.57
N VAL I 11 2.63 31.62 51.80
CA VAL I 11 2.34 32.86 52.52
C VAL I 11 2.69 34.01 51.59
N LYS I 12 1.83 35.02 51.56
CA LYS I 12 1.98 36.13 50.62
C LYS I 12 1.60 37.45 51.29
N LYS I 13 2.11 38.54 50.72
CA LYS I 13 1.88 39.93 51.09
C LYS I 13 0.55 40.41 50.53
N PRO I 14 -0.11 41.36 51.19
CA PRO I 14 -1.33 41.95 50.62
C PRO I 14 -1.02 42.74 49.36
N GLY I 15 -1.95 42.70 48.41
CA GLY I 15 -1.80 43.36 47.14
C GLY I 15 -1.08 42.56 46.08
N ALA I 16 -0.55 41.40 46.43
CA ALA I 16 0.16 40.54 45.48
C ALA I 16 -0.82 39.58 44.81
N SER I 17 -0.29 38.57 44.14
CA SER I 17 -1.10 37.52 43.54
C SER I 17 -0.54 36.15 43.91
N VAL I 18 -1.44 35.18 44.05
CA VAL I 18 -1.09 33.82 44.42
C VAL I 18 -1.63 32.86 43.37
N LYS I 19 -0.81 31.89 42.98
CA LYS I 19 -1.15 30.88 41.98
C LYS I 19 -1.09 29.51 42.64
N VAL I 20 -2.17 28.75 42.52
CA VAL I 20 -2.25 27.41 43.11
C VAL I 20 -2.67 26.41 42.04
N SER I 21 -1.99 25.27 42.00
CA SER I 21 -2.18 24.26 40.97
C SER I 21 -2.99 23.07 41.49
N CYS I 22 -3.55 22.33 40.55
CA CYS I 22 -4.33 21.13 40.89
C CYS I 22 -4.21 20.14 39.73
N ARG I 23 -3.54 19.02 39.98
CA ARG I 23 -3.27 18.00 38.97
C ARG I 23 -4.18 16.81 39.20
N ALA I 24 -4.70 16.25 38.11
CA ALA I 24 -5.68 15.18 38.17
C ALA I 24 -5.06 13.85 37.78
N PHE I 25 -5.21 12.85 38.64
CA PHE I 25 -4.81 11.48 38.36
C PHE I 25 -6.02 10.57 38.43
N GLY I 26 -6.04 9.53 37.61
CA GLY I 26 -7.02 8.48 37.76
C GLY I 26 -8.37 8.73 37.12
N TYR I 27 -8.59 9.90 36.53
CA TYR I 27 -9.76 10.10 35.69
C TYR I 27 -9.32 10.93 34.49
N THR I 28 -10.12 10.88 33.43
CA THR I 28 -9.84 11.67 32.23
C THR I 28 -10.05 13.15 32.54
N PHE I 29 -8.98 13.94 32.41
CA PHE I 29 -9.02 15.33 32.87
C PHE I 29 -9.94 16.19 32.03
N THR I 30 -10.05 15.91 30.72
CA THR I 30 -10.87 16.69 29.81
C THR I 30 -12.31 16.21 29.75
N GLY I 31 -12.79 15.53 30.79
CA GLY I 31 -14.13 14.99 30.76
C GLY I 31 -15.07 15.56 31.82
N ASN I 32 -14.51 16.05 32.92
CA ASN I 32 -15.30 16.58 34.02
C ASN I 32 -14.88 18.00 34.33
N ALA I 33 -15.85 18.86 34.61
CA ALA I 33 -15.56 20.24 34.98
C ALA I 33 -14.96 20.29 36.39
N LEU I 34 -14.25 21.37 36.68
CA LEU I 34 -13.56 21.52 37.96
C LEU I 34 -14.06 22.74 38.72
N HIS I 35 -14.47 22.53 39.97
CA HIS I 35 -14.86 23.58 40.89
C HIS I 35 -13.67 24.06 41.71
N TRP I 36 -13.73 25.31 42.15
CA TRP I 36 -12.78 25.86 43.11
C TRP I 36 -13.57 26.42 44.29
N VAL I 37 -13.29 25.92 45.49
CA VAL I 37 -13.96 26.38 46.71
C VAL I 37 -12.91 26.67 47.79
N ARG I 38 -13.13 27.73 48.56
CA ARG I 38 -12.24 28.04 49.67
C ARG I 38 -12.96 27.88 51.01
N GLN I 39 -12.16 27.82 52.06
CA GLN I 39 -12.67 27.74 53.43
C GLN I 39 -11.73 28.50 54.34
N ALA I 40 -12.18 29.65 54.84
CA ALA I 40 -11.46 30.31 55.91
C ALA I 40 -11.65 29.52 57.20
N PRO I 41 -10.63 29.47 58.08
CA PRO I 41 -10.75 28.68 59.30
C PRO I 41 -11.73 29.30 60.28
N GLY I 42 -12.66 28.48 60.77
CA GLY I 42 -13.65 28.90 61.75
C GLY I 42 -15.09 28.76 61.30
N GLN I 43 -15.35 28.65 60.01
CA GLN I 43 -16.72 28.61 59.50
C GLN I 43 -16.76 27.70 58.27
N GLY I 44 -17.87 27.76 57.55
CA GLY I 44 -18.11 26.87 56.43
C GLY I 44 -17.41 27.28 55.15
N LEU I 45 -17.91 26.74 54.04
CA LEU I 45 -17.27 26.90 52.75
C LEU I 45 -17.72 28.17 52.05
N GLU I 46 -16.86 28.67 51.16
CA GLU I 46 -17.19 29.76 50.24
C GLU I 46 -16.79 29.33 48.84
N TRP I 47 -17.52 29.83 47.84
CA TRP I 47 -17.44 29.34 46.48
C TRP I 47 -16.90 30.42 45.55
N LEU I 48 -15.99 30.01 44.66
CA LEU I 48 -15.39 30.93 43.69
C LEU I 48 -16.01 30.78 42.30
N GLY I 49 -15.94 29.58 41.74
CA GLY I 49 -16.42 29.37 40.39
C GLY I 49 -16.03 27.98 39.93
N TRP I 50 -16.27 27.74 38.63
CA TRP I 50 -15.88 26.46 38.05
C TRP I 50 -15.62 26.60 36.56
N ILE I 51 -14.86 25.65 36.04
CA ILE I 51 -14.20 25.76 34.74
C ILE I 51 -14.41 24.47 33.94
N ASN I 52 -14.67 24.63 32.65
CA ASN I 52 -14.54 23.53 31.70
C ASN I 52 -13.07 23.34 31.37
N PRO I 53 -12.51 22.14 31.51
CA PRO I 53 -11.11 21.92 31.13
C PRO I 53 -10.91 21.72 29.64
N HIS I 54 -11.97 21.44 28.88
CA HIS I 54 -11.83 21.16 27.46
C HIS I 54 -12.00 22.41 26.60
N SER I 55 -13.15 23.08 26.71
CA SER I 55 -13.42 24.27 25.92
C SER I 55 -12.64 25.48 26.40
N GLY I 56 -12.24 25.51 27.66
CA GLY I 56 -11.49 26.62 28.21
C GLY I 56 -12.33 27.72 28.81
N ASP I 57 -13.65 27.63 28.75
CA ASP I 57 -14.50 28.65 29.34
C ASP I 57 -14.50 28.56 30.86
N THR I 58 -14.67 29.71 31.51
CA THR I 58 -14.68 29.82 32.95
C THR I 58 -16.01 30.41 33.40
N THR I 59 -16.32 30.22 34.68
CA THR I 59 -17.44 30.91 35.31
C THR I 59 -17.05 31.30 36.72
N THR I 60 -17.20 32.59 37.03
CA THR I 60 -16.79 33.18 38.30
C THR I 60 -17.97 33.91 38.92
N SER I 61 -18.08 33.85 40.25
CA SER I 61 -19.13 34.54 40.97
C SER I 61 -18.94 36.05 40.90
N GLN I 62 -20.03 36.79 41.12
CA GLN I 62 -20.01 38.23 40.93
C GLN I 62 -19.26 38.98 42.03
N LYS I 63 -18.94 38.32 43.14
CA LYS I 63 -18.12 38.96 44.16
C LYS I 63 -16.65 39.03 43.79
N PHE I 64 -16.22 38.30 42.76
CA PHE I 64 -14.79 38.15 42.49
C PHE I 64 -14.48 38.24 40.99
N GLN I 65 -15.29 38.99 40.23
CA GLN I 65 -14.99 39.20 38.83
C GLN I 65 -13.81 40.15 38.67
N GLY I 66 -12.89 39.79 37.78
CA GLY I 66 -11.70 40.59 37.56
C GLY I 66 -10.64 40.45 38.64
N ARG I 67 -10.81 39.52 39.57
CA ARG I 67 -9.86 39.34 40.66
C ARG I 67 -9.41 37.89 40.73
N VAL I 68 -10.30 36.98 40.38
CA VAL I 68 -10.04 35.54 40.43
C VAL I 68 -10.04 35.02 39.00
N TYR I 69 -8.92 34.42 38.59
CA TYR I 69 -8.75 33.95 37.22
C TYR I 69 -8.44 32.45 37.23
N MET I 70 -8.96 31.73 36.25
CA MET I 70 -8.83 30.29 36.16
C MET I 70 -8.25 29.90 34.81
N THR I 71 -7.16 29.14 34.83
CA THR I 71 -6.56 28.61 33.61
C THR I 71 -6.37 27.11 33.76
N ARG I 72 -5.96 26.47 32.68
CA ARG I 72 -5.80 25.01 32.66
C ARG I 72 -4.71 24.65 31.67
N ASP I 73 -4.18 23.44 31.84
CA ASP I 73 -3.15 22.90 30.95
C ASP I 73 -3.49 21.45 30.66
N LYS I 74 -3.79 21.16 29.38
CA LYS I 74 -4.18 19.82 28.97
C LYS I 74 -2.99 18.88 28.87
N SER I 75 -1.78 19.40 28.64
CA SER I 75 -0.63 18.54 28.42
C SER I 75 -0.17 17.88 29.72
N ILE I 76 -0.39 18.52 30.86
CA ILE I 76 -0.01 17.97 32.15
C ILE I 76 -1.22 17.74 33.05
N ASN I 77 -2.43 17.92 32.51
CA ASN I 77 -3.70 17.68 33.20
C ASN I 77 -3.85 18.48 34.49
N THR I 78 -3.61 19.79 34.39
CA THR I 78 -3.61 20.64 35.57
C THR I 78 -4.58 21.79 35.41
N ALA I 79 -4.99 22.35 36.54
CA ALA I 79 -5.78 23.57 36.61
C ALA I 79 -5.08 24.56 37.54
N PHE I 80 -4.94 25.81 37.08
CA PHE I 80 -4.26 26.85 37.83
C PHE I 80 -5.27 27.92 38.24
N LEU I 81 -5.18 28.35 39.49
CA LEU I 81 -6.03 29.40 40.04
C LEU I 81 -5.16 30.58 40.44
N ASP I 82 -5.52 31.77 39.96
CA ASP I 82 -4.82 33.00 40.28
C ASP I 82 -5.76 33.89 41.09
N VAL I 83 -5.34 34.25 42.29
CA VAL I 83 -6.06 35.20 43.14
C VAL I 83 -5.19 36.44 43.26
N THR I 84 -5.73 37.58 42.84
CA THR I 84 -5.02 38.85 42.84
C THR I 84 -5.62 39.79 43.88
N ARG I 85 -4.84 40.84 44.21
CA ARG I 85 -5.24 41.94 45.10
C ARG I 85 -5.65 41.42 46.48
N LEU I 86 -4.70 40.78 47.15
CA LEU I 86 -4.99 40.04 48.38
C LEU I 86 -5.23 40.98 49.55
N THR I 87 -6.17 40.57 50.41
CA THR I 87 -6.42 41.17 51.72
C THR I 87 -6.26 40.07 52.77
N SER I 88 -6.65 40.38 54.00
CA SER I 88 -6.64 39.38 55.06
C SER I 88 -7.89 38.50 55.07
N ASP I 89 -8.84 38.77 54.17
CA ASP I 89 -10.08 38.00 54.14
C ASP I 89 -9.86 36.63 53.50
N ASP I 90 -8.96 36.54 52.51
CA ASP I 90 -8.77 35.35 51.71
C ASP I 90 -7.84 34.32 52.34
N THR I 91 -7.48 34.46 53.61
CA THR I 91 -6.59 33.52 54.27
C THR I 91 -7.38 32.26 54.64
N GLY I 92 -6.93 31.12 54.13
CA GLY I 92 -7.63 29.87 54.40
C GLY I 92 -7.14 28.77 53.49
N ILE I 93 -7.92 27.69 53.46
CA ILE I 93 -7.59 26.50 52.68
C ILE I 93 -8.37 26.53 51.37
N TYR I 94 -7.66 26.34 50.26
CA TYR I 94 -8.26 26.31 48.93
C TYR I 94 -8.35 24.87 48.45
N TYR I 95 -9.43 24.58 47.71
CA TYR I 95 -9.77 23.25 47.24
C TYR I 95 -10.11 23.31 45.76
N CYS I 96 -9.56 22.38 45.00
CA CYS I 96 -10.08 22.04 43.68
C CYS I 96 -10.92 20.78 43.80
N ALA I 97 -11.94 20.67 42.96
CA ALA I 97 -12.87 19.56 43.11
C ALA I 97 -13.36 19.10 41.74
N ARG I 98 -13.53 17.79 41.59
CA ARG I 98 -14.04 17.20 40.36
C ARG I 98 -15.56 17.13 40.40
N ASP I 99 -16.20 17.71 39.39
CA ASP I 99 -17.64 17.63 39.27
C ASP I 99 -18.05 16.25 38.76
N LYS I 100 -19.22 15.79 39.19
CA LYS I 100 -19.73 14.50 38.73
C LYS I 100 -20.16 14.59 37.27
N TYR I 101 -20.89 15.64 36.93
CA TYR I 101 -21.23 16.05 35.55
C TYR I 101 -22.00 14.96 34.80
N TYR I 102 -23.22 14.71 35.26
CA TYR I 102 -24.17 13.86 34.55
C TYR I 102 -25.17 14.73 33.79
N GLY I 103 -25.41 14.37 32.54
CA GLY I 103 -26.39 15.06 31.72
C GLY I 103 -26.05 16.49 31.36
N ASN I 104 -24.77 16.76 31.08
CA ASN I 104 -24.28 18.07 30.62
C ASN I 104 -24.60 19.20 31.59
N GLU I 105 -24.49 18.93 32.89
CA GLU I 105 -24.76 19.92 33.92
C GLU I 105 -24.02 19.52 35.20
N ALA I 106 -24.02 20.42 36.17
CA ALA I 106 -23.39 20.13 37.46
C ALA I 106 -24.28 19.25 38.32
N VAL I 107 -23.68 18.24 38.95
CA VAL I 107 -24.40 17.23 39.73
C VAL I 107 -23.85 17.12 41.14
N GLY I 108 -22.54 17.01 41.28
CA GLY I 108 -21.95 16.93 42.61
C GLY I 108 -20.44 16.92 42.53
N MET I 109 -19.83 17.36 43.63
CA MET I 109 -18.38 17.43 43.74
C MET I 109 -17.90 16.17 44.44
N ASP I 110 -17.38 15.21 43.68
CA ASP I 110 -17.11 13.87 44.21
C ASP I 110 -15.72 13.75 44.80
N VAL I 111 -14.69 14.10 44.03
CA VAL I 111 -13.30 13.88 44.41
C VAL I 111 -12.66 15.23 44.66
N TRP I 112 -12.14 15.44 45.87
CA TRP I 112 -11.58 16.72 46.27
C TRP I 112 -10.10 16.55 46.59
N GLY I 113 -9.34 17.62 46.38
CA GLY I 113 -7.94 17.62 46.74
C GLY I 113 -7.73 17.79 48.23
N GLN I 114 -6.46 17.67 48.65
CA GLN I 114 -6.14 17.73 50.07
C GLN I 114 -6.14 19.15 50.61
N GLY I 115 -6.10 20.16 49.76
CA GLY I 115 -6.19 21.54 50.20
C GLY I 115 -4.84 22.23 50.26
N THR I 116 -4.87 23.54 50.01
CA THR I 116 -3.66 24.36 50.02
C THR I 116 -3.89 25.56 50.93
N SER I 117 -3.02 25.74 51.92
CA SER I 117 -3.18 26.82 52.88
C SER I 117 -2.51 28.08 52.36
N VAL I 118 -3.29 29.16 52.25
CA VAL I 118 -2.80 30.46 51.80
C VAL I 118 -3.01 31.45 52.93
N THR I 119 -1.94 32.11 53.34
CA THR I 119 -1.98 33.08 54.43
C THR I 119 -1.56 34.47 53.94
N ASP J 1 -28.27 36.89 46.38
CA ASP J 1 -28.04 35.47 46.15
C ASP J 1 -29.15 34.64 46.78
N ILE J 2 -28.91 33.33 46.90
CA ILE J 2 -29.85 32.40 47.51
C ILE J 2 -29.24 31.87 48.79
N GLN J 3 -29.97 32.00 49.90
CA GLN J 3 -29.45 31.71 51.21
C GLN J 3 -29.99 30.38 51.71
N LEU J 4 -29.10 29.55 52.28
CA LEU J 4 -29.47 28.31 52.93
C LEU J 4 -29.32 28.43 54.43
N THR J 5 -30.31 27.97 55.17
CA THR J 5 -30.24 27.89 56.62
C THR J 5 -30.41 26.44 57.06
N GLN J 6 -29.53 25.99 57.95
CA GLN J 6 -29.58 24.64 58.48
C GLN J 6 -30.04 24.68 59.93
N SER J 7 -30.92 23.74 60.28
CA SER J 7 -31.34 23.59 61.66
C SER J 7 -31.19 22.14 62.09
N PRO J 8 -30.57 21.88 63.26
CA PRO J 8 -29.95 22.85 64.17
C PRO J 8 -28.50 23.17 63.82
N SER J 9 -27.93 24.21 64.40
CA SER J 9 -26.51 24.51 64.17
C SER J 9 -25.60 23.57 64.95
N PHE J 10 -26.03 23.12 66.13
CA PHE J 10 -25.28 22.18 66.94
C PHE J 10 -26.26 21.21 67.58
N LEU J 11 -26.01 19.91 67.40
CA LEU J 11 -26.84 18.87 68.01
C LEU J 11 -25.93 17.85 68.70
N SER J 12 -26.38 17.35 69.84
CA SER J 12 -25.72 16.27 70.56
C SER J 12 -26.65 15.07 70.61
N ALA J 13 -26.12 13.89 70.28
CA ALA J 13 -26.89 12.66 70.27
C ALA J 13 -26.02 11.53 70.81
N SER J 14 -26.62 10.36 70.95
CA SER J 14 -25.93 9.16 71.42
C SER J 14 -25.56 8.27 70.25
N VAL J 15 -24.99 7.11 70.55
CA VAL J 15 -24.61 6.15 69.53
C VAL J 15 -25.82 5.30 69.19
N GLY J 16 -26.24 5.33 67.93
CA GLY J 16 -27.40 4.60 67.49
C GLY J 16 -28.67 5.41 67.35
N ASP J 17 -28.59 6.73 67.56
CA ASP J 17 -29.78 7.58 67.47
C ASP J 17 -30.18 7.81 66.02
N LYS J 18 -31.47 8.07 65.82
CA LYS J 18 -32.00 8.48 64.53
C LYS J 18 -32.08 10.00 64.52
N VAL J 19 -31.33 10.63 63.62
CA VAL J 19 -31.22 12.09 63.65
C VAL J 19 -31.67 12.65 62.30
N THR J 20 -32.35 13.79 62.36
CA THR J 20 -32.79 14.51 61.18
C THR J 20 -32.25 15.94 61.23
N ILE J 21 -31.78 16.41 60.08
CA ILE J 21 -31.21 17.75 59.92
C ILE J 21 -31.95 18.40 58.76
N THR J 22 -32.43 19.62 58.98
CA THR J 22 -33.24 20.28 57.95
C THR J 22 -32.47 21.41 57.28
N CYS J 23 -32.52 21.43 55.95
CA CYS J 23 -31.96 22.48 55.12
C CYS J 23 -33.11 23.25 54.48
N ARG J 24 -33.05 24.57 54.60
CA ARG J 24 -34.10 25.48 54.15
C ARG J 24 -33.49 26.45 53.15
N ALA J 25 -34.20 26.68 52.05
CA ALA J 25 -33.75 27.56 50.98
C ALA J 25 -34.68 28.76 50.89
N SER J 26 -34.11 29.90 50.46
CA SER J 26 -34.91 31.10 50.25
C SER J 26 -35.75 31.03 48.98
N GLN J 27 -35.35 30.19 48.02
CA GLN J 27 -36.08 30.04 46.77
C GLN J 27 -36.12 28.56 46.41
N GLY J 28 -37.15 28.17 45.65
CA GLY J 28 -37.31 26.79 45.27
C GLY J 28 -36.23 26.36 44.29
N VAL J 29 -35.41 25.38 44.68
CA VAL J 29 -34.27 24.94 43.88
C VAL J 29 -34.46 23.52 43.38
N ARG J 30 -35.71 23.03 43.38
CA ARG J 30 -36.14 21.72 42.86
C ARG J 30 -35.43 20.62 43.64
N ASN J 31 -34.87 19.60 42.99
CA ASN J 31 -34.20 18.50 43.67
C ASN J 31 -32.68 18.57 43.52
N GLU J 32 -32.14 19.74 43.18
CA GLU J 32 -30.71 19.89 42.93
C GLU J 32 -30.02 20.37 44.19
N LEU J 33 -29.71 19.42 45.07
CA LEU J 33 -28.91 19.69 46.26
C LEU J 33 -28.03 18.50 46.58
N ALA J 34 -26.85 18.81 47.12
CA ALA J 34 -25.89 17.81 47.55
C ALA J 34 -25.56 17.99 49.04
N TRP J 35 -25.50 16.86 49.73
CA TRP J 35 -25.10 16.76 51.13
C TRP J 35 -23.70 16.18 51.25
N TYR J 36 -22.87 16.81 52.08
CA TYR J 36 -21.47 16.47 52.27
C TYR J 36 -21.15 16.28 53.75
N GLN J 37 -20.10 15.50 54.01
CA GLN J 37 -19.51 15.37 55.34
C GLN J 37 -18.12 15.97 55.34
N GLN J 38 -17.86 16.89 56.26
CA GLN J 38 -16.52 17.43 56.46
C GLN J 38 -16.07 17.13 57.88
N LYS J 39 -14.91 16.49 58.00
CA LYS J 39 -14.14 16.13 59.17
C LYS J 39 -13.04 17.16 59.43
N PRO J 40 -12.65 17.36 60.68
CA PRO J 40 -11.62 18.39 60.99
C PRO J 40 -10.26 18.01 60.43
N GLY J 41 -9.69 18.91 59.62
CA GLY J 41 -8.41 18.70 59.00
C GLY J 41 -8.42 17.86 57.75
N LYS J 42 -9.59 17.44 57.27
CA LYS J 42 -9.69 16.54 56.14
C LYS J 42 -10.56 17.17 55.05
N ALA J 43 -10.40 16.66 53.83
CA ALA J 43 -11.21 17.10 52.71
C ALA J 43 -12.62 16.55 52.82
N PRO J 44 -13.63 17.37 52.51
CA PRO J 44 -15.01 16.88 52.55
C PRO J 44 -15.31 15.82 51.50
N ASN J 45 -16.22 14.91 51.86
CA ASN J 45 -16.63 13.79 51.02
C ASN J 45 -18.10 13.92 50.67
N LEU J 46 -18.49 13.39 49.52
CA LEU J 46 -19.87 13.48 49.06
C LEU J 46 -20.70 12.35 49.66
N LEU J 47 -21.92 12.69 50.08
CA LEU J 47 -22.90 11.71 50.54
C LEU J 47 -24.13 11.65 49.65
N ILE J 48 -24.79 12.78 49.42
CA ILE J 48 -26.07 12.80 48.70
C ILE J 48 -25.93 13.72 47.50
N TYR J 49 -26.21 13.21 46.31
CA TYR J 49 -26.50 14.04 45.15
C TYR J 49 -27.91 13.73 44.67
N TYR J 50 -28.50 14.72 43.97
CA TYR J 50 -29.89 14.72 43.48
C TYR J 50 -30.92 14.64 44.61
N ALA J 51 -30.50 14.98 45.85
CA ALA J 51 -31.32 15.11 47.06
C ALA J 51 -31.98 13.83 47.55
N SER J 52 -31.83 12.73 46.82
CA SER J 52 -32.33 11.43 47.28
C SER J 52 -31.41 10.27 46.95
N THR J 53 -30.41 10.43 46.08
CA THR J 53 -29.63 9.31 45.57
C THR J 53 -28.37 9.12 46.43
N LEU J 54 -28.12 7.88 46.81
CA LEU J 54 -26.94 7.56 47.61
C LEU J 54 -25.68 7.56 46.73
N GLN J 55 -24.60 8.10 47.27
CA GLN J 55 -23.31 8.03 46.60
C GLN J 55 -22.76 6.60 46.66
N SER J 56 -22.13 6.17 45.58
CA SER J 56 -21.44 4.88 45.59
C SER J 56 -20.25 4.95 46.54
N GLY J 57 -20.41 4.36 47.72
CA GLY J 57 -19.35 4.38 48.72
C GLY J 57 -19.84 4.65 50.13
N VAL J 58 -20.90 5.45 50.28
CA VAL J 58 -21.44 5.79 51.59
C VAL J 58 -22.23 4.59 52.11
N PRO J 59 -22.24 4.33 53.41
CA PRO J 59 -23.15 3.31 53.96
C PRO J 59 -24.61 3.71 53.80
N SER J 60 -25.46 2.69 53.79
CA SER J 60 -26.89 2.84 53.48
C SER J 60 -27.71 3.37 54.65
N ARG J 61 -27.08 3.63 55.81
CA ARG J 61 -27.81 4.19 56.94
C ARG J 61 -28.23 5.63 56.72
N PHE J 62 -27.59 6.34 55.80
CA PHE J 62 -27.97 7.70 55.46
C PHE J 62 -29.10 7.69 54.43
N SER J 63 -29.97 8.69 54.53
CA SER J 63 -31.04 8.88 53.55
C SER J 63 -31.37 10.36 53.50
N ALA J 64 -31.96 10.79 52.39
CA ALA J 64 -32.27 12.19 52.22
C ALA J 64 -33.52 12.35 51.37
N THR J 65 -34.42 13.22 51.81
CA THR J 65 -35.61 13.57 51.06
C THR J 65 -35.74 15.09 51.00
N GLY J 66 -36.73 15.55 50.26
CA GLY J 66 -37.06 16.96 50.24
C GLY J 66 -37.30 17.48 48.84
N SER J 67 -38.00 18.61 48.77
CA SER J 67 -38.29 19.28 47.52
C SER J 67 -38.58 20.75 47.82
N GLY J 68 -38.54 21.57 46.77
CA GLY J 68 -38.84 22.98 46.89
C GLY J 68 -37.82 23.72 47.73
N THR J 69 -38.23 24.08 48.95
CA THR J 69 -37.34 24.67 49.93
C THR J 69 -37.18 23.82 51.19
N HIS J 70 -37.86 22.67 51.27
CA HIS J 70 -37.83 21.84 52.46
C HIS J 70 -37.01 20.58 52.20
N PHE J 71 -35.89 20.44 52.91
CA PHE J 71 -34.93 19.36 52.68
C PHE J 71 -34.56 18.70 53.99
N THR J 72 -34.59 17.36 54.02
CA THR J 72 -34.33 16.60 55.24
C THR J 72 -33.23 15.56 54.99
N LEU J 73 -32.29 15.50 55.91
CA LEU J 73 -31.26 14.47 55.94
C LEU J 73 -31.47 13.62 57.19
N THR J 74 -31.50 12.30 57.02
CA THR J 74 -31.83 11.39 58.12
C THR J 74 -30.76 10.31 58.23
N VAL J 75 -30.25 10.13 59.45
CA VAL J 75 -29.37 9.02 59.78
C VAL J 75 -30.16 8.06 60.67
N SER J 76 -30.24 6.80 60.23
CA SER J 76 -31.11 5.82 60.87
C SER J 76 -30.38 5.01 61.93
N SER J 77 -29.06 4.92 61.85
CA SER J 77 -28.27 4.19 62.85
C SER J 77 -26.93 4.90 62.97
N LEU J 78 -26.73 5.63 64.07
CA LEU J 78 -25.54 6.44 64.23
C LEU J 78 -24.35 5.58 64.67
N GLN J 79 -23.21 5.83 64.04
CA GLN J 79 -21.94 5.16 64.30
C GLN J 79 -20.89 6.20 64.62
N PRO J 80 -19.87 5.87 65.43
CA PRO J 80 -18.98 6.91 65.99
C PRO J 80 -18.11 7.64 64.98
N GLU J 81 -17.94 7.14 63.76
CA GLU J 81 -17.17 7.88 62.76
C GLU J 81 -18.00 8.92 62.01
N ASP J 82 -19.30 9.02 62.30
CA ASP J 82 -20.17 9.99 61.65
C ASP J 82 -20.17 11.35 62.34
N PHE J 83 -19.44 11.50 63.45
CA PHE J 83 -19.41 12.77 64.19
C PHE J 83 -18.56 13.76 63.41
N ALA J 84 -19.21 14.52 62.54
CA ALA J 84 -18.55 15.51 61.70
C ALA J 84 -19.54 16.62 61.40
N THR J 85 -19.20 17.48 60.45
CA THR J 85 -20.08 18.56 60.03
C THR J 85 -20.78 18.18 58.73
N TYR J 86 -22.07 18.48 58.65
CA TYR J 86 -22.90 18.07 57.53
C TYR J 86 -23.31 19.32 56.75
N PHE J 87 -23.03 19.33 55.46
CA PHE J 87 -23.23 20.51 54.61
C PHE J 87 -24.30 20.22 53.55
N CYS J 88 -25.13 21.22 53.27
CA CYS J 88 -26.10 21.16 52.19
C CYS J 88 -25.81 22.29 51.22
N GLN J 89 -25.85 22.00 49.91
CA GLN J 89 -25.62 23.06 48.93
C GLN J 89 -26.48 22.85 47.68
N HIS J 90 -27.12 23.93 47.25
CA HIS J 90 -28.02 23.92 46.09
C HIS J 90 -27.26 24.39 44.86
N MET J 91 -27.79 24.03 43.69
CA MET J 91 -27.13 24.29 42.41
C MET J 91 -28.09 24.76 41.33
N SER J 92 -29.19 25.42 41.70
CA SER J 92 -30.19 25.82 40.70
C SER J 92 -29.70 26.98 39.84
N SER J 93 -28.99 27.93 40.44
CA SER J 93 -28.56 29.12 39.72
C SER J 93 -27.29 29.66 40.36
N TYR J 94 -26.60 30.52 39.60
CA TYR J 94 -25.44 31.21 40.14
C TYR J 94 -25.87 32.22 41.19
N PRO J 95 -25.08 32.41 42.26
CA PRO J 95 -23.89 31.63 42.66
C PRO J 95 -24.23 30.33 43.36
N LEU J 96 -23.29 29.41 43.41
CA LEU J 96 -23.39 28.30 44.36
C LEU J 96 -23.05 28.81 45.75
N THR J 97 -23.90 28.53 46.73
CA THR J 97 -23.60 28.85 48.12
C THR J 97 -23.87 27.63 48.98
N PHE J 98 -23.10 27.50 50.05
CA PHE J 98 -23.15 26.34 50.93
C PHE J 98 -23.93 26.66 52.19
N GLY J 99 -24.26 25.62 52.95
CA GLY J 99 -25.01 25.79 54.17
C GLY J 99 -24.18 26.33 55.31
N GLY J 100 -24.87 26.65 56.42
CA GLY J 100 -24.20 27.21 57.58
C GLY J 100 -23.40 26.20 58.38
N GLY J 101 -23.67 24.92 58.22
CA GLY J 101 -22.94 23.92 58.97
C GLY J 101 -23.71 23.38 60.15
N THR J 102 -23.58 22.07 60.37
CA THR J 102 -24.24 21.37 61.47
C THR J 102 -23.24 20.41 62.09
N LYS J 103 -22.74 20.75 63.28
CA LYS J 103 -21.79 19.91 63.98
C LYS J 103 -22.54 18.92 64.87
N VAL J 104 -22.21 17.64 64.75
CA VAL J 104 -22.84 16.58 65.51
C VAL J 104 -21.85 16.06 66.53
N GLU J 105 -22.26 16.05 67.80
CA GLU J 105 -21.38 15.63 68.89
C GLU J 105 -22.04 14.60 69.79
N GLN K 1 -19.65 -33.12 -18.74
CA GLN K 1 -18.85 -32.98 -17.54
C GLN K 1 -19.72 -32.80 -16.31
N GLU K 2 -20.89 -32.19 -16.49
CA GLU K 2 -21.80 -31.94 -15.39
C GLU K 2 -22.50 -33.25 -15.01
N VAL K 3 -22.26 -33.71 -13.78
CA VAL K 3 -22.85 -34.95 -13.28
C VAL K 3 -23.36 -34.73 -11.86
N LEU K 4 -24.23 -35.63 -11.44
CA LEU K 4 -24.61 -35.79 -10.04
C LEU K 4 -24.32 -37.21 -9.63
N VAL K 5 -23.56 -37.38 -8.55
CA VAL K 5 -23.20 -38.70 -8.06
C VAL K 5 -24.01 -38.97 -6.80
N GLN K 6 -24.46 -40.22 -6.66
CA GLN K 6 -25.33 -40.64 -5.57
C GLN K 6 -24.64 -41.73 -4.76
N SER K 7 -25.22 -42.01 -3.60
CA SER K 7 -24.69 -43.04 -2.71
C SER K 7 -25.13 -44.43 -3.20
N GLY K 8 -24.65 -45.46 -2.51
CA GLY K 8 -24.96 -46.82 -2.88
C GLY K 8 -26.39 -47.21 -2.55
N ALA K 9 -26.80 -48.34 -3.10
CA ALA K 9 -28.15 -48.87 -2.87
C ALA K 9 -28.30 -49.33 -1.43
N GLU K 10 -29.44 -49.00 -0.84
CA GLU K 10 -29.69 -49.23 0.58
C GLU K 10 -30.90 -50.13 0.76
N VAL K 11 -30.83 -51.00 1.76
CA VAL K 11 -31.93 -51.86 2.16
C VAL K 11 -32.28 -51.52 3.61
N LYS K 12 -33.53 -51.13 3.84
CA LYS K 12 -33.96 -50.67 5.15
C LYS K 12 -35.16 -51.48 5.63
N LYS K 13 -35.50 -51.29 6.91
CA LYS K 13 -36.57 -51.93 7.66
C LYS K 13 -37.83 -51.09 7.61
N PRO K 14 -39.01 -51.69 7.74
CA PRO K 14 -40.25 -50.90 7.84
C PRO K 14 -40.28 -50.11 9.15
N GLY K 15 -40.71 -48.85 9.03
CA GLY K 15 -40.73 -47.95 10.16
C GLY K 15 -39.44 -47.21 10.42
N ALA K 16 -38.40 -47.48 9.64
CA ALA K 16 -37.11 -46.84 9.83
C ALA K 16 -37.03 -45.57 8.99
N SER K 17 -35.82 -45.04 8.83
CA SER K 17 -35.56 -43.88 7.98
C SER K 17 -34.35 -44.17 7.10
N VAL K 18 -34.34 -43.57 5.91
CA VAL K 18 -33.27 -43.76 4.94
C VAL K 18 -32.81 -42.39 4.44
N LYS K 19 -31.50 -42.22 4.31
CA LYS K 19 -30.93 -41.02 3.71
C LYS K 19 -30.25 -41.38 2.40
N VAL K 20 -30.27 -40.44 1.47
CA VAL K 20 -29.54 -40.58 0.20
C VAL K 20 -28.92 -39.25 -0.16
N SER K 21 -27.66 -39.29 -0.59
CA SER K 21 -26.87 -38.09 -0.86
C SER K 21 -26.76 -37.85 -2.35
N CYS K 22 -26.58 -36.59 -2.72
CA CYS K 22 -26.42 -36.18 -4.12
C CYS K 22 -25.35 -35.11 -4.15
N ARG K 23 -24.22 -35.39 -4.81
CA ARG K 23 -23.11 -34.45 -4.91
C ARG K 23 -22.94 -34.02 -6.36
N ALA K 24 -22.77 -32.72 -6.57
CA ALA K 24 -22.76 -32.12 -7.90
C ALA K 24 -21.34 -31.85 -8.39
N PHE K 25 -21.10 -32.12 -9.67
CA PHE K 25 -19.85 -31.79 -10.33
C PHE K 25 -20.16 -31.13 -11.67
N GLY K 26 -19.29 -30.19 -12.06
CA GLY K 26 -19.34 -29.60 -13.38
C GLY K 26 -20.10 -28.29 -13.49
N TYR K 27 -20.93 -27.95 -12.50
CA TYR K 27 -21.66 -26.69 -12.51
C TYR K 27 -21.65 -26.10 -11.12
N THR K 28 -21.96 -24.80 -11.05
CA THR K 28 -22.02 -24.11 -9.77
C THR K 28 -23.24 -24.59 -8.99
N PHE K 29 -23.00 -25.25 -7.87
CA PHE K 29 -24.07 -25.93 -7.13
C PHE K 29 -25.07 -24.95 -6.53
N THR K 30 -24.64 -23.72 -6.23
CA THR K 30 -25.53 -22.72 -5.66
C THR K 30 -26.28 -21.94 -6.71
N GLY K 31 -26.40 -22.46 -7.93
CA GLY K 31 -26.99 -21.69 -9.01
C GLY K 31 -28.15 -22.34 -9.74
N ASN K 32 -28.52 -23.56 -9.38
CA ASN K 32 -29.60 -24.25 -10.05
C ASN K 32 -30.42 -25.04 -9.05
N ALA K 33 -31.74 -24.95 -9.17
CA ALA K 33 -32.66 -25.67 -8.30
C ALA K 33 -32.57 -27.17 -8.58
N LEU K 34 -32.88 -27.97 -7.56
CA LEU K 34 -32.60 -29.40 -7.57
C LEU K 34 -33.87 -30.18 -7.23
N HIS K 35 -34.29 -31.06 -8.13
CA HIS K 35 -35.49 -31.88 -7.97
C HIS K 35 -35.12 -33.27 -7.46
N TRP K 36 -36.09 -33.93 -6.83
CA TRP K 36 -35.99 -35.35 -6.50
C TRP K 36 -37.14 -36.09 -7.16
N VAL K 37 -36.83 -37.16 -7.88
CA VAL K 37 -37.83 -37.93 -8.61
C VAL K 37 -37.62 -39.41 -8.30
N ARG K 38 -38.66 -40.08 -7.82
CA ARG K 38 -38.59 -41.50 -7.54
C ARG K 38 -39.48 -42.28 -8.50
N GLN K 39 -39.20 -43.58 -8.60
CA GLN K 39 -39.86 -44.45 -9.56
C GLN K 39 -40.03 -45.83 -8.94
N ALA K 40 -41.28 -46.24 -8.75
CA ALA K 40 -41.57 -47.62 -8.40
C ALA K 40 -41.24 -48.52 -9.57
N PRO K 41 -40.78 -49.76 -9.32
CA PRO K 41 -40.42 -50.64 -10.44
C PRO K 41 -41.66 -51.13 -11.19
N GLY K 42 -41.62 -50.97 -12.51
CA GLY K 42 -42.75 -51.29 -13.36
C GLY K 42 -43.79 -50.19 -13.46
N GLN K 43 -43.57 -49.04 -12.82
CA GLN K 43 -44.51 -47.93 -12.81
C GLN K 43 -43.87 -46.71 -13.46
N GLY K 44 -44.57 -45.58 -13.39
CA GLY K 44 -44.08 -44.33 -13.92
C GLY K 44 -43.21 -43.58 -12.92
N LEU K 45 -43.01 -42.30 -13.20
CA LEU K 45 -42.16 -41.44 -12.39
C LEU K 45 -43.00 -40.68 -11.37
N GLU K 46 -42.58 -40.72 -10.11
CA GLU K 46 -43.29 -40.05 -9.02
C GLU K 46 -42.40 -38.95 -8.46
N TRP K 47 -42.96 -37.75 -8.34
CA TRP K 47 -42.23 -36.55 -7.99
C TRP K 47 -42.32 -36.27 -6.49
N LEU K 48 -41.17 -36.00 -5.87
CA LEU K 48 -41.10 -35.73 -4.44
C LEU K 48 -41.14 -34.24 -4.11
N GLY K 49 -40.16 -33.49 -4.59
CA GLY K 49 -40.08 -32.07 -4.27
C GLY K 49 -38.71 -31.53 -4.63
N TRP K 50 -38.53 -30.24 -4.37
CA TRP K 50 -37.37 -29.58 -4.95
C TRP K 50 -36.85 -28.51 -4.02
N ILE K 51 -35.55 -28.23 -4.13
CA ILE K 51 -34.81 -27.41 -3.19
C ILE K 51 -33.99 -26.37 -3.93
N ASN K 52 -33.97 -25.15 -3.39
CA ASN K 52 -32.93 -24.19 -3.74
C ASN K 52 -31.68 -24.50 -2.93
N PRO K 53 -30.53 -24.74 -3.57
CA PRO K 53 -29.31 -25.02 -2.80
C PRO K 53 -28.67 -23.78 -2.20
N HIS K 54 -29.16 -22.58 -2.51
CA HIS K 54 -28.58 -21.36 -1.94
C HIS K 54 -29.33 -20.93 -0.67
N SER K 55 -30.62 -20.64 -0.80
CA SER K 55 -31.39 -20.15 0.34
C SER K 55 -31.71 -21.25 1.34
N GLY K 56 -31.86 -22.49 0.88
CA GLY K 56 -32.25 -23.58 1.73
C GLY K 56 -33.74 -23.80 1.86
N ASP K 57 -34.55 -22.99 1.19
CA ASP K 57 -35.99 -23.21 1.17
C ASP K 57 -36.32 -24.46 0.38
N THR K 58 -37.30 -25.22 0.87
CA THR K 58 -37.72 -26.47 0.26
C THR K 58 -39.17 -26.37 -0.18
N THR K 59 -39.57 -27.25 -1.10
CA THR K 59 -40.98 -27.41 -1.43
C THR K 59 -41.25 -28.89 -1.63
N THR K 60 -42.14 -29.45 -0.81
CA THR K 60 -42.47 -30.87 -0.84
C THR K 60 -43.92 -31.03 -1.27
N SER K 61 -44.21 -32.13 -1.97
CA SER K 61 -45.58 -32.42 -2.39
C SER K 61 -46.47 -32.70 -1.18
N GLN K 62 -47.76 -32.43 -1.34
CA GLN K 62 -48.70 -32.49 -0.23
C GLN K 62 -48.96 -33.89 0.27
N LYS K 63 -48.67 -34.92 -0.53
CA LYS K 63 -48.79 -36.30 -0.06
C LYS K 63 -47.69 -36.64 0.94
N PHE K 64 -46.49 -36.09 0.75
CA PHE K 64 -45.31 -36.46 1.51
C PHE K 64 -44.89 -35.39 2.51
N GLN K 65 -45.78 -34.47 2.86
CA GLN K 65 -45.44 -33.41 3.81
C GLN K 65 -45.38 -33.97 5.22
N GLY K 66 -44.28 -33.69 5.93
CA GLY K 66 -44.05 -34.24 7.24
C GLY K 66 -43.40 -35.61 7.24
N ARG K 67 -43.23 -36.22 6.06
CA ARG K 67 -42.60 -37.52 5.92
C ARG K 67 -41.28 -37.48 5.17
N VAL K 68 -41.03 -36.42 4.39
CA VAL K 68 -39.86 -36.29 3.53
C VAL K 68 -39.17 -34.98 3.85
N TYR K 69 -37.86 -35.05 4.13
CA TYR K 69 -37.08 -33.89 4.52
C TYR K 69 -35.88 -33.75 3.60
N MET K 70 -35.48 -32.51 3.34
CA MET K 70 -34.35 -32.20 2.46
C MET K 70 -33.42 -31.24 3.17
N THR K 71 -32.13 -31.40 2.95
CA THR K 71 -31.16 -30.43 3.46
C THR K 71 -29.99 -30.31 2.49
N ARG K 72 -29.21 -29.25 2.66
CA ARG K 72 -28.09 -28.96 1.77
C ARG K 72 -26.83 -28.71 2.59
N ASP K 73 -25.68 -28.84 1.92
CA ASP K 73 -24.39 -28.56 2.51
C ASP K 73 -23.53 -27.93 1.43
N LYS K 74 -23.27 -26.63 1.56
CA LYS K 74 -22.62 -25.85 0.51
C LYS K 74 -21.11 -25.92 0.54
N SER K 75 -20.52 -26.40 1.64
CA SER K 75 -19.07 -26.56 1.68
C SER K 75 -18.62 -27.80 0.92
N ILE K 76 -19.45 -28.83 0.86
CA ILE K 76 -19.13 -30.07 0.16
C ILE K 76 -20.00 -30.21 -1.09
N ASN K 77 -20.94 -29.27 -1.31
CA ASN K 77 -21.83 -29.21 -2.48
C ASN K 77 -22.70 -30.46 -2.58
N THR K 78 -23.39 -30.78 -1.48
CA THR K 78 -24.21 -31.98 -1.41
C THR K 78 -25.62 -31.63 -0.98
N ALA K 79 -26.56 -32.49 -1.36
CA ALA K 79 -27.93 -32.45 -0.84
C ALA K 79 -28.29 -33.81 -0.27
N PHE K 80 -28.90 -33.81 0.90
CA PHE K 80 -29.28 -35.03 1.60
C PHE K 80 -30.79 -35.12 1.66
N LEU K 81 -31.32 -36.30 1.31
CA LEU K 81 -32.74 -36.59 1.34
C LEU K 81 -33.01 -37.59 2.45
N ASP K 82 -33.97 -37.27 3.32
CA ASP K 82 -34.37 -38.10 4.45
C ASP K 82 -35.80 -38.55 4.22
N VAL K 83 -36.01 -39.87 4.19
CA VAL K 83 -37.34 -40.45 4.10
C VAL K 83 -37.59 -41.21 5.40
N THR K 84 -38.54 -40.74 6.19
CA THR K 84 -38.93 -41.39 7.43
C THR K 84 -40.27 -42.10 7.24
N ARG K 85 -40.58 -42.98 8.20
CA ARG K 85 -41.80 -43.79 8.25
C ARG K 85 -41.91 -44.63 6.96
N LEU K 86 -41.01 -45.61 6.86
CA LEU K 86 -40.89 -46.39 5.65
C LEU K 86 -41.94 -47.49 5.62
N THR K 87 -42.71 -47.56 4.53
CA THR K 87 -43.66 -48.62 4.27
C THR K 87 -43.23 -49.37 3.02
N SER K 88 -43.97 -50.44 2.70
CA SER K 88 -43.63 -51.29 1.57
C SER K 88 -43.93 -50.64 0.22
N ASP K 89 -44.68 -49.54 0.18
CA ASP K 89 -44.98 -48.85 -1.06
C ASP K 89 -43.85 -47.93 -1.51
N ASP K 90 -42.84 -47.71 -0.68
CA ASP K 90 -41.76 -46.79 -0.98
C ASP K 90 -40.58 -47.46 -1.68
N THR K 91 -40.70 -48.74 -2.02
CA THR K 91 -39.63 -49.43 -2.73
C THR K 91 -39.54 -48.94 -4.17
N GLY K 92 -38.31 -48.79 -4.64
CA GLY K 92 -38.07 -48.32 -6.00
C GLY K 92 -36.73 -47.62 -6.08
N ILE K 93 -36.56 -46.86 -7.15
CA ILE K 93 -35.31 -46.15 -7.43
C ILE K 93 -35.53 -44.65 -7.26
N TYR K 94 -34.46 -43.95 -6.90
CA TYR K 94 -34.50 -42.52 -6.63
C TYR K 94 -33.44 -41.80 -7.46
N TYR K 95 -33.79 -40.59 -7.92
CA TYR K 95 -32.89 -39.75 -8.70
C TYR K 95 -32.91 -38.33 -8.13
N CYS K 96 -31.74 -37.71 -8.11
CA CYS K 96 -31.63 -36.27 -7.97
C CYS K 96 -31.36 -35.68 -9.35
N ALA K 97 -32.03 -34.57 -9.66
CA ALA K 97 -31.94 -34.00 -11.00
C ALA K 97 -31.75 -32.49 -10.94
N ARG K 98 -30.82 -31.99 -11.74
CA ARG K 98 -30.56 -30.57 -11.84
C ARG K 98 -31.57 -29.92 -12.77
N ASP K 99 -32.17 -28.83 -12.32
CA ASP K 99 -33.09 -28.07 -13.17
C ASP K 99 -32.32 -26.98 -13.89
N LYS K 100 -32.75 -26.69 -15.12
CA LYS K 100 -32.05 -25.68 -15.92
C LYS K 100 -32.29 -24.28 -15.37
N TYR K 101 -33.52 -24.00 -14.91
CA TYR K 101 -33.87 -22.85 -14.08
C TYR K 101 -33.62 -21.51 -14.79
N TYR K 102 -34.31 -21.32 -15.90
CA TYR K 102 -34.24 -20.06 -16.63
C TYR K 102 -35.28 -19.10 -16.10
N GLY K 103 -34.85 -17.89 -15.74
CA GLY K 103 -35.74 -16.85 -15.26
C GLY K 103 -36.40 -17.13 -13.92
N ASN K 104 -35.66 -17.77 -13.00
CA ASN K 104 -36.10 -18.03 -11.62
C ASN K 104 -37.38 -18.85 -11.56
N GLU K 105 -37.51 -19.84 -12.44
CA GLU K 105 -38.66 -20.71 -12.46
C GLU K 105 -38.25 -22.05 -13.07
N ALA K 106 -39.12 -23.05 -12.91
CA ALA K 106 -38.83 -24.39 -13.38
C ALA K 106 -38.98 -24.49 -14.89
N VAL K 107 -37.98 -25.08 -15.55
CA VAL K 107 -37.95 -25.21 -17.00
C VAL K 107 -37.84 -26.67 -17.43
N GLY K 108 -36.89 -27.39 -16.88
CA GLY K 108 -36.73 -28.79 -17.24
C GLY K 108 -35.59 -29.42 -16.48
N MET K 109 -35.64 -30.75 -16.43
CA MET K 109 -34.70 -31.54 -15.65
C MET K 109 -33.61 -32.05 -16.60
N ASP K 110 -32.40 -31.51 -16.49
CA ASP K 110 -31.37 -31.79 -17.49
C ASP K 110 -30.39 -32.87 -17.02
N VAL K 111 -29.70 -32.66 -15.91
CA VAL K 111 -28.65 -33.56 -15.45
C VAL K 111 -29.25 -34.53 -14.45
N TRP K 112 -29.14 -35.83 -14.73
CA TRP K 112 -29.70 -36.87 -13.89
C TRP K 112 -28.61 -37.80 -13.41
N GLY K 113 -28.68 -38.18 -12.14
CA GLY K 113 -27.71 -39.09 -11.55
C GLY K 113 -27.95 -40.53 -11.97
N GLN K 114 -27.08 -41.41 -11.48
CA GLN K 114 -27.17 -42.83 -11.81
C GLN K 114 -28.35 -43.51 -11.13
N GLY K 115 -28.79 -43.01 -9.99
CA GLY K 115 -29.95 -43.57 -9.31
C GLY K 115 -29.60 -44.48 -8.16
N THR K 116 -30.38 -44.40 -7.08
CA THR K 116 -30.17 -45.20 -5.89
C THR K 116 -31.38 -46.10 -5.66
N SER K 117 -31.14 -47.39 -5.52
CA SER K 117 -32.22 -48.36 -5.32
C SER K 117 -32.48 -48.53 -3.83
N VAL K 118 -33.68 -48.18 -3.39
CA VAL K 118 -34.10 -48.30 -2.00
C VAL K 118 -35.23 -49.32 -1.94
N THR K 119 -35.05 -50.37 -1.14
CA THR K 119 -36.06 -51.40 -0.99
C THR K 119 -36.49 -51.55 0.46
N ASP L 1 -54.66 -32.55 -7.84
CA ASP L 1 -53.56 -32.39 -8.78
C ASP L 1 -54.05 -32.26 -10.22
N ILE L 2 -53.11 -32.26 -11.15
CA ILE L 2 -53.42 -32.21 -12.58
C ILE L 2 -53.18 -33.61 -13.13
N GLN L 3 -54.27 -34.34 -13.38
CA GLN L 3 -54.17 -35.64 -14.02
C GLN L 3 -53.76 -35.47 -15.47
N LEU L 4 -52.98 -36.42 -15.98
CA LEU L 4 -52.32 -36.26 -17.27
C LEU L 4 -52.32 -37.60 -17.99
N THR L 5 -52.83 -37.61 -19.22
CA THR L 5 -52.96 -38.81 -20.03
C THR L 5 -52.05 -38.71 -21.24
N GLN L 6 -51.38 -39.81 -21.58
CA GLN L 6 -50.50 -39.85 -22.75
C GLN L 6 -50.96 -40.99 -23.65
N SER L 7 -51.27 -40.66 -24.89
CA SER L 7 -51.90 -41.60 -25.81
C SER L 7 -51.05 -41.78 -27.05
N PRO L 8 -50.86 -43.02 -27.53
CA PRO L 8 -51.36 -44.29 -26.97
C PRO L 8 -50.45 -44.81 -25.86
N SER L 9 -50.88 -45.76 -25.04
CA SER L 9 -50.01 -46.31 -24.01
C SER L 9 -49.02 -47.33 -24.56
N PHE L 10 -49.23 -47.82 -25.79
CA PHE L 10 -48.30 -48.75 -26.42
C PHE L 10 -48.40 -48.54 -27.93
N LEU L 11 -47.32 -48.05 -28.53
CA LEU L 11 -47.27 -47.80 -29.96
C LEU L 11 -46.25 -48.73 -30.60
N SER L 12 -46.58 -49.20 -31.80
CA SER L 12 -45.70 -50.06 -32.58
C SER L 12 -45.37 -49.36 -33.89
N ALA L 13 -44.08 -49.33 -34.24
CA ALA L 13 -43.64 -48.67 -35.45
C ALA L 13 -42.38 -49.36 -35.96
N SER L 14 -41.96 -48.99 -37.17
CA SER L 14 -40.80 -49.56 -37.82
C SER L 14 -39.75 -48.48 -38.04
N VAL L 15 -38.65 -48.88 -38.68
CA VAL L 15 -37.52 -47.97 -38.91
C VAL L 15 -37.88 -46.99 -40.01
N GLY L 16 -37.73 -45.69 -39.72
CA GLY L 16 -38.04 -44.65 -40.66
C GLY L 16 -39.47 -44.14 -40.63
N ASP L 17 -40.27 -44.58 -39.66
CA ASP L 17 -41.66 -44.19 -39.60
C ASP L 17 -41.83 -42.84 -38.92
N LYS L 18 -42.84 -42.09 -39.36
CA LYS L 18 -43.21 -40.82 -38.77
C LYS L 18 -44.32 -41.07 -37.75
N VAL L 19 -44.02 -40.90 -36.47
CA VAL L 19 -45.00 -41.14 -35.43
C VAL L 19 -45.11 -39.93 -34.51
N THR L 20 -46.29 -39.79 -33.92
CA THR L 20 -46.70 -38.62 -33.13
C THR L 20 -47.49 -39.10 -31.93
N ILE L 21 -47.10 -38.66 -30.74
CA ILE L 21 -47.71 -39.12 -29.49
C ILE L 21 -48.29 -37.93 -28.75
N THR L 22 -49.51 -38.09 -28.22
CA THR L 22 -50.33 -37.00 -27.71
C THR L 22 -50.31 -36.97 -26.18
N CYS L 23 -50.16 -35.77 -25.62
CA CYS L 23 -50.12 -35.50 -24.18
C CYS L 23 -51.30 -34.57 -23.85
N ARG L 24 -52.24 -35.07 -23.07
CA ARG L 24 -53.47 -34.35 -22.75
C ARG L 24 -53.54 -34.08 -21.25
N ALA L 25 -53.82 -32.83 -20.90
CA ALA L 25 -53.90 -32.40 -19.51
C ALA L 25 -55.34 -32.10 -19.11
N SER L 26 -55.63 -32.27 -17.82
CA SER L 26 -56.98 -32.03 -17.33
C SER L 26 -57.31 -30.54 -17.28
N GLN L 27 -56.32 -29.70 -17.03
CA GLN L 27 -56.52 -28.25 -17.00
C GLN L 27 -55.47 -27.57 -17.87
N GLY L 28 -55.74 -26.32 -18.23
CA GLY L 28 -54.83 -25.55 -19.05
C GLY L 28 -53.53 -25.21 -18.34
N VAL L 29 -52.43 -25.80 -18.78
CA VAL L 29 -51.14 -25.61 -18.14
C VAL L 29 -50.21 -24.76 -19.01
N ARG L 30 -50.77 -24.01 -19.95
CA ARG L 30 -50.10 -23.06 -20.86
C ARG L 30 -49.08 -23.83 -21.71
N ASN L 31 -47.88 -23.28 -21.92
CA ASN L 31 -46.85 -23.90 -22.73
C ASN L 31 -45.76 -24.55 -21.90
N GLU L 32 -45.98 -24.72 -20.59
CA GLU L 32 -44.95 -25.22 -19.69
C GLU L 32 -45.02 -26.74 -19.66
N LEU L 33 -44.22 -27.37 -20.54
CA LEU L 33 -44.22 -28.80 -20.75
C LEU L 33 -42.78 -29.27 -20.90
N ALA L 34 -42.50 -30.49 -20.46
CA ALA L 34 -41.19 -31.08 -20.68
C ALA L 34 -41.32 -32.53 -21.14
N TRP L 35 -40.62 -32.87 -22.23
CA TRP L 35 -40.60 -34.21 -22.82
C TRP L 35 -39.26 -34.88 -22.52
N TYR L 36 -39.33 -36.11 -22.00
CA TYR L 36 -38.18 -36.92 -21.62
C TYR L 36 -38.23 -38.28 -22.30
N GLN L 37 -37.04 -38.85 -22.50
CA GLN L 37 -36.86 -40.19 -23.03
C GLN L 37 -36.12 -41.04 -22.01
N GLN L 38 -36.68 -42.19 -21.65
CA GLN L 38 -36.10 -43.09 -20.67
C GLN L 38 -36.00 -44.50 -21.25
N LYS L 39 -34.81 -45.07 -21.17
CA LYS L 39 -34.44 -46.43 -21.51
C LYS L 39 -34.39 -47.28 -20.24
N PRO L 40 -34.62 -48.60 -20.34
CA PRO L 40 -34.59 -49.44 -19.15
C PRO L 40 -33.17 -49.57 -18.59
N GLY L 41 -33.04 -49.33 -17.28
CA GLY L 41 -31.77 -49.37 -16.60
C GLY L 41 -30.98 -48.08 -16.63
N LYS L 42 -31.47 -47.04 -17.30
CA LYS L 42 -30.76 -45.79 -17.43
C LYS L 42 -31.61 -44.63 -16.92
N ALA L 43 -30.94 -43.52 -16.61
CA ALA L 43 -31.63 -42.33 -16.16
C ALA L 43 -32.36 -41.67 -17.33
N PRO L 44 -33.51 -41.02 -17.06
CA PRO L 44 -34.20 -40.28 -18.11
C PRO L 44 -33.39 -39.06 -18.57
N ASN L 45 -33.47 -38.79 -19.86
CA ASN L 45 -32.77 -37.68 -20.50
C ASN L 45 -33.80 -36.73 -21.08
N LEU L 46 -33.51 -35.44 -21.01
CA LEU L 46 -34.47 -34.43 -21.47
C LEU L 46 -34.43 -34.33 -22.99
N LEU L 47 -35.61 -34.15 -23.58
CA LEU L 47 -35.73 -33.89 -25.02
C LEU L 47 -36.24 -32.49 -25.30
N ILE L 48 -37.39 -32.12 -24.73
CA ILE L 48 -38.07 -30.87 -25.08
C ILE L 48 -38.38 -30.11 -23.80
N TYR L 49 -38.04 -28.82 -23.78
CA TYR L 49 -38.56 -27.91 -22.77
C TYR L 49 -39.24 -26.73 -23.45
N TYR L 50 -40.19 -26.12 -22.71
CA TYR L 50 -41.09 -25.06 -23.18
C TYR L 50 -41.94 -25.48 -24.36
N ALA L 51 -42.16 -26.80 -24.52
CA ALA L 51 -43.11 -27.46 -25.43
C ALA L 51 -42.80 -27.30 -26.91
N SER L 52 -41.79 -26.51 -27.28
CA SER L 52 -41.43 -26.37 -28.68
C SER L 52 -39.93 -26.32 -28.94
N THR L 53 -39.09 -26.10 -27.94
CA THR L 53 -37.68 -25.83 -28.16
C THR L 53 -36.86 -27.10 -27.95
N LEU L 54 -35.97 -27.39 -28.90
CA LEU L 54 -35.10 -28.55 -28.80
C LEU L 54 -34.02 -28.34 -27.74
N GLN L 55 -33.61 -29.43 -27.11
CA GLN L 55 -32.50 -29.40 -26.17
C GLN L 55 -31.18 -29.46 -26.94
N SER L 56 -30.16 -28.79 -26.40
CA SER L 56 -28.85 -28.75 -27.02
C SER L 56 -28.19 -30.13 -26.89
N GLY L 57 -28.24 -30.91 -27.96
CA GLY L 57 -27.71 -32.25 -27.96
C GLY L 57 -28.64 -33.25 -28.61
N VAL L 58 -29.94 -33.00 -28.49
CA VAL L 58 -30.95 -33.84 -29.14
C VAL L 58 -30.90 -33.61 -30.65
N PRO L 59 -30.93 -34.66 -31.48
CA PRO L 59 -30.92 -34.45 -32.93
C PRO L 59 -32.18 -33.77 -33.44
N SER L 60 -32.08 -33.23 -34.66
CA SER L 60 -33.10 -32.37 -35.22
C SER L 60 -34.37 -33.09 -35.66
N ARG L 61 -34.37 -34.43 -35.65
CA ARG L 61 -35.54 -35.17 -36.10
C ARG L 61 -36.66 -35.25 -35.05
N PHE L 62 -36.43 -34.75 -33.84
CA PHE L 62 -37.46 -34.69 -32.82
C PHE L 62 -38.08 -33.29 -32.82
N SER L 63 -39.38 -33.23 -32.53
CA SER L 63 -40.06 -31.94 -32.41
C SER L 63 -41.27 -32.11 -31.50
N ALA L 64 -41.81 -30.98 -31.05
CA ALA L 64 -42.98 -30.99 -30.19
C ALA L 64 -43.75 -29.69 -30.37
N THR L 65 -45.08 -29.78 -30.27
CA THR L 65 -45.95 -28.62 -30.37
C THR L 65 -47.16 -28.81 -29.47
N GLY L 66 -47.97 -27.75 -29.35
CA GLY L 66 -49.19 -27.85 -28.58
C GLY L 66 -49.39 -26.70 -27.61
N SER L 67 -50.63 -26.55 -27.13
CA SER L 67 -50.98 -25.48 -26.20
C SER L 67 -52.23 -25.90 -25.43
N GLY L 68 -52.52 -25.11 -24.39
CA GLY L 68 -53.72 -25.30 -23.60
C GLY L 68 -53.74 -26.61 -22.84
N THR L 69 -54.58 -27.54 -23.30
CA THR L 69 -54.64 -28.88 -22.74
C THR L 69 -54.19 -29.95 -23.72
N HIS L 70 -53.79 -29.59 -24.93
CA HIS L 70 -53.45 -30.56 -25.95
C HIS L 70 -52.04 -30.33 -26.47
N PHE L 71 -51.20 -31.36 -26.39
CA PHE L 71 -49.84 -31.31 -26.87
C PHE L 71 -49.54 -32.57 -27.67
N THR L 72 -48.58 -32.48 -28.59
CA THR L 72 -48.07 -33.63 -29.32
C THR L 72 -46.55 -33.52 -29.44
N LEU L 73 -45.88 -34.67 -29.59
CA LEU L 73 -44.52 -34.64 -30.11
C LEU L 73 -44.47 -35.51 -31.36
N THR L 74 -43.55 -35.15 -32.25
CA THR L 74 -43.47 -35.68 -33.60
C THR L 74 -42.04 -36.09 -33.90
N VAL L 75 -41.86 -37.29 -34.43
CA VAL L 75 -40.57 -37.72 -34.97
C VAL L 75 -40.80 -38.33 -36.36
N SER L 76 -39.93 -37.96 -37.30
CA SER L 76 -40.13 -38.28 -38.72
C SER L 76 -39.47 -39.58 -39.13
N SER L 77 -38.24 -39.83 -38.68
CA SER L 77 -37.51 -41.04 -39.07
C SER L 77 -37.01 -41.74 -37.82
N LEU L 78 -37.43 -42.98 -37.63
CA LEU L 78 -36.99 -43.74 -36.46
C LEU L 78 -35.62 -44.33 -36.68
N GLN L 79 -34.76 -44.17 -35.68
CA GLN L 79 -33.41 -44.70 -35.64
C GLN L 79 -33.36 -45.78 -34.56
N PRO L 80 -32.40 -46.72 -34.64
CA PRO L 80 -32.35 -47.81 -33.65
C PRO L 80 -32.09 -47.38 -32.21
N GLU L 81 -31.58 -46.17 -31.97
CA GLU L 81 -31.38 -45.67 -30.62
C GLU L 81 -32.57 -44.88 -30.09
N ASP L 82 -33.70 -44.88 -30.79
CA ASP L 82 -34.84 -44.05 -30.40
C ASP L 82 -35.99 -44.82 -29.78
N PHE L 83 -36.00 -46.14 -29.83
CA PHE L 83 -37.08 -46.92 -29.24
C PHE L 83 -36.90 -46.98 -27.73
N ALA L 84 -37.72 -46.23 -27.01
CA ALA L 84 -37.67 -46.17 -25.55
C ALA L 84 -39.03 -45.70 -25.04
N THR L 85 -39.08 -45.34 -23.75
CA THR L 85 -40.29 -44.81 -23.15
C THR L 85 -40.23 -43.28 -23.17
N TYR L 86 -41.37 -42.65 -23.44
CA TYR L 86 -41.44 -41.20 -23.54
C TYR L 86 -42.42 -40.64 -22.52
N PHE L 87 -41.99 -39.60 -21.81
CA PHE L 87 -42.77 -38.99 -20.72
C PHE L 87 -42.94 -37.50 -20.96
N CYS L 88 -44.11 -36.98 -20.58
CA CYS L 88 -44.33 -35.54 -20.52
C CYS L 88 -44.67 -35.12 -19.10
N GLN L 89 -44.22 -33.93 -18.71
CA GLN L 89 -44.60 -33.37 -17.41
C GLN L 89 -45.07 -31.94 -17.59
N HIS L 90 -46.09 -31.58 -16.82
CA HIS L 90 -46.50 -30.21 -16.60
C HIS L 90 -45.77 -29.65 -15.37
N MET L 91 -45.61 -28.33 -15.36
CA MET L 91 -44.99 -27.67 -14.23
C MET L 91 -45.68 -26.36 -13.89
N SER L 92 -46.93 -26.19 -14.30
CA SER L 92 -47.63 -24.92 -14.11
C SER L 92 -48.04 -24.69 -12.66
N SER L 93 -48.43 -25.74 -11.94
CA SER L 93 -48.87 -25.58 -10.57
C SER L 93 -48.56 -26.85 -9.79
N TYR L 94 -48.52 -26.70 -8.46
CA TYR L 94 -48.23 -27.83 -7.59
C TYR L 94 -49.41 -28.79 -7.56
N PRO L 95 -49.16 -30.11 -7.47
CA PRO L 95 -47.86 -30.79 -7.53
C PRO L 95 -47.47 -31.16 -8.95
N LEU L 96 -46.18 -31.30 -9.19
CA LEU L 96 -45.69 -31.73 -10.49
C LEU L 96 -45.95 -33.22 -10.67
N THR L 97 -46.60 -33.59 -11.76
CA THR L 97 -46.90 -34.98 -12.06
C THR L 97 -46.34 -35.35 -13.43
N PHE L 98 -46.19 -36.65 -13.65
CA PHE L 98 -45.60 -37.18 -14.87
C PHE L 98 -46.66 -37.90 -15.71
N GLY L 99 -46.22 -38.38 -16.87
CA GLY L 99 -47.09 -39.13 -17.76
C GLY L 99 -47.15 -40.61 -17.42
N GLY L 100 -48.01 -41.31 -18.14
CA GLY L 100 -48.16 -42.74 -17.93
C GLY L 100 -47.08 -43.58 -18.58
N GLY L 101 -46.41 -43.06 -19.61
CA GLY L 101 -45.34 -43.79 -20.26
C GLY L 101 -45.81 -44.61 -21.44
N THR L 102 -45.30 -44.29 -22.63
CA THR L 102 -45.61 -45.02 -23.85
C THR L 102 -44.34 -45.75 -24.30
N LYS L 103 -44.45 -47.07 -24.45
CA LYS L 103 -43.33 -47.88 -24.91
C LYS L 103 -43.41 -48.02 -26.43
N VAL L 104 -42.35 -47.61 -27.11
CA VAL L 104 -42.25 -47.68 -28.57
C VAL L 104 -41.26 -48.78 -28.92
N GLU L 105 -41.70 -49.73 -29.73
CA GLU L 105 -40.85 -50.86 -30.11
C GLU L 105 -40.75 -50.98 -31.63
N LYS M 1 34.88 40.92 23.83
CA LYS M 1 36.07 41.30 23.06
C LYS M 1 37.31 40.60 23.59
N LYS M 2 37.77 39.58 22.86
CA LYS M 2 38.96 38.84 23.24
C LYS M 2 40.21 39.54 22.71
N VAL M 3 41.20 39.69 23.58
CA VAL M 3 42.48 40.30 23.23
C VAL M 3 43.58 39.34 23.66
N VAL M 4 44.42 38.94 22.71
CA VAL M 4 45.51 38.01 22.98
C VAL M 4 46.82 38.65 22.56
N LEU M 5 47.88 38.31 23.29
CA LEU M 5 49.23 38.81 23.04
C LEU M 5 50.13 37.63 22.68
N GLY M 6 50.84 37.76 21.58
CA GLY M 6 51.82 36.77 21.16
C GLY M 6 53.22 37.34 21.25
N LYS M 7 54.17 36.49 21.63
CA LYS M 7 55.56 36.90 21.65
C LYS M 7 56.18 36.73 20.26
N LYS M 8 57.29 37.43 20.04
CA LYS M 8 57.97 37.37 18.75
C LYS M 8 58.72 36.06 18.61
N GLY M 9 58.44 35.33 17.54
CA GLY M 9 59.11 34.08 17.28
C GLY M 9 58.48 32.84 17.87
N ASP M 10 57.21 32.89 18.24
CA ASP M 10 56.54 31.77 18.87
C ASP M 10 55.30 31.37 18.07
N THR M 11 54.56 30.40 18.60
CA THR M 11 53.36 29.87 17.97
C THR M 11 52.14 30.24 18.81
N VAL M 12 51.13 30.80 18.16
CA VAL M 12 49.88 31.19 18.81
C VAL M 12 48.72 30.49 18.14
N GLU M 13 47.84 29.93 18.96
CA GLU M 13 46.54 29.42 18.54
C GLU M 13 45.49 30.50 18.75
N LEU M 14 44.57 30.63 17.81
CA LEU M 14 43.57 31.68 17.88
C LEU M 14 42.21 31.10 17.45
N THR M 15 41.15 31.52 18.13
CA THR M 15 39.93 30.72 18.28
C THR M 15 38.68 31.49 17.84
N CYS M 16 37.82 30.82 17.06
CA CYS M 16 36.39 31.18 16.99
C CYS M 16 35.58 29.90 17.12
N THR M 17 34.54 29.93 17.92
CA THR M 17 33.75 28.74 18.25
C THR M 17 32.33 28.89 17.74
N ALA M 18 31.86 27.88 17.02
CA ALA M 18 30.49 27.86 16.53
C ALA M 18 29.55 27.29 17.59
N SER M 19 28.25 27.52 17.37
CA SER M 19 27.25 27.11 18.35
C SER M 19 26.96 25.62 18.32
N GLN M 20 27.02 24.99 17.14
CA GLN M 20 26.63 23.60 16.97
C GLN M 20 27.84 22.73 16.66
N LYS M 21 27.57 21.44 16.45
CA LYS M 21 28.60 20.43 16.20
C LYS M 21 28.35 19.85 14.81
N LYS M 22 28.89 20.52 13.79
CA LYS M 22 28.69 20.12 12.41
C LYS M 22 29.78 20.73 11.54
N SER M 23 30.16 20.00 10.49
CA SER M 23 31.04 20.55 9.46
C SER M 23 30.28 21.60 8.68
N ILE M 24 30.60 22.88 8.93
CA ILE M 24 29.85 24.01 8.39
C ILE M 24 30.82 24.93 7.67
N GLN M 25 30.29 26.06 7.21
CA GLN M 25 31.06 27.06 6.48
C GLN M 25 31.53 28.15 7.44
N PHE M 26 32.83 28.46 7.38
CA PHE M 26 33.40 29.52 8.20
C PHE M 26 34.37 30.32 7.34
N HIS M 27 34.72 31.51 7.82
CA HIS M 27 35.72 32.33 7.15
C HIS M 27 36.58 33.02 8.19
N TRP M 28 37.79 33.38 7.77
CA TRP M 28 38.75 34.06 8.62
C TRP M 28 39.36 35.21 7.82
N LYS M 29 39.17 36.43 8.32
CA LYS M 29 39.54 37.64 7.60
C LYS M 29 40.22 38.59 8.57
N ASN M 30 41.04 39.48 8.05
CA ASN M 30 41.66 40.52 8.86
C ASN M 30 40.77 41.77 8.81
N SER M 31 41.28 42.91 9.27
CA SER M 31 40.48 44.11 9.35
C SER M 31 40.34 44.85 8.03
N ASN M 32 41.39 44.86 7.20
CA ASN M 32 41.39 45.70 6.00
C ASN M 32 40.92 44.90 4.78
N GLN M 33 39.79 44.21 4.94
CA GLN M 33 39.02 43.51 3.90
C GLN M 33 39.84 42.52 3.07
N ILE M 34 40.87 41.91 3.64
CA ILE M 34 41.69 40.92 2.94
C ILE M 34 41.49 39.58 3.64
N LYS M 35 41.04 38.58 2.87
CA LYS M 35 40.77 37.26 3.42
C LYS M 35 42.05 36.58 3.87
N ILE M 36 41.98 35.87 5.01
CA ILE M 36 43.10 35.06 5.44
C ILE M 36 42.88 33.64 4.94
N LEU M 37 41.82 32.98 5.42
CA LEU M 37 41.53 31.61 4.97
C LEU M 37 40.09 31.24 5.32
N GLY M 38 39.54 30.31 4.55
CA GLY M 38 38.23 29.78 4.85
C GLY M 38 38.11 28.33 4.43
N ASN M 39 36.91 27.75 4.53
CA ASN M 39 36.68 26.41 4.02
C ASN M 39 35.77 26.48 2.79
N GLN M 40 35.70 25.36 2.09
CA GLN M 40 34.79 25.17 0.98
C GLN M 40 34.07 23.84 1.13
N GLY M 41 33.59 23.58 2.34
CA GLY M 41 32.95 22.32 2.65
C GLY M 41 33.93 21.32 3.22
N SER M 42 34.44 20.42 2.37
CA SER M 42 35.35 19.37 2.79
C SER M 42 36.82 19.72 2.53
N PHE M 43 37.11 20.98 2.20
CA PHE M 43 38.50 21.38 1.96
C PHE M 43 38.83 22.68 2.68
N LEU M 44 40.01 23.23 2.39
CA LEU M 44 40.45 24.51 2.93
C LEU M 44 40.95 25.37 1.78
N THR M 45 40.72 26.68 1.86
CA THR M 45 41.24 27.63 0.90
C THR M 45 41.83 28.81 1.65
N LYS M 46 42.78 29.50 1.01
CA LYS M 46 43.52 30.58 1.63
C LYS M 46 43.32 31.87 0.85
N GLY M 47 43.59 33.00 1.52
CA GLY M 47 43.32 34.30 0.95
C GLY M 47 44.50 34.91 0.24
N PRO M 48 44.36 36.19 -0.17
CA PRO M 48 45.45 36.85 -0.90
C PRO M 48 46.43 37.58 0.01
N SER M 49 46.36 37.32 1.31
CA SER M 49 47.14 38.07 2.28
C SER M 49 48.61 37.67 2.27
N LYS M 50 49.40 38.42 3.03
CA LYS M 50 50.81 38.09 3.22
C LYS M 50 50.98 36.84 4.08
N LEU M 51 49.96 36.50 4.87
CA LEU M 51 49.99 35.34 5.76
C LEU M 51 49.49 34.08 5.08
N ASN M 52 49.64 33.98 3.75
CA ASN M 52 49.09 32.86 3.00
C ASN M 52 49.84 31.56 3.29
N ASP M 53 51.16 31.58 3.28
CA ASP M 53 51.95 30.39 3.56
C ASP M 53 52.26 30.25 5.04
N ARG M 54 51.59 31.00 5.90
CA ARG M 54 51.93 31.06 7.31
C ARG M 54 50.81 30.63 8.24
N ALA M 55 49.57 30.59 7.76
CA ALA M 55 48.43 30.27 8.59
C ALA M 55 47.94 28.85 8.30
N ASP M 56 47.59 28.13 9.36
CA ASP M 56 47.19 26.74 9.26
C ASP M 56 45.96 26.57 10.13
N SER M 57 45.12 25.59 9.76
CA SER M 57 43.94 25.22 10.54
C SER M 57 43.85 23.71 10.62
N ARG M 58 43.33 23.22 11.75
CA ARG M 58 43.28 21.79 12.03
C ARG M 58 41.99 21.21 11.46
N ARG M 59 42.12 20.31 10.48
CA ARG M 59 40.95 19.73 9.84
C ARG M 59 40.21 18.74 10.72
N SER M 60 40.91 18.14 11.69
CA SER M 60 40.24 17.19 12.59
C SER M 60 39.32 17.91 13.56
N LEU M 61 39.70 19.10 14.00
CA LEU M 61 39.01 19.82 15.06
C LEU M 61 37.81 20.63 14.53
N TRP M 62 37.60 20.64 13.21
CA TRP M 62 36.47 21.35 12.62
C TRP M 62 35.13 20.73 13.00
N ASP M 63 35.08 19.41 13.17
CA ASP M 63 33.82 18.72 13.44
C ASP M 63 33.26 19.03 14.83
N GLN M 64 34.10 19.50 15.76
CA GLN M 64 33.64 19.78 17.11
C GLN M 64 32.81 21.05 17.18
N GLY M 65 33.12 22.03 16.34
CA GLY M 65 32.42 23.30 16.39
C GLY M 65 33.37 24.45 16.65
N ASN M 66 34.67 24.17 16.59
CA ASN M 66 35.72 25.15 16.78
C ASN M 66 36.62 25.14 15.56
N PHE M 67 37.06 26.33 15.15
CA PHE M 67 37.86 26.47 13.93
C PHE M 67 39.09 27.31 14.23
N PRO M 68 40.27 26.69 14.37
CA PRO M 68 41.43 27.41 14.88
C PRO M 68 42.21 28.11 13.79
N LEU M 69 43.19 28.91 14.23
CA LEU M 69 44.14 29.58 13.36
C LEU M 69 45.50 29.52 14.05
N ILE M 70 46.45 28.87 13.40
CA ILE M 70 47.78 28.62 13.96
C ILE M 70 48.77 29.56 13.27
N ILE M 71 49.43 30.41 14.05
CA ILE M 71 50.42 31.34 13.52
C ILE M 71 51.75 31.08 14.20
N LYS M 72 52.76 30.70 13.42
CA LYS M 72 54.10 30.47 13.90
C LYS M 72 54.99 31.65 13.51
N ASN M 73 55.99 31.94 14.37
CA ASN M 73 56.99 33.00 14.19
C ASN M 73 56.30 34.37 14.04
N LEU M 74 55.65 34.77 15.14
CA LEU M 74 54.86 35.99 15.17
C LEU M 74 55.76 37.23 15.03
N LYS M 75 55.26 38.22 14.29
CA LYS M 75 55.98 39.43 13.93
C LYS M 75 55.36 40.64 14.65
N ILE M 76 55.80 41.83 14.27
CA ILE M 76 55.22 43.06 14.80
C ILE M 76 54.05 43.55 13.95
N GLU M 77 54.16 43.42 12.63
CA GLU M 77 53.21 44.03 11.71
C GLU M 77 51.87 43.30 11.62
N ASP M 78 51.74 42.11 12.19
CA ASP M 78 50.50 41.35 12.10
C ASP M 78 49.57 41.57 13.29
N SER M 79 49.88 42.53 14.15
CA SER M 79 49.00 42.87 15.27
C SER M 79 47.75 43.56 14.74
N ASP M 80 46.63 42.85 14.73
CA ASP M 80 45.44 43.33 14.05
C ASP M 80 44.20 42.70 14.68
N THR M 81 43.05 43.23 14.29
CA THR M 81 41.76 42.69 14.71
C THR M 81 41.25 41.72 13.64
N TYR M 82 41.23 40.44 13.97
CA TYR M 82 40.80 39.39 13.07
C TYR M 82 39.35 39.02 13.35
N ILE M 83 38.59 38.81 12.26
CA ILE M 83 37.17 38.50 12.33
C ILE M 83 36.94 37.09 11.80
N CYS M 84 36.12 36.32 12.52
CA CYS M 84 35.69 34.99 12.10
C CYS M 84 34.23 35.05 11.73
N GLU M 85 33.91 34.62 10.52
CA GLU M 85 32.54 34.63 10.00
C GLU M 85 31.98 33.22 10.15
N VAL M 86 31.05 33.05 11.10
CA VAL M 86 30.33 31.79 11.31
C VAL M 86 28.82 32.07 11.31
N GLU M 87 28.22 31.87 10.14
CA GLU M 87 26.78 32.04 9.86
C GLU M 87 26.26 33.41 10.31
N ASP M 88 26.86 34.45 9.71
CA ASP M 88 26.52 35.87 9.94
C ASP M 88 26.63 36.26 11.41
N GLN M 89 27.68 35.76 12.08
CA GLN M 89 28.02 36.16 13.44
C GLN M 89 29.41 36.78 13.43
N LYS M 90 29.53 37.93 14.06
CA LYS M 90 30.78 38.70 14.06
C LYS M 90 31.53 38.39 15.35
N GLU M 91 32.48 37.46 15.27
CA GLU M 91 33.36 37.13 16.39
C GLU M 91 34.73 37.72 16.08
N GLU M 92 35.05 38.82 16.74
CA GLU M 92 36.28 39.57 16.50
C GLU M 92 37.25 39.35 17.66
N VAL M 93 38.54 39.40 17.35
CA VAL M 93 39.58 39.15 18.34
C VAL M 93 40.81 39.98 17.97
N GLN M 94 41.42 40.61 18.96
CA GLN M 94 42.62 41.42 18.75
C GLN M 94 43.85 40.57 19.03
N LEU M 95 44.81 40.60 18.10
CA LEU M 95 46.07 39.89 18.26
C LEU M 95 47.20 40.91 18.27
N LEU M 96 48.01 40.87 19.32
CA LEU M 96 49.13 41.80 19.44
C LEU M 96 50.42 41.18 18.91
N LYS N 1 -5.38 -49.25 27.12
CA LYS N 1 -4.32 -49.46 28.10
C LYS N 1 -3.13 -50.18 27.49
N LYS N 2 -1.94 -49.64 27.69
CA LYS N 2 -0.71 -50.21 27.17
C LYS N 2 0.11 -50.78 28.33
N VAL N 3 0.49 -52.04 28.23
CA VAL N 3 1.20 -52.75 29.30
C VAL N 3 2.55 -53.18 28.74
N VAL N 4 3.63 -52.68 29.36
CA VAL N 4 4.99 -53.02 28.98
C VAL N 4 5.72 -53.54 30.21
N LEU N 5 6.31 -54.72 30.12
CA LEU N 5 7.08 -55.29 31.20
C LEU N 5 8.58 -55.20 30.92
N GLY N 6 9.35 -55.30 31.99
CA GLY N 6 10.81 -55.24 31.87
C GLY N 6 11.46 -56.13 32.90
N LYS N 7 12.69 -56.54 32.59
CA LYS N 7 13.45 -57.39 33.47
C LYS N 7 14.10 -56.58 34.59
N LYS N 8 14.47 -57.27 35.66
CA LYS N 8 15.11 -56.61 36.80
C LYS N 8 16.53 -56.22 36.44
N GLY N 9 16.90 -54.98 36.78
CA GLY N 9 18.20 -54.47 36.42
C GLY N 9 18.38 -54.12 34.96
N ASP N 10 17.28 -53.92 34.24
CA ASP N 10 17.30 -53.63 32.82
C ASP N 10 16.83 -52.20 32.56
N THR N 11 17.26 -51.65 31.42
CA THR N 11 16.86 -50.32 31.01
C THR N 11 15.60 -50.41 30.16
N VAL N 12 14.54 -49.74 30.61
CA VAL N 12 13.24 -49.82 29.96
C VAL N 12 12.90 -48.45 29.35
N GLU N 13 12.21 -48.49 28.22
CA GLU N 13 11.85 -47.32 27.43
C GLU N 13 10.34 -47.13 27.47
N LEU N 14 9.91 -45.90 27.73
CA LEU N 14 8.50 -45.55 27.79
C LEU N 14 8.19 -44.49 26.75
N THR N 15 7.08 -44.65 26.04
CA THR N 15 6.74 -43.81 24.90
C THR N 15 5.54 -42.93 25.20
N CYS N 16 5.59 -41.68 24.71
CA CYS N 16 4.45 -40.77 24.75
C CYS N 16 4.51 -39.93 23.48
N THR N 17 3.43 -39.92 22.72
CA THR N 17 3.39 -39.27 21.41
C THR N 17 2.42 -38.08 21.45
N ALA N 18 2.89 -36.93 21.01
CA ALA N 18 2.06 -35.74 20.91
C ALA N 18 1.23 -35.77 19.64
N SER N 19 0.34 -34.80 19.49
CA SER N 19 -0.55 -34.76 18.33
C SER N 19 0.16 -34.27 17.08
N GLN N 20 1.11 -33.35 17.21
CA GLN N 20 1.76 -32.73 16.07
C GLN N 20 3.27 -32.67 16.30
N LYS N 21 4.00 -32.46 15.20
CA LYS N 21 5.46 -32.35 15.24
C LYS N 21 5.82 -30.97 15.77
N LYS N 22 5.84 -30.86 17.09
CA LYS N 22 6.06 -29.59 17.76
C LYS N 22 6.62 -29.84 19.15
N SER N 23 7.32 -28.84 19.69
CA SER N 23 7.82 -28.89 21.05
C SER N 23 6.79 -28.27 21.97
N ILE N 24 6.11 -29.10 22.76
CA ILE N 24 5.04 -28.67 23.63
C ILE N 24 5.32 -29.20 25.04
N GLN N 25 4.88 -28.47 26.05
CA GLN N 25 5.15 -28.82 27.44
C GLN N 25 4.42 -30.11 27.83
N PHE N 26 5.15 -31.04 28.44
CA PHE N 26 4.60 -32.32 28.87
C PHE N 26 4.92 -32.57 30.33
N HIS N 27 4.20 -33.52 30.92
CA HIS N 27 4.51 -33.94 32.28
C HIS N 27 4.20 -35.42 32.45
N TRP N 28 4.76 -36.00 33.50
CA TRP N 28 4.63 -37.42 33.81
C TRP N 28 4.30 -37.58 35.29
N LYS N 29 3.18 -38.22 35.58
CA LYS N 29 2.73 -38.47 36.95
C LYS N 29 2.52 -39.98 37.14
N ASN N 30 2.09 -40.34 38.36
CA ASN N 30 1.83 -41.73 38.70
C ASN N 30 0.58 -41.85 39.56
N SER N 31 0.36 -43.02 40.16
CA SER N 31 -0.78 -43.21 41.06
C SER N 31 -0.66 -42.42 42.36
N ASN N 32 0.54 -41.99 42.73
CA ASN N 32 0.79 -41.20 43.92
C ASN N 32 0.86 -39.73 43.52
N GLN N 33 0.49 -39.44 42.26
CA GLN N 33 0.39 -38.15 41.58
C GLN N 33 1.63 -37.26 41.69
N ILE N 34 2.79 -37.88 41.91
CA ILE N 34 4.03 -37.13 42.07
C ILE N 34 4.70 -36.98 40.71
N LYS N 35 5.34 -35.85 40.49
CA LYS N 35 6.03 -35.58 39.23
C LYS N 35 7.31 -36.40 39.14
N ILE N 36 7.54 -36.98 37.97
CA ILE N 36 8.75 -37.79 37.75
C ILE N 36 9.74 -36.97 36.93
N LEU N 37 9.34 -36.60 35.71
CA LEU N 37 10.22 -35.88 34.81
C LEU N 37 9.36 -35.12 33.82
N GLY N 38 9.67 -33.84 33.63
CA GLY N 38 8.93 -33.02 32.68
C GLY N 38 9.82 -32.00 32.02
N ASN N 39 9.21 -31.14 31.21
CA ASN N 39 9.96 -30.09 30.52
C ASN N 39 9.38 -28.73 30.90
N GLN N 40 10.16 -27.70 30.60
CA GLN N 40 9.72 -26.32 30.75
C GLN N 40 9.91 -25.65 29.40
N GLY N 41 9.41 -26.30 28.35
CA GLY N 41 9.84 -26.00 27.00
C GLY N 41 10.77 -27.10 26.51
N SER N 42 12.08 -26.84 26.53
CA SER N 42 13.07 -27.87 26.21
C SER N 42 14.17 -27.91 27.26
N PHE N 43 13.78 -27.90 28.54
CA PHE N 43 14.70 -28.06 29.66
C PHE N 43 14.21 -29.19 30.54
N LEU N 44 15.10 -30.14 30.86
CA LEU N 44 14.71 -31.26 31.71
C LEU N 44 14.49 -30.78 33.14
N THR N 45 13.38 -31.20 33.75
CA THR N 45 13.06 -30.85 35.13
C THR N 45 12.66 -32.12 35.85
N LYS N 46 13.37 -32.45 36.92
CA LYS N 46 13.19 -33.70 37.64
C LYS N 46 12.34 -33.48 38.88
N GLY N 47 11.49 -34.46 39.18
CA GLY N 47 10.56 -34.36 40.28
C GLY N 47 11.08 -34.93 41.58
N PRO N 48 10.24 -34.94 42.61
CA PRO N 48 10.67 -35.45 43.93
C PRO N 48 10.48 -36.95 44.11
N SER N 49 10.32 -37.69 43.01
CA SER N 49 10.02 -39.12 43.08
C SER N 49 11.23 -39.90 43.58
N LYS N 50 10.96 -41.12 44.07
CA LYS N 50 12.00 -41.96 44.65
C LYS N 50 12.94 -42.55 43.60
N LEU N 51 12.50 -42.62 42.34
CA LEU N 51 13.31 -43.12 41.25
C LEU N 51 14.05 -42.01 40.49
N ASN N 52 14.39 -40.92 41.17
CA ASN N 52 14.89 -39.71 40.54
C ASN N 52 16.26 -39.91 39.86
N ASP N 53 17.17 -40.60 40.54
CA ASP N 53 18.52 -40.78 39.99
C ASP N 53 18.56 -41.73 38.80
N ARG N 54 17.49 -42.50 38.56
CA ARG N 54 17.42 -43.43 37.45
C ARG N 54 16.43 -42.98 36.38
N ALA N 55 16.10 -41.69 36.34
CA ALA N 55 15.14 -41.14 35.40
C ALA N 55 15.86 -40.32 34.34
N ASP N 56 15.52 -40.55 33.08
CA ASP N 56 16.14 -39.84 31.97
C ASP N 56 15.19 -39.84 30.80
N SER N 57 15.29 -38.79 29.98
CA SER N 57 14.58 -38.69 28.71
C SER N 57 15.53 -38.18 27.65
N ARG N 58 15.52 -38.82 26.48
CA ARG N 58 16.35 -38.37 25.38
C ARG N 58 15.77 -37.10 24.79
N ARG N 59 16.63 -36.18 24.40
CA ARG N 59 16.22 -34.83 24.07
C ARG N 59 15.93 -34.61 22.59
N SER N 60 16.49 -35.45 21.72
CA SER N 60 16.41 -35.21 20.28
C SER N 60 15.04 -35.48 19.68
N LEU N 61 14.15 -36.18 20.41
CA LEU N 61 12.83 -36.48 19.89
C LEU N 61 11.77 -35.48 20.32
N TRP N 62 12.14 -34.41 21.02
CA TRP N 62 11.15 -33.45 21.48
C TRP N 62 10.61 -32.57 20.36
N ASP N 63 11.32 -32.47 19.24
CA ASP N 63 10.76 -31.79 18.07
C ASP N 63 9.71 -32.64 17.37
N GLN N 64 9.89 -33.96 17.36
CA GLN N 64 9.00 -34.88 16.67
C GLN N 64 7.72 -35.18 17.45
N GLY N 65 7.62 -34.72 18.69
CA GLY N 65 6.47 -35.03 19.52
C GLY N 65 6.54 -36.34 20.26
N ASN N 66 7.65 -37.06 20.15
CA ASN N 66 7.86 -38.29 20.90
C ASN N 66 8.57 -37.95 22.20
N PHE N 67 7.92 -38.24 23.33
CA PHE N 67 8.24 -37.70 24.65
C PHE N 67 8.53 -38.86 25.58
N PRO N 68 9.75 -39.43 25.54
CA PRO N 68 9.98 -40.73 26.18
C PRO N 68 10.48 -40.67 27.61
N LEU N 69 10.65 -41.84 28.22
CA LEU N 69 11.34 -42.01 29.49
C LEU N 69 12.32 -43.17 29.39
N ILE N 70 13.49 -43.00 30.01
CA ILE N 70 14.52 -44.03 30.07
C ILE N 70 14.74 -44.35 31.53
N ILE N 71 14.46 -45.59 31.93
CA ILE N 71 14.65 -46.01 33.32
C ILE N 71 15.68 -47.13 33.35
N LYS N 72 16.86 -46.84 33.88
CA LYS N 72 17.92 -47.83 34.00
C LYS N 72 17.89 -48.45 35.39
N ASN N 73 18.43 -49.69 35.47
CA ASN N 73 18.59 -50.47 36.70
C ASN N 73 17.25 -50.71 37.39
N LEU N 74 16.40 -51.47 36.70
CA LEU N 74 15.03 -51.68 37.15
C LEU N 74 14.96 -52.53 38.41
N LYS N 75 13.96 -52.25 39.24
CA LYS N 75 13.70 -52.93 40.49
C LYS N 75 12.31 -53.58 40.41
N ILE N 76 11.81 -54.06 41.54
CA ILE N 76 10.52 -54.75 41.58
C ILE N 76 9.39 -53.77 41.88
N GLU N 77 9.57 -52.91 42.89
CA GLU N 77 8.49 -52.11 43.43
C GLU N 77 8.08 -50.92 42.57
N ASP N 78 8.81 -50.63 41.50
CA ASP N 78 8.46 -49.49 40.65
C ASP N 78 7.45 -49.85 39.56
N SER N 79 6.91 -51.06 39.58
CA SER N 79 5.90 -51.47 38.60
C SER N 79 4.56 -50.83 38.93
N ASP N 80 4.38 -49.58 38.50
CA ASP N 80 3.15 -48.83 38.73
C ASP N 80 2.77 -48.14 37.44
N THR N 81 1.47 -47.91 37.26
CA THR N 81 1.00 -47.23 36.06
C THR N 81 1.43 -45.75 36.07
N TYR N 82 1.77 -45.26 34.88
CA TYR N 82 2.32 -43.93 34.69
C TYR N 82 1.43 -43.15 33.73
N ILE N 83 1.22 -41.87 34.03
CA ILE N 83 0.28 -41.03 33.31
C ILE N 83 1.08 -39.94 32.59
N CYS N 84 0.91 -39.86 31.28
CA CYS N 84 1.49 -38.82 30.46
C CYS N 84 0.46 -37.73 30.23
N GLU N 85 0.87 -36.47 30.50
CA GLU N 85 0.03 -35.29 30.31
C GLU N 85 0.64 -34.46 29.20
N VAL N 86 0.02 -34.49 28.02
CA VAL N 86 0.38 -33.65 26.88
C VAL N 86 -0.91 -33.01 26.38
N GLU N 87 -1.04 -31.69 26.60
CA GLU N 87 -2.15 -30.87 26.11
C GLU N 87 -3.51 -31.37 26.60
N ASP N 88 -3.61 -31.55 27.93
CA ASP N 88 -4.82 -32.00 28.64
C ASP N 88 -5.33 -33.34 28.12
N GLN N 89 -4.41 -34.25 27.83
CA GLN N 89 -4.73 -35.61 27.40
C GLN N 89 -4.04 -36.60 28.32
N LYS N 90 -4.82 -37.52 28.88
CA LYS N 90 -4.30 -38.54 29.79
C LYS N 90 -3.88 -39.77 28.99
N GLU N 91 -2.61 -40.17 29.12
CA GLU N 91 -2.14 -41.40 28.51
C GLU N 91 -1.59 -42.32 29.60
N GLU N 92 -2.29 -43.40 29.87
CA GLU N 92 -1.90 -44.34 30.93
C GLU N 92 -1.12 -45.51 30.32
N VAL N 93 0.02 -45.83 30.93
CA VAL N 93 0.86 -46.95 30.50
C VAL N 93 1.23 -47.76 31.74
N GLN N 94 1.28 -49.08 31.59
CA GLN N 94 1.55 -49.97 32.72
C GLN N 94 2.98 -50.50 32.63
N LEU N 95 3.74 -50.30 33.69
CA LEU N 95 5.11 -50.82 33.76
C LEU N 95 5.17 -52.05 34.65
N LYS O 1 22.50 -9.37 -48.73
CA LYS O 1 23.02 -10.64 -49.20
C LYS O 1 24.50 -10.72 -48.87
N LYS O 2 24.83 -11.45 -47.81
CA LYS O 2 26.21 -11.59 -47.37
C LYS O 2 26.86 -12.80 -48.04
N VAL O 3 28.11 -12.63 -48.47
CA VAL O 3 28.87 -13.69 -49.10
C VAL O 3 30.18 -13.90 -48.32
N VAL O 4 30.71 -15.12 -48.43
CA VAL O 4 31.97 -15.45 -47.79
C VAL O 4 32.66 -16.53 -48.63
N LEU O 5 33.98 -16.37 -48.79
CA LEU O 5 34.80 -17.22 -49.61
C LEU O 5 35.61 -18.15 -48.70
N GLY O 6 35.54 -19.44 -48.98
CA GLY O 6 36.23 -20.43 -48.16
C GLY O 6 37.19 -21.27 -48.98
N LYS O 7 38.32 -21.61 -48.37
CA LYS O 7 39.30 -22.51 -48.96
C LYS O 7 38.91 -23.96 -48.67
N LYS O 8 39.83 -24.89 -48.86
CA LYS O 8 39.59 -26.29 -48.53
C LYS O 8 40.56 -26.72 -47.45
N GLY O 9 40.08 -26.75 -46.20
CA GLY O 9 40.91 -27.21 -45.10
C GLY O 9 40.96 -26.28 -43.90
N ASP O 10 40.34 -25.12 -44.00
CA ASP O 10 40.36 -24.11 -42.96
C ASP O 10 39.00 -23.99 -42.29
N THR O 11 38.92 -23.09 -41.31
CA THR O 11 37.70 -22.84 -40.54
C THR O 11 37.13 -21.48 -40.92
N VAL O 12 35.82 -21.42 -41.09
CA VAL O 12 35.12 -20.20 -41.50
C VAL O 12 34.10 -19.82 -40.45
N GLU O 13 34.14 -18.55 -40.04
CA GLU O 13 33.11 -17.90 -39.26
C GLU O 13 31.89 -17.59 -40.12
N LEU O 14 30.71 -17.87 -39.59
CA LEU O 14 29.45 -17.37 -40.12
C LEU O 14 28.73 -16.63 -39.00
N THR O 15 28.21 -15.45 -39.30
CA THR O 15 27.62 -14.58 -38.29
C THR O 15 26.11 -14.50 -38.47
N CYS O 16 25.39 -14.44 -37.35
CA CYS O 16 24.00 -14.02 -37.31
C CYS O 16 23.89 -12.96 -36.23
N THR O 17 23.09 -11.93 -36.48
CA THR O 17 22.98 -10.86 -35.51
C THR O 17 21.53 -10.65 -35.10
N ALA O 18 21.36 -10.11 -33.90
CA ALA O 18 20.06 -9.76 -33.35
C ALA O 18 20.03 -8.26 -33.06
N SER O 19 18.82 -7.74 -32.90
CA SER O 19 18.63 -6.32 -32.64
C SER O 19 18.77 -5.97 -31.15
N GLN O 20 19.02 -6.96 -30.30
CA GLN O 20 19.12 -6.71 -28.87
C GLN O 20 20.16 -7.66 -28.27
N LYS O 21 20.69 -7.26 -27.12
CA LYS O 21 21.67 -8.07 -26.39
C LYS O 21 20.94 -9.04 -25.47
N LYS O 22 20.37 -10.08 -26.08
CA LYS O 22 19.59 -11.06 -25.35
C LYS O 22 19.77 -12.42 -26.01
N SER O 23 19.95 -13.45 -25.18
CA SER O 23 20.10 -14.82 -25.68
C SER O 23 18.72 -15.42 -25.89
N ILE O 24 18.34 -15.60 -27.15
CA ILE O 24 17.03 -16.07 -27.53
C ILE O 24 17.18 -17.35 -28.36
N GLN O 25 16.05 -17.88 -28.81
CA GLN O 25 16.04 -19.07 -29.66
C GLN O 25 16.45 -18.69 -31.07
N PHE O 26 17.44 -19.41 -31.61
CA PHE O 26 17.85 -19.26 -33.00
C PHE O 26 17.94 -20.63 -33.64
N HIS O 27 18.03 -20.62 -34.97
CA HIS O 27 18.19 -21.86 -35.71
C HIS O 27 19.05 -21.61 -36.95
N TRP O 28 19.63 -22.69 -37.46
CA TRP O 28 20.58 -22.67 -38.57
C TRP O 28 20.27 -23.85 -39.47
N LYS O 29 19.74 -23.57 -40.66
CA LYS O 29 19.43 -24.60 -41.65
C LYS O 29 20.11 -24.28 -42.97
N ASN O 30 20.05 -25.23 -43.90
CA ASN O 30 20.59 -25.05 -45.24
C ASN O 30 19.47 -24.64 -46.21
N SER O 31 19.81 -24.55 -47.50
CA SER O 31 18.83 -24.14 -48.50
C SER O 31 17.79 -25.22 -48.78
N ASN O 32 18.08 -26.48 -48.45
CA ASN O 32 17.11 -27.56 -48.59
C ASN O 32 16.31 -27.77 -47.31
N GLN O 33 16.33 -26.80 -46.39
CA GLN O 33 15.56 -26.76 -45.14
C GLN O 33 15.86 -27.92 -44.21
N ILE O 34 17.05 -28.51 -44.31
CA ILE O 34 17.51 -29.48 -43.33
C ILE O 34 18.25 -28.72 -42.25
N LYS O 35 17.83 -28.89 -41.00
CA LYS O 35 18.40 -28.14 -39.90
C LYS O 35 19.82 -28.59 -39.60
N ILE O 36 20.70 -27.62 -39.36
CA ILE O 36 22.10 -27.88 -39.03
C ILE O 36 22.35 -27.71 -37.54
N LEU O 37 21.88 -26.61 -36.97
CA LEU O 37 22.20 -26.31 -35.58
C LEU O 37 21.10 -25.47 -34.94
N GLY O 38 21.02 -25.53 -33.62
CA GLY O 38 20.07 -24.72 -32.88
C GLY O 38 20.42 -24.68 -31.40
N ASN O 39 19.68 -23.85 -30.68
CA ASN O 39 19.82 -23.71 -29.24
C ASN O 39 18.50 -24.05 -28.56
N GLN O 40 18.61 -24.46 -27.29
CA GLN O 40 17.48 -24.85 -26.48
C GLN O 40 17.56 -24.16 -25.12
N GLY O 41 17.72 -22.84 -25.15
CA GLY O 41 17.92 -22.08 -23.93
C GLY O 41 19.38 -21.85 -23.66
N SER O 42 19.97 -22.68 -22.80
CA SER O 42 21.40 -22.65 -22.54
C SER O 42 22.10 -23.91 -23.05
N PHE O 43 21.42 -24.70 -23.88
CA PHE O 43 21.97 -25.95 -24.39
C PHE O 43 22.08 -25.86 -25.91
N LEU O 44 23.09 -26.53 -26.45
CA LEU O 44 23.40 -26.48 -27.88
C LEU O 44 23.06 -27.81 -28.51
N THR O 45 22.25 -27.79 -29.57
CA THR O 45 21.84 -29.02 -30.25
C THR O 45 22.16 -28.93 -31.74
N LYS O 46 22.37 -30.08 -32.35
CA LYS O 46 22.75 -30.18 -33.75
C LYS O 46 21.69 -30.94 -34.52
N GLY O 47 21.57 -30.62 -35.81
CA GLY O 47 20.56 -31.23 -36.64
C GLY O 47 21.00 -32.57 -37.19
N PRO O 48 20.11 -33.19 -37.97
CA PRO O 48 20.41 -34.48 -38.58
C PRO O 48 21.22 -34.42 -39.87
N SER O 49 21.83 -33.28 -40.19
CA SER O 49 22.53 -33.12 -41.45
C SER O 49 23.90 -33.81 -41.39
N LYS O 50 24.62 -33.74 -42.51
CA LYS O 50 25.95 -34.32 -42.61
C LYS O 50 27.02 -33.44 -41.97
N LEU O 51 26.67 -32.22 -41.55
CA LEU O 51 27.60 -31.30 -40.89
C LEU O 51 27.57 -31.43 -39.37
N ASN O 52 27.16 -32.59 -38.85
CA ASN O 52 27.03 -32.75 -37.40
C ASN O 52 28.39 -32.82 -36.72
N ASP O 53 29.37 -33.42 -37.38
CA ASP O 53 30.69 -33.61 -36.81
C ASP O 53 31.62 -32.42 -37.03
N ARG O 54 31.15 -31.38 -37.71
CA ARG O 54 32.00 -30.24 -38.05
C ARG O 54 31.45 -28.89 -37.64
N ALA O 55 30.16 -28.78 -37.31
CA ALA O 55 29.56 -27.52 -36.93
C ALA O 55 29.73 -27.27 -35.43
N ASP O 56 29.95 -26.01 -35.07
CA ASP O 56 30.16 -25.62 -33.69
C ASP O 56 29.77 -24.14 -33.60
N SER O 57 29.51 -23.68 -32.38
CA SER O 57 29.23 -22.26 -32.13
C SER O 57 29.83 -21.85 -30.79
N ARG O 58 30.30 -20.62 -30.73
CA ARG O 58 30.83 -20.07 -29.49
C ARG O 58 29.70 -19.84 -28.50
N ARG O 59 29.92 -20.20 -27.24
CA ARG O 59 28.86 -20.11 -26.25
C ARG O 59 28.76 -18.71 -25.67
N SER O 60 29.89 -18.14 -25.21
CA SER O 60 29.89 -16.90 -24.45
C SER O 60 29.54 -15.67 -25.28
N LEU O 61 29.51 -15.77 -26.61
CA LEU O 61 29.14 -14.65 -27.46
C LEU O 61 27.64 -14.40 -27.48
N TRP O 62 26.83 -15.40 -27.05
CA TRP O 62 25.38 -15.37 -27.19
C TRP O 62 24.72 -14.27 -26.36
N ASP O 63 25.39 -13.77 -25.33
CA ASP O 63 24.84 -12.66 -24.55
C ASP O 63 24.88 -11.33 -25.30
N GLN O 64 25.73 -11.21 -26.32
CA GLN O 64 25.86 -9.97 -27.07
C GLN O 64 24.95 -9.90 -28.28
N GLY O 65 24.09 -10.90 -28.46
CA GLY O 65 23.20 -10.92 -29.60
C GLY O 65 23.81 -11.41 -30.90
N ASN O 66 25.09 -11.75 -30.89
CA ASN O 66 25.76 -12.33 -32.05
C ASN O 66 25.79 -13.84 -31.90
N PHE O 67 25.20 -14.54 -32.85
CA PHE O 67 25.15 -16.00 -32.81
C PHE O 67 26.06 -16.53 -33.91
N PRO O 68 27.15 -17.22 -33.56
CA PRO O 68 28.12 -17.64 -34.56
C PRO O 68 27.85 -19.04 -35.08
N LEU O 69 28.61 -19.39 -36.12
CA LEU O 69 28.57 -20.73 -36.70
C LEU O 69 29.94 -20.96 -37.33
N ILE O 70 30.82 -21.66 -36.63
CA ILE O 70 32.17 -21.94 -37.13
C ILE O 70 32.15 -23.31 -37.79
N ILE O 71 32.81 -23.42 -38.94
CA ILE O 71 32.91 -24.69 -39.64
C ILE O 71 34.38 -24.98 -39.92
N LYS O 72 34.86 -26.11 -39.44
CA LYS O 72 36.20 -26.60 -39.74
C LYS O 72 36.12 -27.73 -40.76
N ASN O 73 37.28 -27.98 -41.40
CA ASN O 73 37.48 -29.06 -42.38
C ASN O 73 36.50 -28.94 -43.56
N LEU O 74 36.67 -27.86 -44.32
CA LEU O 74 35.77 -27.56 -45.43
C LEU O 74 35.96 -28.53 -46.59
N LYS O 75 34.87 -28.80 -47.30
CA LYS O 75 34.86 -29.55 -48.54
C LYS O 75 34.15 -28.73 -49.61
N ILE O 76 34.19 -29.25 -50.85
CA ILE O 76 33.61 -28.53 -51.97
C ILE O 76 32.08 -28.63 -51.99
N GLU O 77 31.50 -29.62 -51.31
CA GLU O 77 30.06 -29.81 -51.31
C GLU O 77 29.36 -29.02 -50.20
N ASP O 78 30.11 -28.28 -49.40
CA ASP O 78 29.54 -27.45 -48.34
C ASP O 78 29.24 -26.02 -48.80
N SER O 79 29.51 -25.70 -50.06
CA SER O 79 29.22 -24.37 -50.59
C SER O 79 27.71 -24.22 -50.77
N ASP O 80 27.09 -23.37 -49.95
CA ASP O 80 25.64 -23.32 -49.89
C ASP O 80 25.24 -21.98 -49.30
N THR O 81 23.97 -21.61 -49.49
CA THR O 81 23.38 -20.48 -48.79
C THR O 81 22.68 -20.98 -47.53
N TYR O 82 23.20 -20.60 -46.37
CA TYR O 82 22.67 -21.02 -45.09
C TYR O 82 21.74 -19.95 -44.53
N ILE O 83 20.66 -20.39 -43.90
CA ILE O 83 19.62 -19.50 -43.39
C ILE O 83 19.59 -19.59 -41.88
N CYS O 84 19.67 -18.42 -41.24
CA CYS O 84 19.58 -18.25 -39.80
C CYS O 84 18.20 -17.74 -39.45
N GLU O 85 17.55 -18.42 -38.50
CA GLU O 85 16.24 -18.06 -37.97
C GLU O 85 16.44 -17.38 -36.62
N VAL O 86 16.20 -16.06 -36.58
CA VAL O 86 16.11 -15.29 -35.34
C VAL O 86 14.86 -14.41 -35.42
N GLU O 87 14.12 -14.34 -34.29
CA GLU O 87 12.95 -13.47 -34.03
C GLU O 87 11.98 -13.34 -35.20
N ASP O 88 11.69 -14.49 -35.83
CA ASP O 88 10.87 -14.60 -37.05
C ASP O 88 11.42 -13.74 -38.18
N GLN O 89 12.70 -13.96 -38.51
CA GLN O 89 13.36 -13.26 -39.60
C GLN O 89 14.42 -14.18 -40.19
N LYS O 90 14.52 -14.19 -41.51
CA LYS O 90 15.49 -15.00 -42.23
C LYS O 90 16.73 -14.17 -42.53
N GLU O 91 17.91 -14.71 -42.22
CA GLU O 91 19.16 -14.17 -42.71
C GLU O 91 19.83 -15.20 -43.61
N GLU O 92 20.18 -14.80 -44.82
CA GLU O 92 20.84 -15.71 -45.76
C GLU O 92 22.31 -15.33 -45.89
N VAL O 93 23.18 -16.34 -45.86
CA VAL O 93 24.61 -16.15 -46.02
C VAL O 93 25.11 -17.17 -47.03
N GLN O 94 25.69 -16.69 -48.13
CA GLN O 94 26.25 -17.57 -49.16
C GLN O 94 27.71 -17.87 -48.81
N LEU O 95 28.06 -19.15 -48.81
CA LEU O 95 29.41 -19.60 -48.50
C LEU O 95 29.94 -20.46 -49.64
N LEU O 96 31.14 -20.15 -50.10
CA LEU O 96 31.79 -21.02 -51.07
C LEU O 96 32.65 -22.05 -50.35
C1 NAG P . -4.00 37.49 -16.27
C2 NAG P . -4.59 38.89 -16.27
C3 NAG P . -6.12 38.84 -16.35
C4 NAG P . -6.60 37.94 -17.48
C5 NAG P . -5.88 36.58 -17.46
C6 NAG P . -6.16 35.73 -18.66
C7 NAG P . -4.36 39.46 -13.83
C8 NAG P . -3.77 40.49 -12.89
N2 NAG P . -4.15 39.71 -15.14
O3 NAG P . -6.62 40.16 -16.55
O4 NAG P . -7.99 37.70 -17.31
O5 NAG P . -4.45 36.77 -17.41
O6 NAG P . -5.78 34.37 -18.46
O7 NAG P . -4.98 38.50 -13.41
C1 NAG P . -8.79 38.35 -18.32
C2 NAG P . -10.20 37.74 -18.27
C3 NAG P . -11.11 38.40 -19.29
C4 NAG P . -11.09 39.93 -19.13
C5 NAG P . -9.66 40.44 -19.15
C6 NAG P . -9.54 41.92 -18.90
C7 NAG P . -10.94 35.45 -17.79
C8 NAG P . -10.77 33.99 -18.12
N2 NAG P . -10.17 36.30 -18.47
O3 NAG P . -12.42 37.88 -19.14
O4 NAG P . -11.80 40.57 -20.19
O5 NAG P . -8.87 39.78 -18.15
O6 NAG P . -8.33 42.44 -19.43
O7 NAG P . -11.74 35.83 -16.93
C1 BMA P . -13.14 40.96 -19.82
C2 BMA P . -13.47 42.31 -20.52
C3 BMA P . -15.00 42.54 -20.72
C4 BMA P . -15.77 41.23 -21.07
C5 BMA P . -15.42 40.17 -20.04
C6 BMA P . -16.17 38.87 -20.28
O2 BMA P . -12.89 42.37 -21.81
O3 BMA P . -15.21 43.54 -21.73
O4 BMA P . -17.17 41.42 -21.08
O5 BMA P . -14.03 39.89 -20.16
O6 BMA P . -17.56 39.11 -20.06
C1 MAN P . -16.21 44.52 -21.33
C2 MAN P . -16.47 45.47 -22.56
C3 MAN P . -15.41 46.58 -22.65
C4 MAN P . -15.26 47.30 -21.30
C5 MAN P . -14.80 46.28 -20.26
C6 MAN P . -14.62 46.91 -18.88
O2 MAN P . -17.73 46.13 -22.45
O3 MAN P . -15.72 47.51 -23.67
O4 MAN P . -14.28 48.33 -21.43
O5 MAN P . -15.80 45.25 -20.13
O6 MAN P . -14.12 48.22 -19.04
C1 MAN P . -18.06 38.11 -19.16
C2 MAN P . -19.62 38.06 -19.29
C3 MAN P . -20.26 39.27 -18.60
C4 MAN P . -19.73 39.47 -17.17
C5 MAN P . -18.20 39.59 -17.20
C6 MAN P . -17.59 39.73 -15.84
O2 MAN P . -20.16 36.91 -18.63
O3 MAN P . -21.68 39.19 -18.59
O4 MAN P . -20.28 40.65 -16.60
O5 MAN P . -17.65 38.38 -17.80
O6 MAN P . -18.33 40.71 -15.11
C1 NAG Q . -22.87 3.61 35.16
C2 NAG Q . -22.92 4.86 36.03
C3 NAG Q . -24.25 4.94 36.78
C4 NAG Q . -25.42 4.83 35.82
C5 NAG Q . -25.29 3.54 34.99
C6 NAG Q . -26.36 3.38 33.94
C7 NAG Q . -20.76 5.72 36.87
C8 NAG Q . -20.76 6.68 35.71
N2 NAG Q . -21.80 4.89 36.96
O3 NAG Q . -24.30 6.17 37.49
O4 NAG Q . -26.65 4.83 36.53
O5 NAG Q . -24.03 3.56 34.30
O6 NAG Q . -26.57 4.58 33.22
O7 NAG Q . -19.85 5.70 37.69
C1 NAG Q . -27.43 6.02 36.28
C2 NAG Q . -27.51 6.86 37.55
C3 NAG Q . -28.30 8.14 37.30
C4 NAG Q . -27.71 8.91 36.12
C5 NAG Q . -27.64 8.02 34.89
C6 NAG Q . -26.94 8.68 33.72
C7 NAG Q . -27.37 5.44 39.54
C8 NAG Q . -28.14 4.70 40.60
N2 NAG Q . -28.10 6.09 38.64
O3 NAG Q . -28.26 8.95 38.47
O4 NAG Q . -28.47 10.09 35.83
O5 NAG Q . -26.88 6.84 35.19
O6 NAG Q . -26.30 7.72 32.88
O7 NAG Q . -26.14 5.45 39.53
C1 BMA Q . -29.89 9.87 35.61
C2 BMA Q . -30.65 10.89 36.45
C3 BMA Q . -32.17 10.73 36.32
C4 BMA Q . -32.67 10.28 34.88
C5 BMA Q . -31.59 9.58 33.99
C6 BMA Q . -31.87 9.74 32.49
O2 BMA Q . -30.36 12.21 36.02
O3 BMA Q . -32.78 11.98 36.73
O4 BMA Q . -33.77 9.38 34.98
O5 BMA Q . -30.26 10.06 34.27
O6 BMA Q . -31.73 11.11 32.12
C1 MAN Q . -34.22 11.93 36.93
C2 MAN Q . -34.69 13.37 37.34
C3 MAN Q . -34.42 13.64 38.82
C4 MAN Q . -35.01 12.53 39.69
C5 MAN Q . -34.37 11.20 39.31
C6 MAN Q . -34.95 10.04 40.10
O2 MAN Q . -36.10 13.53 37.17
O3 MAN Q . -34.90 14.92 39.22
O4 MAN Q . -34.77 12.81 41.06
O5 MAN Q . -34.61 10.93 37.90
O6 MAN Q . -36.30 9.87 39.70
C1 MAN Q . -32.92 11.54 31.42
C2 MAN Q . -32.52 12.22 30.07
C3 MAN Q . -31.92 13.62 30.32
C4 MAN Q . -32.79 14.46 31.27
C5 MAN Q . -33.02 13.68 32.57
C6 MAN Q . -33.90 14.42 33.56
O2 MAN Q . -33.65 12.42 29.23
O3 MAN Q . -31.70 14.32 29.10
O4 MAN Q . -32.15 15.68 31.56
O5 MAN Q . -33.67 12.42 32.24
O6 MAN Q . -34.96 13.55 33.95
C1 NAG R . -26.64 -19.28 -22.35
C2 NAG R . -27.77 -18.80 -21.43
C3 NAG R . -29.11 -19.41 -21.85
C4 NAG R . -29.37 -19.21 -23.34
C5 NAG R . -28.17 -19.68 -24.16
C6 NAG R . -28.31 -19.39 -25.64
C7 NAG R . -27.65 -18.32 -18.99
C8 NAG R . -28.19 -16.95 -19.28
N2 NAG R . -27.48 -19.14 -20.05
O3 NAG R . -30.16 -18.84 -21.10
O4 NAG R . -30.52 -19.96 -23.71
O5 NAG R . -26.99 -19.00 -23.72
O6 NAG R . -28.37 -20.59 -26.40
O7 NAG R . -27.38 -18.68 -17.85
C1 NAG R . -31.64 -19.10 -24.07
C2 NAG R . -32.77 -20.01 -24.51
C3 NAG R . -34.00 -19.18 -24.90
C4 NAG R . -34.36 -18.17 -23.82
C5 NAG R . -33.13 -17.39 -23.35
C6 NAG R . -33.39 -16.53 -22.12
C7 NAG R . -32.74 -22.11 -25.78
C8 NAG R . -32.21 -22.83 -26.99
N2 NAG R . -32.34 -20.85 -25.62
O3 NAG R . -35.08 -20.08 -25.12
O4 NAG R . -35.27 -17.25 -24.42
O5 NAG R . -32.07 -18.30 -22.98
O6 NAG R . -34.42 -17.08 -21.32
O7 NAG R . -33.50 -22.66 -24.99
C1 BMA R . -36.63 -17.02 -23.88
C2 BMA R . -37.65 -18.26 -24.04
C3 BMA R . -39.03 -17.82 -23.53
C4 BMA R . -38.96 -17.13 -22.13
C5 BMA R . -37.88 -16.03 -22.13
C6 BMA R . -37.77 -15.29 -20.82
O2 BMA R . -37.30 -19.39 -23.28
O3 BMA R . -39.97 -18.91 -23.48
O4 BMA R . -40.20 -16.55 -21.79
O5 BMA R . -36.62 -16.63 -22.47
O6 BMA R . -38.93 -14.47 -20.71
C1 MAN R . -41.19 -18.61 -24.21
C2 MAN R . -41.13 -19.44 -25.54
C3 MAN R . -41.31 -18.53 -26.75
C4 MAN R . -42.54 -17.66 -26.58
C5 MAN R . -42.27 -16.66 -25.45
C6 MAN R . -43.52 -16.15 -24.75
O2 MAN R . -42.23 -20.35 -25.61
O3 MAN R . -41.39 -19.28 -27.95
O4 MAN R . -42.80 -16.96 -27.78
O5 MAN R . -41.35 -17.19 -24.41
O6 MAN R . -43.13 -15.10 -23.87
C1 MAN R . -38.88 -13.73 -19.48
C2 MAN R . -40.33 -13.27 -19.15
C3 MAN R . -40.77 -12.13 -20.07
C4 MAN R . -39.72 -10.99 -20.12
C5 MAN R . -38.36 -11.58 -20.53
C6 MAN R . -37.25 -10.54 -20.52
O2 MAN R . -40.42 -12.74 -17.82
O3 MAN R . -42.04 -11.60 -19.70
O4 MAN R . -40.11 -10.01 -21.06
O5 MAN R . -37.99 -12.62 -19.59
O6 MAN R . -37.71 -9.40 -21.23
C1 NAG S . -17.10 37.66 14.07
C2 NAG S . -18.11 38.62 14.71
C3 NAG S . -17.52 39.24 15.99
C4 NAG S . -17.00 38.15 16.93
C5 NAG S . -16.07 37.20 16.20
C6 NAG S . -15.64 36.02 17.03
C7 NAG S . -19.70 40.25 13.77
C8 NAG S . -19.91 41.31 12.74
N2 NAG S . -18.49 39.67 13.78
O3 NAG S . -18.52 40.04 16.62
O4 NAG S . -16.25 38.71 18.01
O5 NAG S . -16.71 36.66 15.04
O6 NAG S . -15.28 34.91 16.23
O7 NAG S . -20.58 39.94 14.57
C1 NAG S . -16.94 39.01 19.24
C2 NAG S . -16.85 37.90 20.32
C3 NAG S . -17.44 38.39 21.64
C4 NAG S . -16.79 39.71 22.07
C5 NAG S . -16.94 40.74 20.97
C6 NAG S . -16.24 42.04 21.28
C7 NAG S . -17.12 35.47 20.21
C8 NAG S . -17.95 34.33 19.67
N2 NAG S . -17.53 36.69 19.88
O3 NAG S . -17.24 37.40 22.65
O4 NAG S . -17.42 40.19 23.26
O5 NAG S . -16.35 40.24 19.76
O6 NAG S . -16.05 42.22 22.68
O7 NAG S . -16.14 35.27 20.92
C1 NAG T . -39.09 -12.88 12.09
C2 NAG T . -39.70 -13.25 10.74
C3 NAG T . -40.31 -14.65 10.79
C4 NAG T . -39.28 -15.67 11.27
C5 NAG T . -38.70 -15.23 12.61
C6 NAG T . -37.59 -16.13 13.10
C7 NAG T . -40.42 -11.20 9.58
C8 NAG T . -41.57 -10.31 9.26
N2 NAG T . -40.70 -12.27 10.33
O3 NAG T . -40.76 -15.01 9.49
O4 NAG T . -39.90 -16.94 11.43
O5 NAG T . -38.14 -13.91 12.48
O6 NAG T . -37.93 -17.49 12.94
O7 NAG T . -39.29 -10.98 9.17
C1 NAG U . -24.30 12.52 -33.30
C2 NAG U . -25.29 13.69 -33.32
C3 NAG U . -25.12 14.50 -34.62
C4 NAG U . -23.67 14.92 -34.80
C5 NAG U . -22.74 13.72 -34.73
C6 NAG U . -21.28 14.08 -34.77
C7 NAG U . -27.40 13.38 -32.08
C8 NAG U . -26.76 14.09 -30.92
N2 NAG U . -26.66 13.23 -33.18
O3 NAG U . -25.97 15.63 -34.58
O4 NAG U . -23.51 15.56 -36.06
O5 NAG U . -22.96 13.01 -33.49
O6 NAG U . -20.95 14.77 -35.98
O7 NAG U . -28.56 12.97 -32.02
#